data_3LK6
#
_entry.id   3LK6
#
_cell.length_a   56.315
_cell.length_b   99.149
_cell.length_c   139.861
_cell.angle_alpha   90.11
_cell.angle_beta   90.05
_cell.angle_gamma   89.94
#
_symmetry.space_group_name_H-M   'P 1'
#
loop_
_entity.id
_entity.type
_entity.pdbx_description
1 polymer 'Lipoprotein ybbD'
2 non-polymer DI(HYDROXYETHYL)ETHER
3 non-polymer 'SODIUM ION'
4 water water
#
_entity_poly.entity_id   1
_entity_poly.type   'polypeptide(L)'
_entity_poly.pdbx_seq_one_letter_code
;SASKRAIDANQIVNRMSLDEKLGQMLMPDFRNWQKEGESSPQALTKMNDEVASLVKKYQFGGIILFAENVKTTKQTVQLT
DDYQKASPKIPLMLSIDQEGGIVTRLGEGTNFPGNMALGAARSRINAYQTGSIIGKELSALGINTDFSPVVDINNNPDNP
VIGVRSFSSNRELTSRLGLYTMKGLQRQDIASALKHFPGHGDTDVDSHYGLPLVSHGQERLREVELYPFQKAIDAGADMV
MTAHVQFPAFDDTTYKSKLDGSDILVPATLSKKVMTGLLRQEMGFNGVIVTNALNMKAIADHFGQEEAVVMAVKAGVDIA
LMPASVTSLKEEQKFARVIQALKEAVKNGDIPEQQINNSVERIISLKIKRGMYPARNSDSTKEKIAKAKKIVGSKQHLKA
EKKLAEKAVTVLKNEQHTLPFKPKKGSRILIVAPYEEQTASIEQTIHDLIKRKKIKPVSLSKMNFASQVFKTEHEKQVKE
ADYIITGSYVVKNDPVVNDGVIDDTISDSSKWATVFPRAVMKAALQHNKPFVLMSLRNPYDAANFEEAKALIAVYGFKGY
ANGRYLQPNIPAGVMAIFGQAKPKGTLPVDIPSVTKPGNTLYPLGYGLNIKTGRPL
;
_entity_poly.pdbx_strand_id   A,B,C,D
#
loop_
_chem_comp.id
_chem_comp.type
_chem_comp.name
_chem_comp.formula
NA non-polymer 'SODIUM ION' 'Na 1'
PEG non-polymer DI(HYDROXYETHYL)ETHER 'C4 H10 O3'
#
# COMPACT_ATOMS: atom_id res chain seq x y z
N ALA A 2 68.40 -14.05 16.58
CA ALA A 2 67.90 -15.37 16.24
C ALA A 2 69.03 -16.40 16.29
N SER A 3 70.26 -15.90 16.23
CA SER A 3 71.43 -16.74 16.33
C SER A 3 71.63 -17.22 17.77
N LYS A 4 70.74 -16.78 18.65
CA LYS A 4 70.81 -17.17 20.05
C LYS A 4 70.04 -18.46 20.32
N ARG A 5 69.08 -18.78 19.45
CA ARG A 5 68.38 -20.06 19.49
C ARG A 5 69.25 -21.14 18.84
N ALA A 6 69.85 -20.80 17.70
CA ALA A 6 70.64 -21.73 16.89
C ALA A 6 71.69 -22.49 17.72
N ILE A 7 72.44 -21.77 18.54
CA ILE A 7 73.44 -22.40 19.41
C ILE A 7 72.78 -23.08 20.60
N ASP A 8 71.90 -22.34 21.28
CA ASP A 8 71.14 -22.89 22.39
C ASP A 8 70.61 -24.27 22.03
N ALA A 9 69.97 -24.36 20.87
CA ALA A 9 69.34 -25.59 20.43
C ALA A 9 70.34 -26.73 20.36
N ASN A 10 71.49 -26.44 19.75
CA ASN A 10 72.52 -27.45 19.51
C ASN A 10 73.17 -27.95 20.80
N GLN A 11 73.53 -27.02 21.67
CA GLN A 11 74.04 -27.36 22.99
C GLN A 11 73.14 -28.42 23.63
N ILE A 12 71.84 -28.28 23.41
CA ILE A 12 70.84 -29.16 24.00
C ILE A 12 70.81 -30.53 23.31
N VAL A 13 70.78 -30.52 21.98
CA VAL A 13 70.65 -31.76 21.23
C VAL A 13 71.81 -32.71 21.51
N ASN A 14 73.01 -32.17 21.53
CA ASN A 14 74.23 -32.96 21.77
C ASN A 14 74.22 -33.77 23.08
N ARG A 15 73.25 -33.51 23.94
CA ARG A 15 73.22 -34.14 25.25
C ARG A 15 72.10 -35.17 25.35
N MET A 16 71.48 -35.45 24.22
CA MET A 16 70.32 -36.34 24.19
C MET A 16 70.69 -37.68 23.59
N SER A 17 70.16 -38.76 24.16
CA SER A 17 70.32 -40.09 23.57
C SER A 17 69.55 -40.16 22.27
N LEU A 18 70.10 -40.86 21.28
CA LEU A 18 69.41 -41.03 20.01
C LEU A 18 67.92 -41.39 20.22
N ASP A 19 67.61 -41.98 21.37
CA ASP A 19 66.24 -42.40 21.65
C ASP A 19 65.39 -41.22 22.09
N GLU A 20 66.00 -40.28 22.80
CA GLU A 20 65.33 -39.04 23.21
C GLU A 20 65.24 -38.10 22.02
N LYS A 21 66.16 -38.26 21.07
CA LYS A 21 66.12 -37.50 19.83
C LYS A 21 65.03 -38.01 18.90
N LEU A 22 64.93 -39.33 18.78
CA LEU A 22 63.91 -39.94 17.92
C LEU A 22 62.50 -39.69 18.48
N GLY A 23 62.31 -39.97 19.75
CA GLY A 23 61.02 -39.74 20.38
C GLY A 23 60.57 -38.29 20.18
N GLN A 24 61.55 -37.38 20.15
CA GLN A 24 61.28 -35.96 20.04
C GLN A 24 60.82 -35.55 18.63
N MET A 25 60.79 -36.50 17.71
CA MET A 25 60.34 -36.24 16.34
C MET A 25 58.97 -36.86 16.12
N LEU A 26 58.41 -37.40 17.19
CA LEU A 26 57.12 -38.05 17.12
C LEU A 26 56.03 -37.21 17.76
N MET A 27 54.86 -37.22 17.14
CA MET A 27 53.71 -36.50 17.64
C MET A 27 52.44 -37.31 17.38
N PRO A 28 52.18 -38.29 18.25
CA PRO A 28 51.00 -39.18 18.20
C PRO A 28 49.73 -38.49 18.70
N ASP A 29 48.60 -39.14 18.51
CA ASP A 29 47.32 -38.67 19.05
C ASP A 29 46.75 -39.67 20.04
N PHE A 30 46.11 -39.17 21.10
CA PHE A 30 45.38 -40.03 22.01
C PHE A 30 43.95 -39.57 22.08
N ARG A 31 43.25 -39.79 20.98
CA ARG A 31 41.86 -39.36 20.81
C ARG A 31 40.97 -40.30 21.61
N ASN A 32 41.12 -41.59 21.36
CA ASN A 32 40.37 -42.61 22.05
C ASN A 32 41.29 -43.55 22.81
N TRP A 33 40.92 -43.87 24.04
CA TRP A 33 41.71 -44.76 24.88
C TRP A 33 40.83 -45.79 25.59
N GLN A 34 41.11 -47.07 25.33
CA GLN A 34 40.42 -48.16 26.00
C GLN A 34 41.26 -48.59 27.20
N LYS A 35 40.88 -48.12 28.39
CA LYS A 35 41.64 -48.37 29.61
C LYS A 35 41.88 -49.86 29.87
N GLU A 36 42.62 -50.16 30.93
CA GLU A 36 42.84 -51.53 31.35
C GLU A 36 41.56 -52.09 31.92
N GLY A 37 41.13 -53.24 31.42
CA GLY A 37 39.86 -53.81 31.82
C GLY A 37 38.72 -52.83 31.61
N GLU A 38 38.67 -52.21 30.43
CA GLU A 38 37.52 -51.41 30.05
C GLU A 38 36.93 -52.01 28.77
N SER A 39 35.61 -51.96 28.65
CA SER A 39 34.90 -52.65 27.56
C SER A 39 35.37 -52.23 26.16
N SER A 40 35.48 -50.92 25.94
CA SER A 40 35.87 -50.40 24.62
C SER A 40 36.66 -49.09 24.73
N PRO A 41 37.07 -48.53 23.58
CA PRO A 41 37.79 -47.25 23.55
C PRO A 41 36.87 -46.08 23.89
N GLN A 42 37.39 -45.14 24.68
CA GLN A 42 36.61 -43.98 25.09
C GLN A 42 37.31 -42.68 24.70
N ALA A 43 36.53 -41.65 24.42
CA ALA A 43 37.08 -40.33 24.22
C ALA A 43 37.94 -39.99 25.43
N LEU A 44 39.21 -39.66 25.20
CA LEU A 44 40.10 -39.30 26.29
C LEU A 44 39.88 -37.86 26.69
N THR A 45 39.09 -37.64 27.74
CA THR A 45 38.81 -36.29 28.22
C THR A 45 39.77 -35.92 29.34
N LYS A 46 40.34 -36.94 29.97
CA LYS A 46 41.14 -36.76 31.16
C LYS A 46 42.35 -37.69 31.11
N MET A 47 43.48 -37.21 31.62
CA MET A 47 44.71 -37.99 31.64
C MET A 47 44.55 -39.24 32.49
N ASN A 48 45.54 -40.13 32.41
CA ASN A 48 45.63 -41.31 33.26
C ASN A 48 47.04 -41.90 33.20
N ASP A 49 47.34 -42.80 34.13
CA ASP A 49 48.70 -43.34 34.27
C ASP A 49 49.11 -44.25 33.11
N GLU A 50 48.14 -44.79 32.39
CA GLU A 50 48.46 -45.63 31.24
C GLU A 50 49.02 -44.80 30.11
N VAL A 51 48.33 -43.72 29.76
CA VAL A 51 48.80 -42.82 28.71
C VAL A 51 50.08 -42.10 29.12
N ALA A 52 50.08 -41.53 30.32
CA ALA A 52 51.22 -40.75 30.80
C ALA A 52 52.48 -41.59 30.90
N SER A 53 52.32 -42.87 31.13
CA SER A 53 53.45 -43.78 31.18
C SER A 53 54.12 -43.77 29.82
N LEU A 54 53.30 -43.92 28.77
CA LEU A 54 53.80 -43.93 27.40
C LEU A 54 54.52 -42.64 27.03
N VAL A 55 54.10 -41.53 27.65
CA VAL A 55 54.77 -40.25 27.41
C VAL A 55 56.14 -40.22 28.08
N LYS A 56 56.21 -40.73 29.32
CA LYS A 56 57.47 -40.81 30.04
C LYS A 56 58.41 -41.76 29.32
N LYS A 57 57.84 -42.81 28.74
CA LYS A 57 58.63 -43.89 28.14
C LYS A 57 59.23 -43.54 26.77
N TYR A 58 58.40 -43.16 25.83
CA TYR A 58 58.89 -42.84 24.48
C TYR A 58 59.27 -41.39 24.34
N GLN A 59 58.98 -40.60 25.37
CA GLN A 59 59.33 -39.18 25.39
C GLN A 59 59.02 -38.48 24.08
N PHE A 60 57.73 -38.44 23.71
CA PHE A 60 57.29 -37.80 22.47
C PHE A 60 57.63 -36.32 22.47
N GLY A 61 57.72 -35.74 21.27
CA GLY A 61 58.03 -34.33 21.13
C GLY A 61 56.79 -33.48 21.14
N GLY A 62 55.66 -34.08 20.79
CA GLY A 62 54.40 -33.36 20.77
C GLY A 62 53.22 -34.29 20.86
N ILE A 63 52.08 -33.75 21.28
CA ILE A 63 50.81 -34.45 21.22
C ILE A 63 49.82 -33.60 20.45
N ILE A 64 49.18 -34.20 19.44
CA ILE A 64 48.12 -33.53 18.72
C ILE A 64 46.74 -33.84 19.33
N LEU A 65 45.91 -32.81 19.48
CA LEU A 65 44.63 -32.96 20.18
C LEU A 65 43.43 -32.88 19.24
N PHE A 66 42.37 -33.61 19.54
CA PHE A 66 41.16 -33.53 18.73
C PHE A 66 39.91 -33.04 19.50
N ALA A 67 38.79 -32.95 18.78
CA ALA A 67 37.56 -32.44 19.36
C ALA A 67 37.19 -33.17 20.64
N GLU A 68 37.53 -34.46 20.70
CA GLU A 68 37.23 -35.30 21.86
C GLU A 68 38.02 -34.85 23.08
N ASN A 69 39.24 -34.37 22.86
CA ASN A 69 40.17 -34.06 23.94
C ASN A 69 39.91 -32.68 24.55
N VAL A 70 39.22 -31.83 23.81
CA VAL A 70 38.95 -30.47 24.26
C VAL A 70 37.46 -30.12 24.22
N LYS A 71 36.65 -30.95 24.88
CA LYS A 71 35.21 -30.75 24.94
C LYS A 71 34.84 -29.48 25.72
N THR A 72 35.54 -29.22 26.81
CA THR A 72 35.24 -28.03 27.62
C THR A 72 36.51 -27.32 28.05
N THR A 73 36.37 -26.05 28.42
CA THR A 73 37.50 -25.21 28.79
C THR A 73 38.16 -25.68 30.09
N LYS A 74 37.36 -26.15 31.04
CA LYS A 74 37.93 -26.64 32.30
C LYS A 74 38.66 -27.98 32.10
N GLN A 75 38.10 -28.84 31.26
CA GLN A 75 38.68 -30.15 31.01
C GLN A 75 39.96 -30.05 30.20
N THR A 76 40.01 -29.06 29.31
CA THR A 76 41.15 -28.87 28.42
C THR A 76 42.37 -28.36 29.17
N VAL A 77 42.19 -27.28 29.92
CA VAL A 77 43.28 -26.72 30.70
C VAL A 77 43.87 -27.74 31.64
N GLN A 78 43.06 -28.70 32.08
CA GLN A 78 43.54 -29.78 32.94
C GLN A 78 44.35 -30.80 32.15
N LEU A 79 43.78 -31.30 31.05
CA LEU A 79 44.45 -32.29 30.23
C LEU A 79 45.82 -31.80 29.75
N THR A 80 45.93 -30.51 29.44
CA THR A 80 47.21 -29.97 28.99
C THR A 80 48.25 -30.04 30.10
N ASP A 81 47.92 -29.52 31.27
CA ASP A 81 48.83 -29.57 32.41
C ASP A 81 49.19 -30.98 32.87
N ASP A 82 48.27 -31.93 32.68
CA ASP A 82 48.54 -33.33 33.01
C ASP A 82 49.51 -33.95 31.99
N TYR A 83 49.45 -33.49 30.75
CA TYR A 83 50.42 -33.90 29.74
C TYR A 83 51.80 -33.38 30.10
N GLN A 84 51.90 -32.09 30.38
CA GLN A 84 53.16 -31.43 30.71
C GLN A 84 53.85 -32.04 31.94
N LYS A 85 53.06 -32.55 32.87
CA LYS A 85 53.61 -33.31 34.00
C LYS A 85 54.29 -34.57 33.48
N ALA A 86 53.60 -35.28 32.59
CA ALA A 86 54.07 -36.56 32.09
C ALA A 86 55.38 -36.46 31.32
N SER A 87 55.55 -35.34 30.60
CA SER A 87 56.72 -35.10 29.77
C SER A 87 58.01 -34.87 30.55
N PRO A 88 58.88 -35.89 30.60
CA PRO A 88 60.14 -36.07 31.32
C PRO A 88 61.13 -34.91 31.25
N LYS A 89 61.53 -34.50 30.05
CA LYS A 89 62.64 -33.57 29.91
C LYS A 89 62.32 -32.32 29.11
N ILE A 90 61.56 -32.47 28.03
CA ILE A 90 61.24 -31.30 27.19
C ILE A 90 59.74 -31.07 27.09
N PRO A 91 59.32 -29.84 27.37
CA PRO A 91 57.92 -29.42 27.26
C PRO A 91 57.31 -29.91 25.94
N LEU A 92 56.19 -30.61 26.03
CA LEU A 92 55.49 -31.12 24.85
C LEU A 92 54.99 -29.97 23.98
N MET A 93 54.80 -30.26 22.70
CA MET A 93 54.25 -29.28 21.78
C MET A 93 52.82 -29.67 21.42
N LEU A 94 51.86 -29.19 22.21
CA LEU A 94 50.46 -29.57 22.03
C LEU A 94 49.79 -28.83 20.87
N SER A 95 49.23 -29.60 19.93
CA SER A 95 48.74 -29.02 18.68
C SER A 95 47.28 -29.36 18.42
N ILE A 96 46.66 -28.64 17.50
CA ILE A 96 45.23 -28.81 17.21
C ILE A 96 44.84 -28.13 15.91
N ASP A 97 43.68 -28.51 15.36
CA ASP A 97 43.20 -27.95 14.10
C ASP A 97 42.17 -26.84 14.29
N GLN A 98 42.54 -25.82 15.06
CA GLN A 98 41.65 -24.69 15.31
C GLN A 98 41.74 -23.63 14.21
N GLU A 99 41.20 -23.92 13.03
CA GLU A 99 41.30 -22.99 11.89
C GLU A 99 40.33 -21.80 12.02
N GLY A 100 39.19 -22.04 12.65
CA GLY A 100 38.09 -21.10 12.59
C GLY A 100 37.15 -21.53 11.48
N GLY A 101 35.90 -21.10 11.54
CA GLY A 101 34.95 -21.44 10.50
C GLY A 101 34.40 -22.84 10.69
N ILE A 102 34.27 -23.59 9.58
CA ILE A 102 33.69 -24.92 9.64
C ILE A 102 34.65 -25.99 10.16
N VAL A 103 35.86 -25.57 10.53
CA VAL A 103 36.79 -26.49 11.18
C VAL A 103 37.29 -25.94 12.50
N THR A 104 36.53 -26.20 13.56
CA THR A 104 36.95 -25.83 14.91
C THR A 104 36.92 -27.07 15.80
N ARG A 105 37.59 -27.00 16.95
CA ARG A 105 37.71 -28.16 17.82
C ARG A 105 37.34 -27.83 19.26
N LEU A 106 37.78 -26.67 19.71
CA LEU A 106 37.51 -26.23 21.07
C LEU A 106 36.01 -26.28 21.32
N GLY A 107 35.63 -26.74 22.50
CA GLY A 107 34.22 -26.86 22.84
C GLY A 107 33.59 -25.54 23.24
N GLU A 108 34.30 -24.76 24.04
CA GLU A 108 33.76 -23.51 24.56
C GLU A 108 34.36 -22.31 23.84
N GLY A 109 35.18 -22.57 22.82
CA GLY A 109 35.90 -21.52 22.13
C GLY A 109 35.12 -20.69 21.14
N THR A 110 35.75 -19.65 20.61
CA THR A 110 35.14 -18.76 19.63
C THR A 110 35.34 -19.26 18.21
N ASN A 111 34.30 -19.84 17.62
CA ASN A 111 34.35 -20.23 16.22
C ASN A 111 34.18 -18.97 15.41
N PHE A 112 34.99 -18.79 14.37
CA PHE A 112 34.85 -17.56 13.59
C PHE A 112 34.10 -17.81 12.30
N PRO A 113 33.99 -16.80 11.42
CA PRO A 113 33.24 -16.96 10.17
C PRO A 113 33.95 -17.88 9.19
N GLY A 114 35.27 -18.00 9.32
CA GLY A 114 36.04 -18.85 8.44
C GLY A 114 36.90 -18.09 7.45
N ASN A 115 37.80 -18.81 6.79
CA ASN A 115 38.70 -18.18 5.84
C ASN A 115 38.00 -17.46 4.70
N MET A 116 37.18 -18.17 3.93
CA MET A 116 36.51 -17.55 2.79
C MET A 116 35.73 -16.32 3.23
N ALA A 117 35.26 -16.31 4.48
CA ALA A 117 34.64 -15.12 5.06
C ALA A 117 35.65 -13.97 5.15
N LEU A 118 36.79 -14.25 5.76
CA LEU A 118 37.87 -13.26 5.85
C LEU A 118 38.31 -12.76 4.47
N GLY A 119 38.13 -13.60 3.46
CA GLY A 119 38.41 -13.22 2.09
C GLY A 119 37.42 -12.16 1.64
N ALA A 120 36.14 -12.44 1.89
CA ALA A 120 35.09 -11.49 1.58
C ALA A 120 35.31 -10.17 2.33
N ALA A 121 35.60 -10.26 3.63
CA ALA A 121 35.91 -9.08 4.44
C ALA A 121 37.11 -8.34 3.85
N ARG A 122 38.10 -9.11 3.39
CA ARG A 122 39.27 -8.62 2.64
C ARG A 122 40.34 -7.90 3.46
N SER A 123 39.93 -7.04 4.38
CA SER A 123 40.90 -6.32 5.21
C SER A 123 41.87 -7.30 5.87
N ARG A 124 43.16 -7.06 5.69
CA ARG A 124 44.16 -7.92 6.29
C ARG A 124 44.29 -7.75 7.80
N ILE A 125 43.72 -6.68 8.35
CA ILE A 125 43.70 -6.52 9.80
C ILE A 125 42.77 -7.55 10.42
N ASN A 126 41.66 -7.82 9.75
CA ASN A 126 40.71 -8.78 10.26
C ASN A 126 41.34 -10.16 10.39
N ALA A 127 42.09 -10.56 9.37
CA ALA A 127 42.83 -11.81 9.44
C ALA A 127 43.73 -11.83 10.67
N TYR A 128 44.52 -10.77 10.85
CA TYR A 128 45.45 -10.69 11.99
C TYR A 128 44.75 -10.74 13.35
N GLN A 129 43.53 -10.19 13.40
CA GLN A 129 42.75 -10.22 14.64
C GLN A 129 42.26 -11.64 14.91
N THR A 130 41.86 -12.32 13.85
CA THR A 130 41.35 -13.68 13.96
C THR A 130 42.39 -14.61 14.56
N GLY A 131 43.62 -14.50 14.08
CA GLY A 131 44.70 -15.34 14.59
C GLY A 131 45.10 -14.92 15.98
N SER A 132 44.98 -13.63 16.24
CA SER A 132 45.41 -13.10 17.52
C SER A 132 44.49 -13.56 18.63
N ILE A 133 43.22 -13.84 18.27
CA ILE A 133 42.22 -14.28 19.24
C ILE A 133 42.24 -15.80 19.45
N ILE A 134 42.27 -16.55 18.35
CA ILE A 134 42.48 -17.99 18.42
C ILE A 134 43.75 -18.25 19.23
N GLY A 135 44.74 -17.38 19.03
CA GLY A 135 46.00 -17.45 19.75
C GLY A 135 45.85 -17.21 21.24
N LYS A 136 45.16 -16.13 21.60
CA LYS A 136 44.87 -15.85 23.01
C LYS A 136 44.17 -17.07 23.59
N GLU A 137 43.18 -17.57 22.86
CA GLU A 137 42.36 -18.66 23.36
C GLU A 137 43.18 -19.95 23.53
N LEU A 138 43.91 -20.33 22.48
CA LEU A 138 44.74 -21.51 22.55
C LEU A 138 45.79 -21.37 23.65
N SER A 139 46.40 -20.19 23.74
CA SER A 139 47.41 -19.91 24.75
C SER A 139 46.87 -20.06 26.17
N ALA A 140 45.63 -19.64 26.36
CA ALA A 140 44.97 -19.70 27.67
C ALA A 140 44.64 -21.13 28.12
N LEU A 141 44.40 -22.02 27.15
CA LEU A 141 44.09 -23.42 27.43
C LEU A 141 45.36 -24.24 27.71
N GLY A 142 46.48 -23.81 27.13
CA GLY A 142 47.72 -24.53 27.26
C GLY A 142 48.08 -25.28 25.99
N ILE A 143 47.47 -24.87 24.89
CA ILE A 143 47.82 -25.38 23.57
C ILE A 143 48.80 -24.39 22.95
N ASN A 144 49.86 -24.88 22.34
CA ASN A 144 50.90 -23.99 21.81
C ASN A 144 51.14 -24.08 20.30
N THR A 145 50.47 -25.02 19.65
CA THR A 145 50.63 -25.18 18.21
C THR A 145 49.28 -25.33 17.51
N ASP A 146 49.14 -24.64 16.38
CA ASP A 146 47.89 -24.62 15.65
C ASP A 146 48.13 -24.88 14.16
N PHE A 147 47.55 -25.94 13.63
CA PHE A 147 47.69 -26.25 12.21
C PHE A 147 46.78 -25.35 11.37
N SER A 148 47.06 -24.06 11.47
CA SER A 148 46.44 -23.03 10.66
C SER A 148 47.58 -22.06 10.43
N PRO A 149 47.51 -21.21 9.38
CA PRO A 149 46.48 -20.98 8.36
C PRO A 149 46.48 -21.97 7.21
N VAL A 150 45.28 -22.31 6.75
CA VAL A 150 45.16 -22.97 5.48
C VAL A 150 45.50 -21.94 4.42
N VAL A 151 46.48 -22.25 3.58
CA VAL A 151 46.77 -21.36 2.45
C VAL A 151 46.58 -22.09 1.12
N ASP A 152 45.68 -23.08 1.13
CA ASP A 152 45.24 -23.72 -0.10
C ASP A 152 44.39 -22.72 -0.87
N ILE A 153 44.30 -22.91 -2.18
CA ILE A 153 43.62 -21.93 -3.02
C ILE A 153 42.44 -22.55 -3.72
N ASN A 154 41.25 -22.08 -3.36
CA ASN A 154 40.02 -22.61 -3.93
C ASN A 154 39.76 -22.01 -5.31
N ASN A 155 40.62 -22.37 -6.25
CA ASN A 155 40.61 -21.74 -7.56
C ASN A 155 39.77 -22.45 -8.62
N ASN A 156 39.21 -23.62 -8.28
CA ASN A 156 38.40 -24.36 -9.25
C ASN A 156 36.99 -24.71 -8.77
N PRO A 157 36.00 -23.89 -9.17
CA PRO A 157 34.59 -24.14 -8.86
C PRO A 157 34.17 -25.59 -9.11
N ASP A 158 34.60 -26.16 -10.23
CA ASP A 158 34.19 -27.52 -10.57
C ASP A 158 34.88 -28.57 -9.70
N ASN A 159 35.70 -28.12 -8.75
CA ASN A 159 36.44 -29.02 -7.87
C ASN A 159 36.94 -28.29 -6.61
N PRO A 160 36.00 -27.93 -5.71
CA PRO A 160 36.31 -27.11 -4.54
C PRO A 160 36.72 -27.96 -3.36
N VAL A 161 37.88 -28.60 -3.42
CA VAL A 161 38.30 -29.51 -2.35
C VAL A 161 38.35 -28.86 -0.97
N ILE A 162 38.77 -27.61 -0.91
CA ILE A 162 38.87 -26.96 0.38
C ILE A 162 37.74 -25.97 0.61
N GLY A 163 37.25 -25.36 -0.47
CA GLY A 163 36.17 -24.41 -0.41
C GLY A 163 36.33 -23.32 0.64
N VAL A 164 35.32 -23.18 1.49
CA VAL A 164 35.26 -22.10 2.48
C VAL A 164 36.36 -22.15 3.56
N ARG A 165 37.16 -23.21 3.56
CA ARG A 165 38.29 -23.28 4.50
C ARG A 165 39.46 -22.52 3.90
N SER A 166 39.24 -22.01 2.69
CA SER A 166 40.24 -21.27 1.94
C SER A 166 39.84 -19.81 1.76
N PHE A 167 40.82 -18.91 1.94
CA PHE A 167 40.60 -17.48 1.80
C PHE A 167 39.96 -17.06 0.47
N SER A 168 40.39 -17.67 -0.63
CA SER A 168 40.06 -17.14 -1.94
C SER A 168 40.49 -18.01 -3.12
N SER A 169 40.00 -17.67 -4.31
CA SER A 169 40.39 -18.34 -5.54
C SER A 169 41.57 -17.60 -6.19
N ASN A 170 42.12 -16.64 -5.45
CA ASN A 170 43.24 -15.84 -5.94
C ASN A 170 44.46 -16.06 -5.06
N ARG A 171 45.62 -16.19 -5.67
CA ARG A 171 46.82 -16.54 -4.91
C ARG A 171 47.30 -15.39 -4.03
N GLU A 172 47.17 -14.17 -4.54
CA GLU A 172 47.60 -12.98 -3.80
C GLU A 172 46.72 -12.72 -2.58
N LEU A 173 45.41 -12.87 -2.72
CA LEU A 173 44.52 -12.65 -1.59
C LEU A 173 44.73 -13.76 -0.55
N THR A 174 44.99 -14.97 -1.05
CA THR A 174 45.25 -16.09 -0.16
C THR A 174 46.54 -15.89 0.61
N SER A 175 47.62 -15.52 -0.08
CA SER A 175 48.92 -15.46 0.57
C SER A 175 48.93 -14.36 1.61
N ARG A 176 48.36 -13.21 1.24
CA ARG A 176 48.27 -12.06 2.11
C ARG A 176 47.50 -12.37 3.39
N LEU A 177 46.25 -12.80 3.24
CA LEU A 177 45.42 -13.12 4.40
C LEU A 177 46.05 -14.23 5.24
N GLY A 178 46.65 -15.22 4.56
CA GLY A 178 47.32 -16.30 5.25
C GLY A 178 48.50 -15.76 6.01
N LEU A 179 49.18 -14.82 5.36
CA LEU A 179 50.34 -14.15 5.92
C LEU A 179 50.01 -13.51 7.26
N TYR A 180 48.87 -12.85 7.33
CA TYR A 180 48.49 -12.12 8.54
C TYR A 180 47.85 -12.98 9.61
N THR A 181 47.11 -14.02 9.20
CA THR A 181 46.58 -14.97 10.17
C THR A 181 47.76 -15.60 10.88
N MET A 182 48.75 -16.00 10.10
CA MET A 182 49.96 -16.60 10.63
C MET A 182 50.62 -15.68 11.66
N LYS A 183 50.88 -14.44 11.25
CA LYS A 183 51.57 -13.52 12.14
C LYS A 183 50.72 -13.26 13.39
N GLY A 184 49.41 -13.17 13.21
CA GLY A 184 48.49 -13.05 14.33
C GLY A 184 48.73 -14.12 15.38
N LEU A 185 48.69 -15.37 14.97
CA LEU A 185 48.97 -16.51 15.85
C LEU A 185 50.32 -16.41 16.53
N GLN A 186 51.34 -16.04 15.77
CA GLN A 186 52.69 -16.00 16.33
C GLN A 186 52.80 -14.99 17.46
N ARG A 187 52.13 -13.85 17.30
CA ARG A 187 52.19 -12.76 18.28
C ARG A 187 51.68 -13.22 19.64
N GLN A 188 50.89 -14.29 19.64
CA GLN A 188 50.37 -14.86 20.88
C GLN A 188 51.30 -15.97 21.35
N ASP A 189 52.45 -16.07 20.71
CA ASP A 189 53.41 -17.14 21.00
C ASP A 189 52.77 -18.50 20.75
N ILE A 190 52.26 -18.69 19.54
CA ILE A 190 51.71 -19.98 19.12
C ILE A 190 52.37 -20.45 17.84
N ALA A 191 52.93 -21.66 17.86
CA ALA A 191 53.51 -22.25 16.67
C ALA A 191 52.43 -22.33 15.59
N SER A 192 52.74 -21.78 14.43
CA SER A 192 51.77 -21.75 13.34
C SER A 192 52.28 -22.60 12.19
N ALA A 193 51.38 -23.37 11.57
CA ALA A 193 51.78 -24.26 10.50
C ALA A 193 50.97 -24.08 9.22
N LEU A 194 51.59 -23.49 8.19
CA LEU A 194 50.97 -23.40 6.88
C LEU A 194 50.43 -24.77 6.48
N LYS A 195 49.21 -24.79 5.96
CA LYS A 195 48.51 -26.07 5.84
C LYS A 195 48.29 -26.56 4.43
N HIS A 196 48.62 -27.84 4.27
CA HIS A 196 48.35 -28.64 3.08
C HIS A 196 49.32 -28.40 1.92
N PHE A 197 50.61 -28.39 2.26
CA PHE A 197 51.66 -28.35 1.24
C PHE A 197 51.57 -29.67 0.50
N PRO A 198 51.71 -29.64 -0.85
CA PRO A 198 52.08 -28.49 -1.68
C PRO A 198 50.89 -27.80 -2.34
N GLY A 199 49.73 -27.76 -1.68
CA GLY A 199 48.58 -27.06 -2.21
C GLY A 199 47.44 -27.98 -2.54
N HIS A 200 46.52 -28.14 -1.59
CA HIS A 200 45.45 -29.13 -1.68
C HIS A 200 44.23 -28.63 -2.47
N GLY A 201 44.16 -27.33 -2.69
CA GLY A 201 42.99 -26.71 -3.29
C GLY A 201 42.45 -27.18 -4.63
N ASP A 202 43.24 -27.88 -5.43
CA ASP A 202 42.76 -28.35 -6.74
C ASP A 202 43.24 -29.77 -7.02
N THR A 203 43.31 -30.57 -5.97
CA THR A 203 43.79 -31.94 -6.11
C THR A 203 42.75 -32.82 -6.78
N ASP A 204 43.17 -33.55 -7.80
CA ASP A 204 42.39 -34.65 -8.34
C ASP A 204 42.47 -35.78 -7.31
N VAL A 205 41.94 -36.95 -7.65
CA VAL A 205 41.98 -38.09 -6.75
C VAL A 205 42.31 -39.35 -7.53
N ASP A 206 42.90 -40.33 -6.84
CA ASP A 206 43.17 -41.62 -7.43
C ASP A 206 42.28 -42.66 -6.76
N SER A 207 41.14 -42.95 -7.40
CA SER A 207 40.13 -43.83 -6.83
C SER A 207 40.71 -45.19 -6.46
N HIS A 208 41.79 -45.58 -7.12
CA HIS A 208 42.45 -46.86 -6.88
C HIS A 208 43.08 -46.94 -5.49
N TYR A 209 43.91 -45.97 -5.14
CA TYR A 209 44.64 -46.00 -3.88
C TYR A 209 43.97 -45.16 -2.80
N GLY A 210 43.16 -44.20 -3.21
CA GLY A 210 42.48 -43.30 -2.29
C GLY A 210 43.34 -42.14 -1.84
N LEU A 211 44.30 -41.75 -2.66
CA LEU A 211 45.15 -40.60 -2.39
C LEU A 211 44.83 -39.43 -3.31
N PRO A 212 45.04 -38.20 -2.83
CA PRO A 212 44.93 -37.03 -3.70
C PRO A 212 46.10 -37.03 -4.70
N LEU A 213 45.82 -36.63 -5.94
CA LEU A 213 46.83 -36.57 -6.97
C LEU A 213 46.85 -35.19 -7.64
N VAL A 214 48.04 -34.63 -7.83
CA VAL A 214 48.14 -33.37 -8.56
C VAL A 214 48.73 -33.64 -9.92
N SER A 215 48.00 -33.31 -10.97
CA SER A 215 48.47 -33.61 -12.32
C SER A 215 49.06 -32.39 -13.03
N HIS A 216 49.08 -31.25 -12.36
CA HIS A 216 49.58 -30.02 -12.95
C HIS A 216 51.10 -30.04 -13.15
N GLY A 217 51.57 -29.41 -14.23
CA GLY A 217 53.00 -29.26 -14.46
C GLY A 217 53.62 -28.20 -13.59
N GLN A 218 54.96 -28.19 -13.52
CA GLN A 218 55.70 -27.32 -12.61
C GLN A 218 55.49 -25.81 -12.78
N GLU A 219 55.25 -25.36 -14.02
N GLU A 219 55.26 -25.39 -14.03
CA GLU A 219 55.04 -23.93 -14.23
CA GLU A 219 55.00 -24.00 -14.34
C GLU A 219 53.79 -23.50 -13.46
C GLU A 219 53.82 -23.54 -13.50
N ARG A 220 52.69 -24.20 -13.72
CA ARG A 220 51.46 -23.97 -12.96
C ARG A 220 51.71 -24.06 -11.46
N LEU A 221 52.24 -25.18 -10.99
CA LEU A 221 52.46 -25.37 -9.56
C LEU A 221 53.19 -24.20 -8.90
N ARG A 222 54.21 -23.69 -9.58
CA ARG A 222 55.03 -22.63 -9.00
C ARG A 222 54.37 -21.27 -9.09
N GLU A 223 53.50 -21.10 -10.09
CA GLU A 223 52.73 -19.87 -10.23
C GLU A 223 51.61 -19.74 -9.20
N VAL A 224 50.91 -20.84 -8.95
CA VAL A 224 49.68 -20.84 -8.17
C VAL A 224 49.85 -21.59 -6.84
N GLU A 225 49.54 -22.88 -6.82
CA GLU A 225 49.67 -23.70 -5.61
C GLU A 225 50.79 -23.31 -4.62
N LEU A 226 52.03 -23.23 -5.09
CA LEU A 226 53.15 -23.05 -4.16
C LEU A 226 53.38 -21.61 -3.73
N TYR A 227 52.78 -20.67 -4.44
CA TYR A 227 52.99 -19.25 -4.19
C TYR A 227 52.67 -18.82 -2.75
N PRO A 228 51.47 -19.13 -2.27
CA PRO A 228 51.08 -18.78 -0.91
C PRO A 228 52.09 -19.29 0.11
N PHE A 229 52.48 -20.56 -0.02
CA PHE A 229 53.46 -21.17 0.88
C PHE A 229 54.81 -20.44 0.85
N GLN A 230 55.29 -20.16 -0.35
CA GLN A 230 56.52 -19.40 -0.50
C GLN A 230 56.49 -18.10 0.30
N LYS A 231 55.49 -17.25 0.04
CA LYS A 231 55.43 -15.95 0.67
C LYS A 231 55.42 -16.03 2.20
N ALA A 232 54.68 -17.01 2.73
CA ALA A 232 54.61 -17.17 4.19
C ALA A 232 55.92 -17.70 4.74
N ILE A 233 56.55 -18.60 3.98
CA ILE A 233 57.86 -19.14 4.35
C ILE A 233 58.91 -18.03 4.46
N ASP A 234 58.90 -17.10 3.51
CA ASP A 234 59.78 -15.95 3.58
C ASP A 234 59.48 -15.07 4.79
N ALA A 235 58.20 -14.93 5.11
CA ALA A 235 57.76 -14.05 6.19
C ALA A 235 57.98 -14.68 7.56
N GLY A 236 58.53 -15.89 7.59
CA GLY A 236 58.89 -16.51 8.83
C GLY A 236 57.88 -17.49 9.42
N ALA A 237 57.31 -18.33 8.56
CA ALA A 237 56.49 -19.43 9.01
C ALA A 237 57.29 -20.35 9.92
N ASP A 238 56.63 -20.93 10.92
CA ASP A 238 57.28 -21.83 11.88
C ASP A 238 57.29 -23.26 11.38
N MET A 239 56.11 -23.75 10.97
CA MET A 239 55.97 -25.12 10.50
C MET A 239 55.30 -25.17 9.15
N VAL A 240 55.57 -26.23 8.41
CA VAL A 240 54.83 -26.52 7.20
C VAL A 240 54.27 -27.95 7.23
N MET A 241 52.94 -28.06 7.16
CA MET A 241 52.30 -29.36 7.14
C MET A 241 52.14 -29.83 5.70
N THR A 242 52.45 -31.10 5.46
CA THR A 242 52.42 -31.60 4.09
C THR A 242 51.36 -32.69 3.94
N ALA A 243 50.58 -32.58 2.88
CA ALA A 243 49.54 -33.56 2.60
C ALA A 243 50.12 -34.77 1.88
N HIS A 244 49.45 -35.90 1.97
CA HIS A 244 49.86 -37.10 1.24
C HIS A 244 49.33 -37.01 -0.18
N VAL A 245 49.95 -36.17 -0.96
CA VAL A 245 49.50 -35.93 -2.32
C VAL A 245 50.50 -36.48 -3.32
N GLN A 246 50.04 -37.38 -4.17
CA GLN A 246 50.86 -37.84 -5.27
C GLN A 246 51.20 -36.65 -6.15
N PHE A 247 52.49 -36.45 -6.40
CA PHE A 247 52.98 -35.20 -6.91
C PHE A 247 54.00 -35.41 -8.05
N PRO A 248 53.54 -35.92 -9.21
CA PRO A 248 54.37 -36.38 -10.32
C PRO A 248 55.21 -35.33 -11.06
N ALA A 249 54.88 -34.04 -10.94
CA ALA A 249 55.68 -33.03 -11.62
C ALA A 249 57.05 -32.87 -10.97
N PHE A 250 57.15 -33.25 -9.70
CA PHE A 250 58.40 -33.09 -8.96
C PHE A 250 59.03 -34.41 -8.53
N ASP A 251 58.21 -35.46 -8.48
CA ASP A 251 58.69 -36.82 -8.20
C ASP A 251 57.71 -37.85 -8.73
N ASP A 252 58.12 -38.58 -9.76
CA ASP A 252 57.29 -39.63 -10.33
C ASP A 252 57.88 -41.03 -10.05
N THR A 253 58.68 -41.10 -8.99
CA THR A 253 59.12 -42.37 -8.42
C THR A 253 57.91 -43.20 -8.00
N THR A 254 57.89 -44.46 -8.38
CA THR A 254 56.82 -45.35 -7.94
C THR A 254 57.37 -46.45 -7.04
N TYR A 255 56.50 -47.03 -6.22
CA TYR A 255 56.87 -48.13 -5.36
C TYR A 255 55.89 -49.27 -5.57
N LYS A 256 56.21 -50.42 -4.99
CA LYS A 256 55.31 -51.55 -5.03
C LYS A 256 54.40 -51.49 -3.81
N SER A 257 53.09 -51.40 -4.05
CA SER A 257 52.13 -51.39 -2.95
C SER A 257 52.28 -52.64 -2.10
N LYS A 258 52.36 -52.45 -0.78
CA LYS A 258 52.48 -53.57 0.14
C LYS A 258 51.11 -54.17 0.45
N LEU A 259 50.19 -54.03 -0.49
CA LEU A 259 48.82 -54.46 -0.31
C LEU A 259 48.20 -54.85 -1.65
N ASP A 260 48.78 -54.32 -2.73
CA ASP A 260 48.22 -54.53 -4.06
C ASP A 260 49.28 -55.13 -4.97
N GLY A 261 50.53 -54.79 -4.69
CA GLY A 261 51.62 -55.19 -5.55
C GLY A 261 51.77 -54.21 -6.71
N SER A 262 50.81 -53.31 -6.86
CA SER A 262 50.79 -52.35 -7.96
C SER A 262 51.81 -51.24 -7.82
N ASP A 263 52.04 -50.51 -8.92
CA ASP A 263 52.99 -49.40 -8.96
C ASP A 263 52.37 -48.08 -8.51
N ILE A 264 52.54 -47.77 -7.23
CA ILE A 264 51.93 -46.59 -6.63
C ILE A 264 52.90 -45.40 -6.59
N LEU A 265 52.44 -44.25 -7.08
CA LEU A 265 53.22 -43.01 -7.00
C LEU A 265 53.55 -42.65 -5.55
N VAL A 266 54.70 -42.03 -5.35
CA VAL A 266 55.16 -41.65 -4.03
C VAL A 266 54.43 -40.40 -3.59
N PRO A 267 53.81 -40.44 -2.40
CA PRO A 267 53.16 -39.27 -1.83
C PRO A 267 54.21 -38.19 -1.52
N ALA A 268 53.82 -36.92 -1.68
CA ALA A 268 54.71 -35.79 -1.39
C ALA A 268 55.45 -36.01 -0.08
N THR A 269 54.69 -36.42 0.93
CA THR A 269 55.21 -36.60 2.28
C THR A 269 56.41 -37.55 2.32
N LEU A 270 56.38 -38.57 1.47
CA LEU A 270 57.39 -39.62 1.50
C LEU A 270 58.47 -39.47 0.43
N SER A 271 58.58 -38.29 -0.15
CA SER A 271 59.51 -38.08 -1.26
C SER A 271 60.64 -37.12 -0.90
N LYS A 272 61.87 -37.60 -1.01
CA LYS A 272 63.02 -36.75 -0.72
C LYS A 272 63.12 -35.60 -1.73
N LYS A 273 62.79 -35.88 -2.99
CA LYS A 273 62.78 -34.85 -4.03
C LYS A 273 61.80 -33.73 -3.67
N VAL A 274 60.69 -34.10 -3.02
CA VAL A 274 59.66 -33.12 -2.68
C VAL A 274 59.90 -32.45 -1.33
N MET A 275 60.01 -33.25 -0.28
CA MET A 275 60.24 -32.70 1.05
C MET A 275 61.52 -31.90 1.11
N THR A 276 62.66 -32.56 0.90
CA THR A 276 63.92 -31.86 1.02
C THR A 276 64.29 -31.02 -0.19
N GLY A 277 64.22 -31.62 -1.37
CA GLY A 277 64.51 -30.92 -2.61
C GLY A 277 63.72 -29.65 -2.80
N LEU A 278 62.39 -29.76 -2.81
CA LEU A 278 61.53 -28.63 -3.14
C LEU A 278 61.32 -27.66 -1.97
N LEU A 279 60.96 -28.20 -0.81
CA LEU A 279 60.55 -27.37 0.32
C LEU A 279 61.74 -26.84 1.12
N ARG A 280 62.66 -27.73 1.45
CA ARG A 280 63.79 -27.39 2.29
C ARG A 280 64.83 -26.55 1.54
N GLN A 281 65.18 -26.96 0.32
CA GLN A 281 66.22 -26.27 -0.44
C GLN A 281 65.69 -25.14 -1.31
N GLU A 282 65.03 -25.53 -2.39
CA GLU A 282 64.58 -24.61 -3.43
CA GLU A 282 64.68 -24.56 -3.41
C GLU A 282 63.63 -23.52 -2.96
N MET A 283 62.93 -23.78 -1.85
CA MET A 283 61.98 -22.79 -1.34
C MET A 283 62.52 -22.08 -0.10
N GLY A 284 63.52 -22.68 0.53
CA GLY A 284 64.20 -22.04 1.63
C GLY A 284 63.63 -22.29 3.02
N PHE A 285 62.70 -23.24 3.13
CA PHE A 285 62.06 -23.49 4.41
C PHE A 285 62.99 -24.16 5.41
N ASN A 286 63.32 -23.44 6.47
CA ASN A 286 64.16 -24.01 7.53
C ASN A 286 63.44 -24.21 8.86
N GLY A 287 62.11 -24.12 8.81
CA GLY A 287 61.30 -24.40 9.96
C GLY A 287 61.07 -25.90 10.11
N VAL A 288 60.14 -26.27 10.99
CA VAL A 288 59.77 -27.66 11.18
C VAL A 288 58.82 -28.14 10.08
N ILE A 289 59.16 -29.23 9.42
CA ILE A 289 58.25 -29.86 8.47
C ILE A 289 57.48 -30.95 9.18
N VAL A 290 56.16 -30.96 9.02
CA VAL A 290 55.35 -31.98 9.66
C VAL A 290 54.30 -32.53 8.69
N THR A 291 53.96 -33.80 8.85
CA THR A 291 53.14 -34.51 7.87
C THR A 291 51.73 -34.76 8.35
N ASN A 292 50.83 -35.00 7.40
CA ASN A 292 49.51 -35.48 7.74
C ASN A 292 49.65 -36.79 8.49
N ALA A 293 48.58 -37.22 9.14
CA ALA A 293 48.59 -38.48 9.86
C ALA A 293 49.23 -39.58 9.01
N LEU A 294 50.36 -40.10 9.50
CA LEU A 294 51.06 -41.17 8.80
C LEU A 294 50.31 -42.50 8.88
N ASN A 295 49.35 -42.57 9.80
CA ASN A 295 48.55 -43.77 9.99
C ASN A 295 47.22 -43.74 9.23
N MET A 296 47.06 -42.76 8.34
CA MET A 296 45.92 -42.73 7.43
C MET A 296 45.89 -44.05 6.65
N LYS A 297 44.72 -44.63 6.48
CA LYS A 297 44.62 -45.98 5.94
C LYS A 297 45.46 -46.19 4.69
N ALA A 298 45.16 -45.43 3.63
CA ALA A 298 45.90 -45.54 2.37
C ALA A 298 47.41 -45.66 2.59
N ILE A 299 47.96 -44.74 3.39
CA ILE A 299 49.40 -44.74 3.68
C ILE A 299 49.85 -45.99 4.43
N ALA A 300 49.20 -46.27 5.56
CA ALA A 300 49.54 -47.44 6.34
C ALA A 300 49.51 -48.71 5.48
N ASP A 301 48.45 -48.88 4.70
CA ASP A 301 48.24 -50.09 3.91
C ASP A 301 49.22 -50.25 2.76
N HIS A 302 49.50 -49.16 2.05
CA HIS A 302 50.29 -49.25 0.82
C HIS A 302 51.82 -49.21 1.05
N PHE A 303 52.24 -48.62 2.16
CA PHE A 303 53.67 -48.48 2.44
C PHE A 303 54.10 -49.16 3.73
N GLY A 304 53.13 -49.54 4.57
CA GLY A 304 53.42 -50.09 5.87
C GLY A 304 53.62 -48.99 6.90
N GLN A 305 53.16 -49.21 8.13
CA GLN A 305 53.28 -48.20 9.16
C GLN A 305 54.73 -47.85 9.50
N GLU A 306 55.46 -48.82 10.04
CA GLU A 306 56.86 -48.59 10.41
C GLU A 306 57.65 -48.07 9.22
N GLU A 307 57.41 -48.67 8.06
CA GLU A 307 58.12 -48.30 6.83
C GLU A 307 57.84 -46.85 6.42
N ALA A 308 56.59 -46.42 6.53
CA ALA A 308 56.19 -45.08 6.12
C ALA A 308 56.84 -43.97 6.96
N VAL A 309 56.81 -44.13 8.27
CA VAL A 309 57.44 -43.16 9.15
C VAL A 309 58.91 -43.02 8.81
N VAL A 310 59.54 -44.15 8.49
CA VAL A 310 60.95 -44.11 8.14
C VAL A 310 61.16 -43.37 6.82
N MET A 311 60.38 -43.75 5.81
CA MET A 311 60.45 -43.08 4.51
C MET A 311 60.30 -41.58 4.67
N ALA A 312 59.37 -41.17 5.53
CA ALA A 312 59.09 -39.76 5.77
C ALA A 312 60.28 -39.02 6.36
N VAL A 313 60.88 -39.60 7.39
CA VAL A 313 62.07 -39.03 8.03
C VAL A 313 63.25 -39.06 7.05
N LYS A 314 63.39 -40.15 6.33
CA LYS A 314 64.40 -40.24 5.28
C LYS A 314 64.18 -39.11 4.27
N ALA A 315 62.92 -38.82 3.97
CA ALA A 315 62.56 -37.83 2.96
C ALA A 315 62.76 -36.40 3.46
N GLY A 316 62.83 -36.23 4.77
CA GLY A 316 63.18 -34.93 5.32
C GLY A 316 62.25 -34.34 6.37
N VAL A 317 61.08 -34.91 6.57
CA VAL A 317 60.17 -34.37 7.59
C VAL A 317 60.86 -34.36 8.95
N ASP A 318 60.49 -33.38 9.78
CA ASP A 318 61.08 -33.24 11.12
C ASP A 318 60.21 -33.88 12.17
N ILE A 319 58.89 -33.84 11.96
CA ILE A 319 57.92 -34.44 12.89
C ILE A 319 57.00 -35.42 12.18
N ALA A 320 57.10 -36.69 12.54
CA ALA A 320 56.18 -37.69 12.01
C ALA A 320 54.91 -37.65 12.85
N LEU A 321 53.83 -37.19 12.25
CA LEU A 321 52.57 -37.05 12.94
C LEU A 321 51.82 -38.36 13.00
N MET A 322 51.38 -38.75 14.19
CA MET A 322 50.61 -39.97 14.36
C MET A 322 51.27 -41.15 13.62
N PRO A 323 52.34 -41.71 14.22
CA PRO A 323 53.13 -42.77 13.59
C PRO A 323 52.44 -44.13 13.64
N ALA A 324 51.47 -44.27 14.54
CA ALA A 324 50.69 -45.49 14.64
C ALA A 324 49.39 -45.26 15.38
N SER A 325 48.50 -46.24 15.34
CA SER A 325 47.22 -46.13 16.02
C SER A 325 47.26 -46.92 17.32
N VAL A 326 47.61 -46.25 18.41
CA VAL A 326 47.72 -46.91 19.71
C VAL A 326 46.64 -46.44 20.68
N THR A 327 45.57 -47.24 20.81
CA THR A 327 44.42 -46.88 21.63
C THR A 327 44.47 -47.48 23.04
N SER A 328 45.23 -48.56 23.21
CA SER A 328 45.33 -49.24 24.50
C SER A 328 46.79 -49.50 24.87
N LEU A 329 47.01 -50.07 26.05
CA LEU A 329 48.36 -50.48 26.41
C LEU A 329 48.74 -51.77 25.72
N LYS A 330 47.73 -52.53 25.28
CA LYS A 330 47.94 -53.73 24.50
C LYS A 330 48.66 -53.41 23.20
N GLU A 331 48.45 -52.20 22.69
CA GLU A 331 49.03 -51.76 21.42
C GLU A 331 50.31 -50.94 21.59
N GLU A 332 50.73 -50.75 22.83
CA GLU A 332 51.85 -49.83 23.13
C GLU A 332 53.18 -50.20 22.44
N GLN A 333 53.35 -51.47 22.09
CA GLN A 333 54.59 -51.89 21.44
C GLN A 333 54.69 -51.37 20.01
N LYS A 334 53.65 -50.70 19.53
CA LYS A 334 53.69 -50.07 18.21
C LYS A 334 54.73 -48.96 18.20
N PHE A 335 54.68 -48.11 19.23
CA PHE A 335 55.60 -46.98 19.35
C PHE A 335 57.03 -47.47 19.46
N ALA A 336 57.23 -48.60 20.12
CA ALA A 336 58.56 -49.20 20.23
C ALA A 336 59.09 -49.52 18.83
N ARG A 337 58.32 -50.30 18.07
CA ARG A 337 58.70 -50.69 16.72
C ARG A 337 59.04 -49.50 15.82
N VAL A 338 58.19 -48.48 15.84
CA VAL A 338 58.43 -47.29 15.01
C VAL A 338 59.77 -46.65 15.32
N ILE A 339 60.04 -46.42 16.61
CA ILE A 339 61.34 -45.91 17.02
C ILE A 339 62.48 -46.86 16.64
N GLN A 340 62.21 -48.15 16.70
CA GLN A 340 63.22 -49.18 16.40
C GLN A 340 63.60 -49.16 14.92
N ALA A 341 62.61 -49.01 14.06
CA ALA A 341 62.85 -48.90 12.63
C ALA A 341 63.79 -47.74 12.36
N LEU A 342 63.54 -46.61 13.04
CA LEU A 342 64.40 -45.43 12.88
C LEU A 342 65.79 -45.70 13.43
N LYS A 343 65.88 -46.11 14.69
CA LYS A 343 67.18 -46.44 15.28
C LYS A 343 68.01 -47.27 14.31
N GLU A 344 67.36 -48.21 13.65
CA GLU A 344 68.04 -49.12 12.74
C GLU A 344 68.46 -48.45 11.44
N ALA A 345 67.53 -47.73 10.82
CA ALA A 345 67.83 -47.04 9.58
C ALA A 345 68.97 -46.01 9.75
N VAL A 346 69.15 -45.53 10.98
CA VAL A 346 70.23 -44.59 11.28
C VAL A 346 71.56 -45.32 11.47
N LYS A 347 71.53 -46.40 12.24
CA LYS A 347 72.71 -47.25 12.44
C LYS A 347 73.28 -47.65 11.08
N ASN A 348 72.37 -47.90 10.13
CA ASN A 348 72.73 -48.32 8.77
C ASN A 348 73.29 -47.21 7.89
N GLY A 349 73.05 -45.96 8.27
CA GLY A 349 73.47 -44.84 7.46
C GLY A 349 72.47 -44.51 6.37
N ASP A 350 71.30 -45.14 6.40
CA ASP A 350 70.19 -44.75 5.54
C ASP A 350 69.76 -43.34 5.91
N ILE A 351 69.82 -43.03 7.19
CA ILE A 351 69.55 -41.70 7.70
C ILE A 351 70.72 -41.19 8.51
N PRO A 352 71.49 -40.26 7.94
CA PRO A 352 72.67 -39.71 8.62
C PRO A 352 72.29 -39.19 10.01
N GLU A 353 73.16 -39.39 10.98
CA GLU A 353 72.89 -38.90 12.34
C GLU A 353 72.73 -37.38 12.33
N GLN A 354 73.48 -36.72 11.46
CA GLN A 354 73.43 -35.28 11.39
C GLN A 354 72.06 -34.80 10.92
N GLN A 355 71.41 -35.58 10.05
CA GLN A 355 70.07 -35.22 9.60
C GLN A 355 69.09 -35.24 10.77
N ILE A 356 69.22 -36.25 11.64
CA ILE A 356 68.39 -36.32 12.84
C ILE A 356 68.67 -35.15 13.77
N ASN A 357 69.96 -34.83 13.96
CA ASN A 357 70.35 -33.73 14.83
C ASN A 357 69.81 -32.38 14.35
N ASN A 358 69.81 -32.18 13.05
CA ASN A 358 69.19 -31.00 12.47
C ASN A 358 67.70 -30.92 12.82
N SER A 359 66.94 -31.92 12.37
CA SER A 359 65.51 -31.98 12.63
C SER A 359 65.21 -31.64 14.08
N VAL A 360 65.79 -32.40 15.00
CA VAL A 360 65.54 -32.19 16.42
C VAL A 360 65.92 -30.78 16.87
N GLU A 361 67.02 -30.28 16.32
CA GLU A 361 67.47 -28.95 16.67
C GLU A 361 66.47 -27.89 16.14
N ARG A 362 65.67 -28.27 15.16
CA ARG A 362 64.64 -27.38 14.60
C ARG A 362 63.38 -27.34 15.48
N ILE A 363 63.04 -28.49 16.03
CA ILE A 363 61.97 -28.61 16.99
C ILE A 363 62.34 -27.84 18.26
N ILE A 364 63.49 -28.17 18.83
CA ILE A 364 63.97 -27.52 20.05
C ILE A 364 64.13 -26.01 19.85
N SER A 365 64.37 -25.60 18.60
CA SER A 365 64.52 -24.20 18.29
C SER A 365 63.15 -23.52 18.25
N LEU A 366 62.17 -24.22 17.69
CA LEU A 366 60.79 -23.74 17.65
C LEU A 366 60.20 -23.63 19.05
N LYS A 367 60.41 -24.65 19.86
CA LYS A 367 59.95 -24.65 21.25
C LYS A 367 60.53 -23.48 22.04
N ILE A 368 61.79 -23.16 21.79
CA ILE A 368 62.42 -22.03 22.45
C ILE A 368 61.88 -20.71 21.92
N LYS A 369 61.61 -20.66 20.62
CA LYS A 369 61.17 -19.44 19.93
C LYS A 369 59.74 -19.01 20.31
N ARG A 370 58.89 -19.97 20.63
CA ARG A 370 57.51 -19.67 21.00
C ARG A 370 57.29 -19.82 22.50
N GLY A 371 58.38 -19.68 23.27
CA GLY A 371 58.32 -19.71 24.72
C GLY A 371 57.73 -20.94 25.37
N MET A 372 57.79 -22.09 24.69
CA MET A 372 57.36 -23.34 25.30
C MET A 372 58.48 -23.87 26.18
N TYR A 373 59.70 -23.43 25.87
CA TYR A 373 60.92 -23.96 26.47
C TYR A 373 61.91 -22.84 26.77
N PRO A 374 62.22 -22.64 28.06
CA PRO A 374 61.65 -23.39 29.19
C PRO A 374 60.18 -23.08 29.36
N ALA A 375 59.47 -23.90 30.13
CA ALA A 375 58.04 -23.70 30.40
C ALA A 375 57.81 -22.34 31.06
N ARG A 376 57.08 -21.47 30.38
CA ARG A 376 56.97 -20.08 30.83
C ARG A 376 55.93 -19.83 31.94
N ASN A 377 55.07 -20.81 32.21
CA ASN A 377 54.02 -20.60 33.20
C ASN A 377 54.36 -21.16 34.57
N SER A 378 53.62 -20.70 35.58
CA SER A 378 53.81 -21.15 36.95
C SER A 378 52.58 -20.83 37.79
N ASP A 379 51.43 -21.32 37.33
CA ASP A 379 50.17 -21.15 38.04
C ASP A 379 49.53 -22.50 38.32
N SER A 380 48.89 -22.63 39.48
CA SER A 380 48.14 -23.83 39.79
C SER A 380 47.17 -24.12 38.64
N THR A 381 47.01 -25.39 38.29
CA THR A 381 46.04 -25.78 37.27
C THR A 381 44.69 -25.11 37.53
N LYS A 382 44.34 -24.98 38.81
CA LYS A 382 43.09 -24.32 39.21
C LYS A 382 43.07 -22.87 38.75
N GLU A 383 44.18 -22.17 38.95
CA GLU A 383 44.28 -20.77 38.55
C GLU A 383 44.24 -20.64 37.03
N LYS A 384 44.95 -21.52 36.33
CA LYS A 384 44.93 -21.51 34.87
C LYS A 384 43.50 -21.60 34.37
N ILE A 385 42.73 -22.49 34.99
CA ILE A 385 41.33 -22.70 34.65
C ILE A 385 40.51 -21.42 34.84
N ALA A 386 40.66 -20.77 36.00
CA ALA A 386 39.98 -19.51 36.25
C ALA A 386 40.29 -18.47 35.17
N LYS A 387 41.57 -18.22 34.92
CA LYS A 387 42.00 -17.29 33.90
C LYS A 387 41.42 -17.66 32.55
N ALA A 388 41.42 -18.95 32.25
CA ALA A 388 40.95 -19.44 30.96
C ALA A 388 39.45 -19.18 30.73
N LYS A 389 38.63 -19.37 31.77
CA LYS A 389 37.18 -19.18 31.64
C LYS A 389 36.77 -17.73 31.34
N LYS A 390 37.57 -16.78 31.80
CA LYS A 390 37.35 -15.37 31.51
C LYS A 390 37.96 -14.95 30.17
N ILE A 391 38.57 -15.91 29.46
CA ILE A 391 39.22 -15.60 28.19
C ILE A 391 38.64 -16.38 27.00
N VAL A 392 38.55 -17.70 27.14
CA VAL A 392 38.01 -18.55 26.09
C VAL A 392 36.49 -18.47 26.00
N GLY A 393 35.99 -17.93 24.90
CA GLY A 393 34.56 -17.77 24.69
C GLY A 393 34.03 -16.48 25.30
N SER A 394 34.94 -15.59 25.70
CA SER A 394 34.59 -14.36 26.39
C SER A 394 33.78 -13.37 25.55
N LYS A 395 32.99 -12.55 26.22
CA LYS A 395 32.10 -11.58 25.56
C LYS A 395 32.85 -10.69 24.58
N GLN A 396 34.07 -10.29 24.95
CA GLN A 396 34.92 -9.47 24.09
C GLN A 396 35.19 -10.18 22.77
N HIS A 397 35.66 -11.43 22.85
CA HIS A 397 35.94 -12.25 21.68
C HIS A 397 34.69 -12.40 20.83
N LEU A 398 33.58 -12.73 21.48
CA LEU A 398 32.29 -12.90 20.80
C LEU A 398 31.87 -11.65 20.02
N LYS A 399 32.16 -10.48 20.56
CA LYS A 399 31.83 -9.25 19.85
C LYS A 399 32.63 -9.17 18.56
N ALA A 400 33.94 -9.39 18.67
CA ALA A 400 34.83 -9.37 17.50
C ALA A 400 34.39 -10.41 16.46
N GLU A 401 34.04 -11.60 16.94
CA GLU A 401 33.52 -12.65 16.07
C GLU A 401 32.31 -12.09 15.33
N LYS A 402 31.49 -11.33 16.05
CA LYS A 402 30.26 -10.82 15.50
C LYS A 402 30.55 -9.76 14.43
N LYS A 403 31.37 -8.76 14.79
CA LYS A 403 31.72 -7.69 13.86
C LYS A 403 32.36 -8.23 12.58
N LEU A 404 33.21 -9.25 12.73
CA LEU A 404 33.88 -9.88 11.60
C LEU A 404 32.93 -10.62 10.67
N ALA A 405 32.04 -11.42 11.24
CA ALA A 405 31.08 -12.20 10.45
C ALA A 405 30.16 -11.26 9.68
N GLU A 406 29.79 -10.18 10.35
CA GLU A 406 28.88 -9.20 9.78
C GLU A 406 29.56 -8.37 8.71
N LYS A 407 30.84 -8.06 8.91
CA LYS A 407 31.58 -7.33 7.89
C LYS A 407 31.71 -8.16 6.61
N ALA A 408 31.75 -9.48 6.76
CA ALA A 408 32.04 -10.37 5.64
C ALA A 408 30.83 -10.70 4.78
N VAL A 409 29.64 -10.44 5.29
CA VAL A 409 28.41 -10.70 4.53
C VAL A 409 28.53 -9.95 3.19
N THR A 410 28.18 -10.66 2.11
CA THR A 410 28.39 -10.14 0.76
C THR A 410 27.07 -9.98 0.03
N VAL A 411 26.70 -8.74 -0.27
CA VAL A 411 25.43 -8.52 -0.95
C VAL A 411 25.62 -8.55 -2.46
N LEU A 412 24.91 -9.47 -3.13
CA LEU A 412 25.04 -9.63 -4.58
C LEU A 412 23.89 -9.03 -5.39
N LYS A 413 22.71 -8.97 -4.77
CA LYS A 413 21.52 -8.34 -5.37
C LYS A 413 20.66 -7.67 -4.33
N ASN A 414 20.07 -6.54 -4.70
CA ASN A 414 19.11 -5.90 -3.82
C ASN A 414 18.23 -4.97 -4.62
N GLU A 415 17.41 -5.55 -5.49
CA GLU A 415 16.54 -4.76 -6.37
C GLU A 415 15.48 -4.02 -5.58
N GLN A 416 15.34 -2.73 -5.85
CA GLN A 416 14.29 -1.89 -5.25
C GLN A 416 14.19 -1.98 -3.72
N HIS A 417 15.33 -2.06 -3.04
CA HIS A 417 15.36 -2.01 -1.57
C HIS A 417 14.62 -3.14 -0.87
N THR A 418 14.52 -4.29 -1.54
CA THR A 418 13.96 -5.47 -0.92
C THR A 418 14.50 -5.57 0.50
N LEU A 419 15.82 -5.53 0.60
CA LEU A 419 16.50 -5.45 1.89
C LEU A 419 16.73 -3.98 2.23
N PRO A 420 16.68 -3.61 3.52
CA PRO A 420 16.38 -4.56 4.59
C PRO A 420 14.89 -4.80 4.66
N PHE A 421 14.48 -5.96 5.16
CA PHE A 421 13.10 -6.21 5.48
C PHE A 421 12.70 -5.27 6.61
N LYS A 422 11.54 -4.63 6.47
CA LYS A 422 10.98 -3.82 7.55
C LYS A 422 9.57 -4.29 7.82
N PRO A 423 9.41 -5.28 8.72
CA PRO A 423 8.16 -6.01 8.94
C PRO A 423 7.20 -5.23 9.82
N LYS A 424 5.92 -5.21 9.47
CA LYS A 424 4.89 -4.67 10.38
C LYS A 424 4.70 -5.62 11.55
N LYS A 425 4.26 -5.10 12.70
CA LYS A 425 3.85 -5.98 13.78
C LYS A 425 2.87 -6.99 13.19
N GLY A 426 2.99 -8.24 13.61
CA GLY A 426 2.08 -9.29 13.16
C GLY A 426 2.53 -10.09 11.94
N SER A 427 3.41 -9.49 11.14
CA SER A 427 3.95 -10.16 9.97
C SER A 427 4.47 -11.57 10.29
N ARG A 428 4.22 -12.49 9.36
CA ARG A 428 4.74 -13.85 9.40
C ARG A 428 6.00 -14.02 8.54
N ILE A 429 7.10 -14.43 9.17
CA ILE A 429 8.35 -14.73 8.46
C ILE A 429 8.50 -16.25 8.28
N LEU A 430 8.58 -16.71 7.05
CA LEU A 430 8.85 -18.12 6.76
C LEU A 430 10.37 -18.36 6.59
N ILE A 431 10.94 -19.17 7.47
CA ILE A 431 12.36 -19.53 7.45
C ILE A 431 12.59 -20.89 6.81
N VAL A 432 13.41 -20.93 5.76
CA VAL A 432 13.61 -22.14 4.97
C VAL A 432 15.09 -22.46 4.76
N ALA A 433 15.59 -23.46 5.48
CA ALA A 433 16.96 -23.92 5.29
C ALA A 433 16.99 -25.44 5.12
N PRO A 434 18.16 -25.99 4.78
CA PRO A 434 18.29 -27.44 4.57
C PRO A 434 18.16 -28.25 5.86
N TYR A 435 18.72 -27.76 6.96
CA TYR A 435 18.69 -28.52 8.22
C TYR A 435 18.06 -27.78 9.40
N GLU A 436 17.62 -28.53 10.39
CA GLU A 436 16.95 -27.94 11.54
C GLU A 436 17.85 -27.00 12.32
N GLU A 437 19.13 -27.30 12.41
CA GLU A 437 20.02 -26.45 13.18
C GLU A 437 20.25 -25.10 12.49
N GLN A 438 19.93 -25.05 11.19
CA GLN A 438 20.08 -23.82 10.41
C GLN A 438 18.84 -22.94 10.49
N THR A 439 17.67 -23.53 10.28
CA THR A 439 16.41 -22.81 10.48
C THR A 439 16.27 -22.37 11.93
N ALA A 440 16.91 -23.09 12.83
CA ALA A 440 16.92 -22.74 14.26
C ALA A 440 17.74 -21.49 14.52
N SER A 441 18.90 -21.41 13.88
CA SER A 441 19.82 -20.30 14.08
C SER A 441 19.17 -19.01 13.58
N ILE A 442 18.61 -19.06 12.38
CA ILE A 442 17.92 -17.92 11.81
C ILE A 442 16.76 -17.47 12.71
N GLU A 443 15.92 -18.42 13.13
CA GLU A 443 14.83 -18.19 14.06
C GLU A 443 15.30 -17.55 15.38
N GLN A 444 16.29 -18.16 16.02
CA GLN A 444 16.86 -17.63 17.27
C GLN A 444 17.35 -16.20 17.14
N THR A 445 17.80 -15.85 15.95
CA THR A 445 18.36 -14.53 15.68
C THR A 445 17.25 -13.51 15.49
N ILE A 446 16.26 -13.83 14.67
CA ILE A 446 15.09 -12.97 14.50
C ILE A 446 14.43 -12.79 15.84
N HIS A 447 14.61 -13.79 16.70
CA HIS A 447 13.97 -13.80 18.01
C HIS A 447 14.63 -12.78 18.94
N ASP A 448 15.95 -12.77 18.97
CA ASP A 448 16.66 -11.79 19.77
C ASP A 448 16.26 -10.39 19.33
N LEU A 449 16.26 -10.14 18.02
CA LEU A 449 15.87 -8.85 17.48
C LEU A 449 14.53 -8.39 18.03
N ILE A 450 13.60 -9.32 18.20
CA ILE A 450 12.31 -8.98 18.79
C ILE A 450 12.43 -8.62 20.27
N LYS A 451 13.01 -9.53 21.05
CA LYS A 451 13.22 -9.29 22.49
C LYS A 451 13.98 -7.99 22.74
N ARG A 452 14.83 -7.59 21.79
CA ARG A 452 15.59 -6.35 21.92
C ARG A 452 14.88 -5.14 21.31
N LYS A 453 13.65 -5.36 20.84
CA LYS A 453 12.84 -4.28 20.29
C LYS A 453 13.53 -3.54 19.15
N LYS A 454 14.28 -4.27 18.32
CA LYS A 454 14.91 -3.69 17.14
C LYS A 454 14.01 -3.90 15.92
N ILE A 455 13.03 -4.79 16.08
CA ILE A 455 12.01 -5.00 15.06
C ILE A 455 10.66 -5.29 15.72
N LYS A 456 9.57 -4.99 15.02
CA LYS A 456 8.23 -5.24 15.52
C LYS A 456 8.08 -6.74 15.73
N PRO A 457 7.19 -7.14 16.65
CA PRO A 457 7.00 -8.58 16.89
C PRO A 457 6.38 -9.25 15.68
N VAL A 458 7.04 -10.28 15.16
CA VAL A 458 6.53 -11.04 14.04
C VAL A 458 6.44 -12.50 14.43
N SER A 459 5.80 -13.30 13.58
CA SER A 459 5.59 -14.73 13.86
C SER A 459 6.38 -15.59 12.89
N LEU A 460 7.05 -16.63 13.42
CA LEU A 460 7.95 -17.44 12.59
C LEU A 460 7.55 -18.90 12.46
N SER A 461 7.61 -19.44 11.25
CA SER A 461 7.51 -20.88 11.04
C SER A 461 8.76 -21.37 10.28
N LYS A 462 9.04 -22.66 10.37
CA LYS A 462 10.25 -23.21 9.73
C LYS A 462 9.95 -24.29 8.70
N MET A 463 10.84 -24.39 7.72
CA MET A 463 10.73 -25.40 6.67
C MET A 463 12.13 -25.92 6.35
N ASN A 464 12.35 -27.21 6.63
CA ASN A 464 13.66 -27.83 6.43
C ASN A 464 13.62 -28.79 5.24
N PHE A 465 14.43 -28.50 4.21
CA PHE A 465 14.21 -29.14 2.92
C PHE A 465 15.26 -30.14 2.44
N ALA A 466 16.30 -30.42 3.22
CA ALA A 466 17.32 -31.37 2.77
C ALA A 466 16.70 -32.71 2.40
N SER A 467 16.89 -33.12 1.15
CA SER A 467 16.34 -34.38 0.64
C SER A 467 14.85 -34.30 0.27
N GLN A 468 14.26 -33.12 0.45
CA GLN A 468 12.82 -32.93 0.20
C GLN A 468 12.54 -32.52 -1.26
N VAL A 469 11.27 -32.61 -1.68
CA VAL A 469 10.87 -31.94 -2.92
C VAL A 469 9.74 -30.98 -2.64
N PHE A 470 9.79 -29.84 -3.31
CA PHE A 470 8.79 -28.81 -3.17
C PHE A 470 7.45 -29.33 -3.70
N LYS A 471 6.52 -29.59 -2.79
CA LYS A 471 5.17 -30.01 -3.14
C LYS A 471 4.15 -28.92 -2.76
N THR A 472 2.91 -29.09 -3.20
CA THR A 472 1.82 -28.15 -2.88
C THR A 472 1.82 -27.67 -1.42
N GLU A 473 1.97 -28.60 -0.49
CA GLU A 473 2.00 -28.24 0.93
C GLU A 473 2.90 -27.06 1.16
N HIS A 474 4.12 -27.13 0.61
CA HIS A 474 5.14 -26.13 0.82
C HIS A 474 4.76 -24.78 0.21
N GLU A 475 4.06 -24.82 -0.92
CA GLU A 475 3.61 -23.60 -1.59
C GLU A 475 2.51 -22.86 -0.83
N LYS A 476 1.57 -23.61 -0.25
CA LYS A 476 0.54 -22.99 0.57
C LYS A 476 1.21 -22.28 1.75
N GLN A 477 2.30 -22.87 2.25
CA GLN A 477 3.01 -22.32 3.38
C GLN A 477 3.78 -21.05 3.00
N VAL A 478 3.98 -20.85 1.70
CA VAL A 478 4.67 -19.67 1.20
C VAL A 478 3.71 -18.52 0.96
N LYS A 479 2.50 -18.83 0.50
CA LYS A 479 1.42 -17.85 0.45
C LYS A 479 1.19 -17.26 1.84
N GLU A 480 0.96 -18.13 2.82
CA GLU A 480 0.79 -17.70 4.21
C GLU A 480 1.83 -16.68 4.65
N ALA A 481 3.08 -16.88 4.24
CA ALA A 481 4.17 -16.03 4.70
C ALA A 481 4.04 -14.60 4.21
N ASP A 482 4.62 -13.67 4.97
CA ASP A 482 4.71 -12.27 4.58
C ASP A 482 6.14 -11.96 4.16
N TYR A 483 7.09 -12.59 4.83
CA TYR A 483 8.51 -12.47 4.51
C TYR A 483 9.15 -13.86 4.43
N ILE A 484 9.97 -14.06 3.41
CA ILE A 484 10.63 -15.35 3.23
C ILE A 484 12.17 -15.25 3.18
N ILE A 485 12.82 -15.95 4.10
CA ILE A 485 14.26 -16.04 4.15
C ILE A 485 14.66 -17.46 3.82
N THR A 486 15.41 -17.65 2.74
CA THR A 486 15.83 -18.99 2.33
C THR A 486 17.36 -19.19 2.27
N GLY A 487 17.83 -20.28 2.86
CA GLY A 487 19.24 -20.63 2.82
C GLY A 487 19.54 -21.67 1.77
N SER A 488 20.45 -21.35 0.85
CA SER A 488 20.92 -22.33 -0.12
C SER A 488 22.20 -22.96 0.42
N TYR A 489 22.38 -24.25 0.15
CA TYR A 489 23.56 -24.97 0.61
C TYR A 489 24.13 -25.90 -0.47
N VAL A 490 25.24 -25.51 -1.08
CA VAL A 490 25.89 -26.37 -2.07
C VAL A 490 27.40 -26.36 -1.95
N VAL A 491 27.96 -27.45 -2.46
CA VAL A 491 29.40 -27.63 -2.54
C VAL A 491 29.81 -27.44 -4.01
N LYS A 492 29.54 -28.45 -4.83
CA LYS A 492 29.59 -28.27 -6.28
C LYS A 492 28.21 -27.84 -6.73
N ASN A 493 28.14 -26.97 -7.73
CA ASN A 493 26.84 -26.54 -8.21
C ASN A 493 26.36 -27.37 -9.41
N ASP A 494 25.47 -28.31 -9.16
CA ASP A 494 25.01 -29.22 -10.22
C ASP A 494 23.56 -29.05 -10.66
N PRO A 495 23.14 -27.81 -10.96
CA PRO A 495 21.77 -27.58 -11.44
C PRO A 495 21.48 -28.40 -12.69
N VAL A 496 20.31 -29.01 -12.77
CA VAL A 496 19.89 -29.63 -14.02
C VAL A 496 19.63 -28.48 -14.97
N VAL A 497 20.25 -28.52 -16.14
CA VAL A 497 20.22 -27.35 -17.01
C VAL A 497 20.20 -27.77 -18.48
N ASN A 498 19.59 -26.95 -19.34
CA ASN A 498 19.41 -27.30 -20.75
C ASN A 498 19.73 -26.15 -21.67
N ASP A 499 21.00 -26.03 -22.06
CA ASP A 499 21.44 -24.96 -22.94
C ASP A 499 21.34 -23.63 -22.22
N GLY A 500 21.88 -23.56 -21.01
CA GLY A 500 21.84 -22.35 -20.22
C GLY A 500 20.52 -22.09 -19.51
N VAL A 501 19.49 -22.85 -19.84
CA VAL A 501 18.19 -22.70 -19.20
C VAL A 501 17.97 -23.72 -18.09
N ILE A 502 18.06 -23.27 -16.85
CA ILE A 502 17.81 -24.17 -15.72
C ILE A 502 16.43 -24.77 -15.89
N ASP A 503 16.31 -26.07 -15.62
CA ASP A 503 15.05 -26.76 -15.80
C ASP A 503 14.33 -26.98 -14.48
N ASP A 504 13.20 -26.29 -14.32
CA ASP A 504 12.46 -26.30 -13.06
C ASP A 504 11.36 -27.36 -13.07
N THR A 505 11.03 -27.85 -14.26
CA THR A 505 10.04 -28.91 -14.42
C THR A 505 10.64 -30.24 -13.98
N ILE A 506 11.91 -30.23 -13.62
CA ILE A 506 12.55 -31.46 -13.15
C ILE A 506 12.95 -31.38 -11.69
N SER A 507 12.07 -31.88 -10.82
CA SER A 507 12.41 -31.99 -9.41
C SER A 507 12.28 -33.44 -8.93
N ASP A 508 13.30 -33.87 -8.20
CA ASP A 508 13.34 -35.17 -7.56
C ASP A 508 14.11 -34.95 -6.27
N SER A 509 14.03 -35.89 -5.35
CA SER A 509 14.69 -35.75 -4.06
C SER A 509 16.19 -35.56 -4.21
N SER A 510 16.79 -36.19 -5.23
CA SER A 510 18.24 -36.19 -5.32
C SER A 510 18.83 -34.81 -5.64
N LYS A 511 18.02 -33.95 -6.27
CA LYS A 511 18.45 -32.62 -6.70
C LYS A 511 18.04 -31.52 -5.72
N TRP A 512 17.85 -31.89 -4.46
CA TRP A 512 17.23 -30.99 -3.51
C TRP A 512 17.98 -29.68 -3.30
N ALA A 513 19.30 -29.74 -3.31
CA ALA A 513 20.09 -28.54 -3.00
C ALA A 513 20.08 -27.50 -4.12
N THR A 514 19.55 -27.86 -5.28
CA THR A 514 19.43 -26.91 -6.39
C THR A 514 17.97 -26.63 -6.73
N VAL A 515 17.21 -27.69 -6.93
CA VAL A 515 15.80 -27.56 -7.30
C VAL A 515 14.90 -26.94 -6.22
N PHE A 516 15.10 -27.32 -4.96
CA PHE A 516 14.16 -26.94 -3.89
C PHE A 516 14.11 -25.43 -3.60
N PRO A 517 15.27 -24.82 -3.30
CA PRO A 517 15.28 -23.41 -2.92
C PRO A 517 14.82 -22.55 -4.08
N ARG A 518 15.12 -23.01 -5.29
CA ARG A 518 14.68 -22.34 -6.49
C ARG A 518 13.16 -22.44 -6.66
N ALA A 519 12.55 -23.45 -6.05
CA ALA A 519 11.09 -23.61 -6.08
C ALA A 519 10.41 -22.69 -5.07
N VAL A 520 11.01 -22.55 -3.89
CA VAL A 520 10.61 -21.54 -2.92
C VAL A 520 10.57 -20.18 -3.60
N MET A 521 11.66 -19.84 -4.27
CA MET A 521 11.80 -18.54 -4.93
C MET A 521 10.70 -18.27 -5.95
N LYS A 522 10.43 -19.20 -6.86
CA LYS A 522 9.33 -19.04 -7.81
C LYS A 522 8.00 -18.89 -7.07
N ALA A 523 7.84 -19.66 -6.00
CA ALA A 523 6.61 -19.59 -5.20
C ALA A 523 6.42 -18.22 -4.58
N ALA A 524 7.51 -17.63 -4.11
CA ALA A 524 7.46 -16.33 -3.46
C ALA A 524 7.25 -15.19 -4.47
N LEU A 525 7.88 -15.28 -5.63
CA LEU A 525 7.65 -14.30 -6.66
C LEU A 525 6.21 -14.40 -7.11
N GLN A 526 5.76 -15.63 -7.30
CA GLN A 526 4.39 -15.90 -7.76
C GLN A 526 3.36 -15.13 -6.93
N HIS A 527 3.55 -15.11 -5.62
CA HIS A 527 2.61 -14.43 -4.73
C HIS A 527 3.16 -13.09 -4.22
N ASN A 528 4.10 -12.52 -4.97
CA ASN A 528 4.63 -11.19 -4.70
C ASN A 528 5.19 -11.01 -3.29
N LYS A 529 5.98 -11.98 -2.83
CA LYS A 529 6.55 -11.90 -1.50
C LYS A 529 8.00 -11.45 -1.54
N PRO A 530 8.41 -10.63 -0.55
CA PRO A 530 9.83 -10.40 -0.31
C PRO A 530 10.54 -11.72 -0.06
N PHE A 531 11.59 -11.94 -0.83
CA PHE A 531 12.39 -13.16 -0.76
C PHE A 531 13.85 -12.80 -0.92
N VAL A 532 14.63 -13.00 0.14
CA VAL A 532 16.08 -12.95 0.03
C VAL A 532 16.63 -14.39 0.03
N LEU A 533 17.74 -14.60 -0.66
CA LEU A 533 18.39 -15.91 -0.71
C LEU A 533 19.74 -15.82 -0.01
N MET A 534 19.96 -16.67 0.99
CA MET A 534 21.19 -16.62 1.78
C MET A 534 22.02 -17.88 1.55
N SER A 535 23.06 -17.80 0.70
CA SER A 535 23.90 -18.96 0.45
C SER A 535 24.84 -19.25 1.65
N LEU A 536 24.90 -20.51 2.04
CA LEU A 536 25.45 -20.88 3.35
C LEU A 536 26.87 -21.48 3.27
N ARG A 537 27.24 -21.99 2.11
CA ARG A 537 28.56 -22.59 1.94
C ARG A 537 29.29 -21.96 0.76
N ASN A 538 29.41 -22.70 -0.35
CA ASN A 538 30.07 -22.15 -1.52
C ASN A 538 29.15 -21.23 -2.32
N PRO A 539 29.63 -20.00 -2.57
CA PRO A 539 28.86 -18.93 -3.22
C PRO A 539 28.39 -19.30 -4.64
N TYR A 540 28.75 -20.50 -5.09
CA TYR A 540 28.45 -20.89 -6.47
C TYR A 540 26.96 -20.95 -6.73
N ASP A 541 26.20 -21.31 -5.68
CA ASP A 541 24.75 -21.46 -5.79
C ASP A 541 24.03 -20.14 -6.17
N ALA A 542 24.69 -19.02 -5.96
CA ALA A 542 24.17 -17.71 -6.37
C ALA A 542 23.83 -17.60 -7.85
N ALA A 543 24.37 -18.47 -8.68
CA ALA A 543 24.04 -18.45 -10.10
C ALA A 543 22.66 -19.06 -10.33
N ASN A 544 22.13 -19.72 -9.31
CA ASN A 544 20.82 -20.37 -9.41
C ASN A 544 19.64 -19.44 -9.22
N PHE A 545 19.90 -18.20 -8.83
CA PHE A 545 18.86 -17.29 -8.37
C PHE A 545 18.87 -15.94 -9.07
N GLU A 546 19.06 -15.95 -10.39
CA GLU A 546 19.10 -14.72 -11.17
C GLU A 546 17.77 -13.96 -11.17
N GLU A 547 16.67 -14.67 -10.90
CA GLU A 547 15.33 -14.07 -10.89
C GLU A 547 15.03 -13.42 -9.55
N ALA A 548 15.70 -13.86 -8.50
CA ALA A 548 15.54 -13.29 -7.17
C ALA A 548 15.88 -11.81 -7.17
N LYS A 549 15.48 -11.10 -6.12
CA LYS A 549 15.68 -9.66 -6.06
C LYS A 549 16.57 -9.30 -4.88
N ALA A 550 16.79 -10.28 -4.00
CA ALA A 550 17.69 -10.11 -2.87
C ALA A 550 18.55 -11.38 -2.69
N LEU A 551 19.85 -11.18 -2.54
CA LEU A 551 20.79 -12.29 -2.58
C LEU A 551 22.06 -12.01 -1.78
N ILE A 552 22.38 -12.90 -0.85
CA ILE A 552 23.58 -12.68 -0.05
C ILE A 552 24.34 -13.97 0.22
N ALA A 553 25.64 -13.83 0.48
CA ALA A 553 26.49 -14.96 0.83
C ALA A 553 27.11 -14.70 2.21
N VAL A 554 27.30 -15.77 2.97
CA VAL A 554 27.83 -15.63 4.32
C VAL A 554 29.00 -16.60 4.57
N TYR A 555 29.15 -17.58 3.69
CA TYR A 555 30.33 -18.45 3.69
C TYR A 555 30.48 -19.37 4.92
N GLY A 556 29.36 -19.82 5.49
CA GLY A 556 29.40 -20.63 6.70
C GLY A 556 28.02 -21.16 7.04
N PHE A 557 27.94 -22.49 7.22
CA PHE A 557 26.64 -23.14 7.23
C PHE A 557 26.24 -23.79 8.54
N LYS A 558 27.15 -23.83 9.50
CA LYS A 558 26.81 -24.48 10.78
C LYS A 558 25.79 -23.62 11.53
N GLY A 559 24.90 -24.28 12.28
CA GLY A 559 23.79 -23.61 12.90
C GLY A 559 23.75 -23.59 14.42
N TYR A 560 22.55 -23.80 14.95
CA TYR A 560 22.27 -23.64 16.37
C TYR A 560 21.81 -24.96 16.94
N ALA A 561 22.45 -25.40 18.03
CA ALA A 561 22.16 -26.71 18.61
C ALA A 561 22.49 -26.78 20.09
N ASN A 562 21.71 -27.58 20.82
CA ASN A 562 21.94 -27.78 22.24
C ASN A 562 22.23 -26.49 22.98
N GLY A 563 21.66 -25.39 22.50
CA GLY A 563 21.74 -24.12 23.19
C GLY A 563 22.92 -23.26 22.79
N ARG A 564 23.69 -23.71 21.81
CA ARG A 564 24.86 -22.95 21.38
C ARG A 564 24.87 -22.66 19.88
N TYR A 565 25.38 -21.48 19.54
CA TYR A 565 25.64 -21.10 18.16
C TYR A 565 26.96 -21.73 17.70
N LEU A 566 26.93 -22.49 16.61
CA LEU A 566 28.11 -23.18 16.14
C LEU A 566 28.92 -22.35 15.12
N GLN A 567 28.34 -21.23 14.69
CA GLN A 567 29.01 -20.38 13.74
C GLN A 567 28.27 -19.04 13.61
N PRO A 568 29.03 -17.95 13.36
CA PRO A 568 28.53 -16.57 13.32
C PRO A 568 27.86 -16.18 12.01
N ASN A 569 28.07 -16.96 10.96
CA ASN A 569 27.68 -16.56 9.60
C ASN A 569 26.17 -16.36 9.36
N ILE A 570 25.37 -17.35 9.75
CA ILE A 570 23.92 -17.28 9.57
C ILE A 570 23.32 -16.08 10.30
N PRO A 571 23.60 -15.95 11.61
CA PRO A 571 23.15 -14.77 12.36
C PRO A 571 23.55 -13.46 11.67
N ALA A 572 24.82 -13.32 11.30
CA ALA A 572 25.29 -12.11 10.63
C ALA A 572 24.44 -11.82 9.39
N GLY A 573 24.17 -12.84 8.59
CA GLY A 573 23.31 -12.67 7.44
C GLY A 573 21.96 -12.09 7.85
N VAL A 574 21.36 -12.69 8.87
CA VAL A 574 20.06 -12.26 9.34
C VAL A 574 20.08 -10.81 9.80
N MET A 575 21.07 -10.44 10.61
CA MET A 575 21.21 -9.05 11.05
C MET A 575 21.28 -8.06 9.88
N ALA A 576 21.93 -8.44 8.79
CA ALA A 576 22.07 -7.53 7.65
C ALA A 576 20.77 -7.45 6.87
N ILE A 577 20.01 -8.53 6.91
CA ILE A 577 18.69 -8.55 6.29
C ILE A 577 17.69 -7.63 7.01
N PHE A 578 17.82 -7.52 8.33
CA PHE A 578 16.93 -6.66 9.11
C PHE A 578 17.55 -5.29 9.45
N GLY A 579 18.52 -4.89 8.64
CA GLY A 579 19.13 -3.56 8.75
C GLY A 579 19.93 -3.30 10.00
N GLN A 580 20.37 -4.36 10.68
CA GLN A 580 21.08 -4.23 11.96
C GLN A 580 22.61 -4.15 11.82
N ALA A 581 23.15 -4.82 10.81
CA ALA A 581 24.59 -4.81 10.58
C ALA A 581 24.91 -4.15 9.26
N LYS A 582 26.16 -3.73 9.08
CA LYS A 582 26.62 -3.14 7.83
C LYS A 582 27.52 -4.12 7.06
N PRO A 583 26.95 -4.82 6.07
CA PRO A 583 27.71 -5.83 5.35
C PRO A 583 28.71 -5.16 4.42
N LYS A 584 29.97 -5.59 4.51
CA LYS A 584 31.04 -5.00 3.71
C LYS A 584 31.54 -5.94 2.63
N GLY A 585 31.23 -7.23 2.78
CA GLY A 585 31.78 -8.29 1.96
C GLY A 585 31.87 -8.07 0.47
N THR A 586 33.00 -8.46 -0.11
CA THR A 586 33.13 -8.60 -1.56
C THR A 586 33.62 -10.01 -1.89
N LEU A 587 33.13 -10.52 -3.03
CA LEU A 587 33.44 -11.87 -3.48
C LEU A 587 34.94 -12.20 -3.47
N PRO A 588 35.33 -13.23 -2.69
CA PRO A 588 36.72 -13.69 -2.66
C PRO A 588 36.93 -14.79 -3.68
N VAL A 589 35.92 -15.05 -4.50
CA VAL A 589 36.03 -16.02 -5.59
C VAL A 589 35.18 -15.58 -6.78
N ASP A 590 35.29 -16.31 -7.89
CA ASP A 590 34.51 -16.00 -9.08
C ASP A 590 33.30 -16.93 -9.16
N ILE A 591 32.10 -16.37 -9.19
CA ILE A 591 30.90 -17.17 -9.40
C ILE A 591 30.65 -17.35 -10.90
N PRO A 592 30.81 -18.59 -11.40
CA PRO A 592 30.51 -18.91 -12.80
C PRO A 592 29.01 -18.85 -13.11
N SER A 593 28.70 -18.33 -14.29
CA SER A 593 27.32 -18.25 -14.76
C SER A 593 26.82 -19.64 -15.15
N VAL A 594 25.58 -19.95 -14.80
CA VAL A 594 24.94 -21.21 -15.19
C VAL A 594 24.13 -21.05 -16.47
N THR A 595 23.67 -19.82 -16.72
CA THR A 595 22.76 -19.51 -17.81
C THR A 595 23.50 -19.02 -19.05
N LYS A 596 24.78 -18.66 -18.86
CA LYS A 596 25.64 -18.31 -19.97
C LYS A 596 26.99 -18.95 -19.68
N PRO A 597 27.08 -20.27 -19.89
CA PRO A 597 28.24 -21.10 -19.57
C PRO A 597 29.52 -20.57 -20.22
N GLY A 598 30.60 -20.53 -19.44
CA GLY A 598 31.86 -19.98 -19.91
C GLY A 598 32.12 -18.59 -19.37
N ASN A 599 31.06 -17.88 -18.99
CA ASN A 599 31.22 -16.55 -18.47
C ASN A 599 31.14 -16.53 -16.96
N THR A 600 31.81 -15.57 -16.35
CA THR A 600 31.65 -15.32 -14.93
C THR A 600 30.39 -14.52 -14.76
N LEU A 601 29.63 -14.82 -13.72
CA LEU A 601 28.41 -14.07 -13.42
C LEU A 601 28.76 -12.95 -12.47
N TYR A 602 29.34 -13.30 -11.32
CA TYR A 602 29.81 -12.33 -10.35
C TYR A 602 31.31 -12.50 -10.21
N PRO A 603 32.06 -11.46 -10.55
CA PRO A 603 33.53 -11.57 -10.58
C PRO A 603 34.08 -11.46 -9.17
N LEU A 604 35.37 -11.74 -9.04
CA LEU A 604 36.10 -11.58 -7.80
C LEU A 604 36.10 -10.09 -7.40
N GLY A 605 35.91 -9.81 -6.11
CA GLY A 605 35.90 -8.44 -5.63
C GLY A 605 34.54 -7.74 -5.66
N TYR A 606 33.60 -8.31 -6.40
CA TYR A 606 32.23 -7.76 -6.47
C TYR A 606 31.43 -7.87 -5.15
N GLY A 607 30.72 -6.80 -4.82
CA GLY A 607 29.92 -6.71 -3.61
C GLY A 607 29.14 -5.41 -3.61
N LEU A 608 27.89 -5.43 -3.16
CA LEU A 608 27.05 -4.24 -3.17
C LEU A 608 26.99 -3.48 -1.84
N ASN A 609 26.88 -2.15 -1.93
CA ASN A 609 26.56 -1.36 -0.76
C ASN A 609 25.06 -1.45 -0.50
N ILE A 610 24.71 -2.13 0.59
CA ILE A 610 23.32 -2.48 0.85
C ILE A 610 22.43 -1.24 0.87
N LYS A 611 22.97 -0.12 1.33
CA LYS A 611 22.22 1.14 1.36
C LYS A 611 22.18 1.87 0.01
N THR A 612 23.35 2.24 -0.51
CA THR A 612 23.47 3.01 -1.73
C THR A 612 23.11 2.24 -3.00
N GLY A 613 23.32 0.92 -2.98
CA GLY A 613 22.96 0.09 -4.12
C GLY A 613 24.07 0.00 -5.17
N ARG A 614 25.05 0.87 -5.03
CA ARG A 614 26.19 0.88 -5.94
C ARG A 614 27.27 -0.08 -5.43
N PRO A 615 28.09 -0.64 -6.35
CA PRO A 615 29.18 -1.58 -6.05
C PRO A 615 30.06 -1.05 -4.94
N LEU A 616 30.25 -1.86 -3.91
CA LEU A 616 30.97 -1.45 -2.72
C LEU A 616 32.36 -0.91 -3.06
N ARG B 5 -1.98 18.16 -45.64
CA ARG B 5 -1.92 16.74 -45.31
C ARG B 5 -3.13 16.33 -44.46
N ALA B 6 -3.46 17.17 -43.48
CA ALA B 6 -4.54 16.88 -42.52
C ALA B 6 -5.84 16.46 -43.19
N ILE B 7 -6.27 17.21 -44.20
CA ILE B 7 -7.48 16.87 -44.94
C ILE B 7 -7.23 15.72 -45.90
N ASP B 8 -6.16 15.83 -46.69
CA ASP B 8 -5.77 14.75 -47.60
C ASP B 8 -5.86 13.41 -46.88
N ALA B 9 -5.27 13.34 -45.69
CA ALA B 9 -5.20 12.10 -44.94
C ALA B 9 -6.58 11.56 -44.64
N ASN B 10 -7.47 12.45 -44.19
CA ASN B 10 -8.81 12.06 -43.77
C ASN B 10 -9.68 11.60 -44.94
N GLN B 11 -9.65 12.35 -46.03
CA GLN B 11 -10.33 11.94 -47.25
C GLN B 11 -10.02 10.48 -47.56
N ILE B 12 -8.76 10.10 -47.32
CA ILE B 12 -8.27 8.76 -47.62
C ILE B 12 -8.78 7.73 -46.62
N VAL B 13 -8.67 8.03 -45.34
CA VAL B 13 -9.05 7.08 -44.30
C VAL B 13 -10.53 6.67 -44.40
N ASN B 14 -11.39 7.67 -44.62
CA ASN B 14 -12.82 7.44 -44.73
C ASN B 14 -13.25 6.42 -45.79
N ARG B 15 -12.30 6.03 -46.64
CA ARG B 15 -12.62 5.14 -47.75
C ARG B 15 -12.05 3.75 -47.55
N MET B 16 -11.53 3.51 -46.34
CA MET B 16 -10.89 2.24 -46.05
C MET B 16 -11.76 1.38 -45.15
N SER B 17 -11.79 0.08 -45.42
CA SER B 17 -12.45 -0.87 -44.53
C SER B 17 -11.71 -0.94 -43.21
N LEU B 18 -12.46 -1.10 -42.12
CA LEU B 18 -11.83 -1.23 -40.81
C LEU B 18 -10.66 -2.22 -40.84
N ASP B 19 -10.70 -3.15 -41.79
CA ASP B 19 -9.65 -4.17 -41.89
C ASP B 19 -8.39 -3.61 -42.56
N GLU B 20 -8.59 -2.69 -43.50
CA GLU B 20 -7.48 -2.01 -44.16
C GLU B 20 -6.92 -0.93 -43.24
N LYS B 21 -7.77 -0.45 -42.32
CA LYS B 21 -7.32 0.49 -41.31
C LYS B 21 -6.51 -0.21 -40.23
N LEU B 22 -6.97 -1.37 -39.78
CA LEU B 22 -6.27 -2.12 -38.74
C LEU B 22 -4.93 -2.64 -39.24
N GLY B 23 -4.95 -3.28 -40.40
CA GLY B 23 -3.71 -3.77 -41.01
C GLY B 23 -2.69 -2.65 -41.14
N GLN B 24 -3.18 -1.45 -41.38
CA GLN B 24 -2.32 -0.28 -41.61
C GLN B 24 -1.66 0.22 -40.32
N MET B 25 -1.97 -0.40 -39.18
CA MET B 25 -1.37 -0.02 -37.91
C MET B 25 -0.39 -1.11 -37.47
N LEU B 26 -0.19 -2.07 -38.35
CA LEU B 26 0.70 -3.19 -38.05
C LEU B 26 2.01 -3.08 -38.82
N MET B 27 3.10 -3.43 -38.14
CA MET B 27 4.41 -3.41 -38.75
C MET B 27 5.22 -4.59 -38.22
N PRO B 28 4.99 -5.78 -38.81
CA PRO B 28 5.68 -7.03 -38.48
C PRO B 28 7.09 -7.11 -39.08
N ASP B 29 7.84 -8.12 -38.67
CA ASP B 29 9.16 -8.37 -39.24
C ASP B 29 9.20 -9.73 -39.93
N PHE B 30 9.93 -9.81 -41.03
CA PHE B 30 10.18 -11.10 -41.66
C PHE B 30 11.67 -11.32 -41.77
N ARG B 31 12.28 -11.53 -40.60
CA ARG B 31 13.70 -11.72 -40.47
C ARG B 31 14.07 -13.11 -40.97
N ASN B 32 13.40 -14.12 -40.39
CA ASN B 32 13.59 -15.50 -40.80
C ASN B 32 12.31 -16.11 -41.36
N TRP B 33 12.45 -16.86 -42.46
CA TRP B 33 11.31 -17.49 -43.09
C TRP B 33 11.61 -18.92 -43.49
N GLN B 34 10.84 -19.85 -42.94
CA GLN B 34 10.95 -21.26 -43.29
C GLN B 34 9.96 -21.57 -44.41
N LYS B 35 10.43 -21.61 -45.65
CA LYS B 35 9.57 -21.80 -46.80
C LYS B 35 8.70 -23.06 -46.70
N GLU B 36 7.86 -23.25 -47.71
CA GLU B 36 7.03 -24.45 -47.79
C GLU B 36 7.93 -25.63 -48.14
N GLY B 37 7.85 -26.69 -47.35
CA GLY B 37 8.73 -27.82 -47.53
C GLY B 37 10.20 -27.42 -47.51
N GLU B 38 10.56 -26.62 -46.51
CA GLU B 38 11.97 -26.32 -46.27
C GLU B 38 12.31 -26.78 -44.86
N SER B 39 13.53 -27.28 -44.68
CA SER B 39 13.93 -27.90 -43.42
C SER B 39 13.76 -27.01 -42.18
N SER B 40 14.23 -25.78 -42.28
CA SER B 40 14.17 -24.83 -41.16
C SER B 40 14.02 -23.39 -41.62
N PRO B 41 13.97 -22.44 -40.68
CA PRO B 41 13.86 -21.01 -40.99
C PRO B 41 15.17 -20.47 -41.56
N GLN B 42 15.06 -19.61 -42.57
CA GLN B 42 16.23 -19.02 -43.22
C GLN B 42 16.17 -17.51 -43.19
N ALA B 43 17.34 -16.87 -43.12
CA ALA B 43 17.41 -15.43 -43.28
C ALA B 43 16.71 -15.07 -44.58
N LEU B 44 15.73 -14.18 -44.51
CA LEU B 44 15.01 -13.76 -45.71
C LEU B 44 15.81 -12.69 -46.43
N THR B 45 16.56 -13.09 -47.45
CA THR B 45 17.37 -12.14 -48.22
C THR B 45 16.60 -11.68 -49.44
N LYS B 46 15.61 -12.47 -49.83
CA LYS B 46 14.90 -12.26 -51.08
C LYS B 46 13.42 -12.54 -50.87
N MET B 47 12.57 -11.77 -51.53
CA MET B 47 11.13 -11.93 -51.44
C MET B 47 10.68 -13.29 -51.97
N ASN B 48 9.41 -13.63 -51.72
CA ASN B 48 8.78 -14.83 -52.27
C ASN B 48 7.26 -14.72 -52.16
N ASP B 49 6.55 -15.60 -52.85
CA ASP B 49 5.08 -15.54 -52.93
C ASP B 49 4.39 -15.87 -51.61
N GLU B 50 5.09 -16.57 -50.72
CA GLU B 50 4.51 -16.90 -49.42
C GLU B 50 4.41 -15.65 -48.55
N VAL B 51 5.52 -14.91 -48.45
CA VAL B 51 5.53 -13.69 -47.65
C VAL B 51 4.66 -12.61 -48.30
N ALA B 52 4.84 -12.41 -49.61
CA ALA B 52 4.12 -11.35 -50.32
C ALA B 52 2.61 -11.57 -50.29
N SER B 53 2.19 -12.82 -50.19
CA SER B 53 0.78 -13.13 -50.07
C SER B 53 0.27 -12.51 -48.79
N LEU B 54 0.99 -12.74 -47.70
CA LEU B 54 0.62 -12.20 -46.39
C LEU B 54 0.55 -10.67 -46.40
N VAL B 55 1.35 -10.03 -47.23
CA VAL B 55 1.30 -8.58 -47.34
C VAL B 55 0.03 -8.13 -48.09
N LYS B 56 -0.29 -8.83 -49.17
CA LYS B 56 -1.51 -8.55 -49.92
C LYS B 56 -2.73 -8.78 -49.04
N LYS B 57 -2.64 -9.81 -48.19
CA LYS B 57 -3.76 -10.28 -47.40
C LYS B 57 -4.09 -9.38 -46.20
N TYR B 58 -3.11 -9.17 -45.32
CA TYR B 58 -3.34 -8.37 -44.13
C TYR B 58 -3.05 -6.91 -44.36
N GLN B 59 -2.52 -6.59 -45.54
CA GLN B 59 -2.24 -5.22 -45.92
C GLN B 59 -1.58 -4.42 -44.80
N PHE B 60 -0.37 -4.84 -44.38
CA PHE B 60 0.36 -4.16 -43.30
C PHE B 60 0.69 -2.73 -43.68
N GLY B 61 0.92 -1.90 -42.66
CA GLY B 61 1.24 -0.51 -42.88
C GLY B 61 2.73 -0.30 -43.04
N GLY B 62 3.50 -1.23 -42.49
CA GLY B 62 4.94 -1.13 -42.58
C GLY B 62 5.62 -2.46 -42.36
N ILE B 63 6.86 -2.57 -42.83
CA ILE B 63 7.70 -3.72 -42.55
C ILE B 63 9.00 -3.22 -41.95
N ILE B 64 9.38 -3.78 -40.80
CA ILE B 64 10.66 -3.47 -40.19
C ILE B 64 11.74 -4.48 -40.64
N LEU B 65 12.92 -3.98 -40.99
CA LEU B 65 13.97 -4.81 -41.56
C LEU B 65 15.16 -5.00 -40.60
N PHE B 66 15.79 -6.17 -40.65
CA PHE B 66 16.96 -6.44 -39.81
C PHE B 66 18.24 -6.73 -40.60
N ALA B 67 19.33 -6.96 -39.88
CA ALA B 67 20.63 -7.18 -40.50
C ALA B 67 20.57 -8.30 -41.54
N GLU B 68 19.73 -9.29 -41.30
CA GLU B 68 19.56 -10.43 -42.21
C GLU B 68 18.98 -9.99 -43.54
N ASN B 69 18.10 -8.98 -43.51
CA ASN B 69 17.33 -8.60 -44.68
C ASN B 69 18.12 -7.65 -45.59
N VAL B 70 19.15 -7.03 -45.04
CA VAL B 70 19.94 -6.06 -45.79
C VAL B 70 21.44 -6.38 -45.77
N LYS B 71 21.77 -7.61 -46.16
CA LYS B 71 23.16 -8.06 -46.19
C LYS B 71 24.00 -7.31 -47.22
N THR B 72 23.42 -7.04 -48.39
CA THR B 72 24.14 -6.33 -49.44
C THR B 72 23.27 -5.26 -50.10
N THR B 73 23.93 -4.32 -50.76
CA THR B 73 23.26 -3.20 -51.38
C THR B 73 22.38 -3.63 -52.55
N LYS B 74 22.84 -4.60 -53.33
CA LYS B 74 22.06 -5.10 -54.45
C LYS B 74 20.84 -5.91 -53.99
N GLN B 75 21.02 -6.70 -52.93
CA GLN B 75 19.95 -7.53 -52.40
C GLN B 75 18.87 -6.69 -51.71
N THR B 76 19.30 -5.59 -51.09
CA THR B 76 18.40 -4.73 -50.34
C THR B 76 17.47 -3.94 -51.25
N VAL B 77 18.05 -3.26 -52.23
CA VAL B 77 17.27 -2.49 -53.17
C VAL B 77 16.24 -3.36 -53.88
N GLN B 78 16.54 -4.65 -54.03
CA GLN B 78 15.61 -5.59 -54.63
C GLN B 78 14.49 -5.94 -53.66
N LEU B 79 14.86 -6.35 -52.45
CA LEU B 79 13.87 -6.73 -51.44
C LEU B 79 12.88 -5.61 -51.16
N THR B 80 13.35 -4.36 -51.17
CA THR B 80 12.44 -3.24 -50.95
C THR B 80 11.41 -3.12 -52.07
N ASP B 81 11.87 -3.08 -53.32
CA ASP B 81 10.96 -3.02 -54.45
C ASP B 81 10.01 -4.21 -54.58
N ASP B 82 10.44 -5.39 -54.12
CA ASP B 82 9.57 -6.56 -54.11
C ASP B 82 8.49 -6.44 -53.03
N TYR B 83 8.81 -5.76 -51.93
CA TYR B 83 7.81 -5.47 -50.90
C TYR B 83 6.77 -4.52 -51.46
N GLN B 84 7.23 -3.42 -52.06
CA GLN B 84 6.34 -2.38 -52.59
C GLN B 84 5.40 -2.92 -53.68
N LYS B 85 5.85 -3.93 -54.42
CA LYS B 85 4.96 -4.62 -55.35
C LYS B 85 3.83 -5.32 -54.59
N ALA B 86 4.20 -6.01 -53.51
CA ALA B 86 3.26 -6.80 -52.74
C ALA B 86 2.18 -5.96 -52.10
N SER B 87 2.54 -4.73 -51.70
CA SER B 87 1.62 -3.84 -50.98
C SER B 87 0.51 -3.29 -51.89
N PRO B 88 -0.72 -3.81 -51.71
CA PRO B 88 -1.97 -3.59 -52.45
C PRO B 88 -2.36 -2.14 -52.73
N LYS B 89 -2.49 -1.33 -51.68
CA LYS B 89 -3.09 0.00 -51.83
C LYS B 89 -2.22 1.15 -51.34
N ILE B 90 -1.53 0.96 -50.21
CA ILE B 90 -0.70 2.02 -49.67
C ILE B 90 0.76 1.61 -49.55
N PRO B 91 1.65 2.44 -50.10
CA PRO B 91 3.09 2.24 -49.99
C PRO B 91 3.51 1.86 -48.57
N LEU B 92 4.23 0.75 -48.43
CA LEU B 92 4.71 0.30 -47.13
C LEU B 92 5.69 1.30 -46.52
N MET B 93 5.80 1.28 -45.20
CA MET B 93 6.77 2.11 -44.52
C MET B 93 7.91 1.23 -44.02
N LEU B 94 8.95 1.07 -44.83
CA LEU B 94 10.06 0.18 -44.49
C LEU B 94 11.03 0.82 -43.50
N SER B 95 11.26 0.14 -42.38
CA SER B 95 12.03 0.72 -41.28
C SER B 95 13.23 -0.13 -40.87
N ILE B 96 14.14 0.46 -40.11
CA ILE B 96 15.37 -0.21 -39.72
C ILE B 96 16.09 0.53 -38.59
N ASP B 97 17.00 -0.17 -37.90
CA ASP B 97 17.74 0.42 -36.77
C ASP B 97 19.13 0.90 -37.19
N GLN B 98 19.19 1.75 -38.20
CA GLN B 98 20.47 2.28 -38.67
C GLN B 98 20.89 3.52 -37.87
N GLU B 99 21.31 3.33 -36.62
CA GLU B 99 21.70 4.45 -35.75
C GLU B 99 23.07 5.05 -36.10
N GLY B 100 23.95 4.22 -36.62
CA GLY B 100 25.36 4.57 -36.71
C GLY B 100 26.09 4.04 -35.48
N GLY B 101 27.40 3.88 -35.58
CA GLY B 101 28.17 3.42 -34.43
C GLY B 101 28.06 1.92 -34.23
N ILE B 102 27.93 1.50 -32.98
CA ILE B 102 27.87 0.08 -32.68
C ILE B 102 26.52 -0.57 -32.99
N VAL B 103 25.59 0.21 -33.51
CA VAL B 103 24.32 -0.35 -33.97
C VAL B 103 24.03 0.01 -35.42
N THR B 104 24.54 -0.79 -36.34
CA THR B 104 24.25 -0.61 -37.76
C THR B 104 23.69 -1.92 -38.30
N ARG B 105 23.05 -1.85 -39.48
CA ARG B 105 22.40 -3.03 -40.04
C ARG B 105 22.78 -3.24 -41.51
N LEU B 106 22.85 -2.16 -42.25
CA LEU B 106 23.21 -2.23 -43.66
C LEU B 106 24.53 -2.96 -43.79
N GLY B 107 24.62 -3.81 -44.80
CA GLY B 107 25.81 -4.60 -45.04
C GLY B 107 26.93 -3.81 -45.70
N GLU B 108 26.58 -3.01 -46.71
CA GLU B 108 27.57 -2.28 -47.47
C GLU B 108 27.58 -0.81 -47.10
N GLY B 109 26.80 -0.44 -46.09
CA GLY B 109 26.61 0.95 -45.72
C GLY B 109 27.76 1.58 -44.92
N THR B 110 27.65 2.89 -44.70
CA THR B 110 28.64 3.64 -43.93
C THR B 110 28.33 3.63 -42.44
N ASN B 111 29.06 2.82 -41.68
CA ASN B 111 28.91 2.85 -40.23
C ASN B 111 29.64 4.07 -39.73
N PHE B 112 29.06 4.83 -38.81
CA PHE B 112 29.76 6.02 -38.36
C PHE B 112 30.39 5.79 -37.00
N PRO B 113 30.96 6.83 -36.39
CA PRO B 113 31.63 6.69 -35.08
C PRO B 113 30.65 6.42 -33.96
N GLY B 114 29.41 6.85 -34.13
CA GLY B 114 28.38 6.65 -33.13
C GLY B 114 28.00 7.92 -32.39
N ASN B 115 26.92 7.84 -31.62
CA ASN B 115 26.41 8.99 -30.89
C ASN B 115 27.41 9.60 -29.91
N MET B 116 27.90 8.81 -28.98
CA MET B 116 28.84 9.34 -27.99
C MET B 116 30.05 9.99 -28.67
N ALA B 117 30.39 9.50 -29.86
CA ALA B 117 31.43 10.11 -30.66
C ALA B 117 31.02 11.52 -31.07
N LEU B 118 29.84 11.61 -31.69
CA LEU B 118 29.29 12.91 -32.07
C LEU B 118 29.18 13.87 -30.88
N GLY B 119 29.06 13.31 -29.68
CA GLY B 119 29.02 14.10 -28.47
C GLY B 119 30.38 14.70 -28.21
N ALA B 120 31.40 13.86 -28.34
CA ALA B 120 32.77 14.30 -28.20
C ALA B 120 33.10 15.38 -29.24
N ALA B 121 32.70 15.11 -30.49
CA ALA B 121 32.88 16.06 -31.58
C ALA B 121 32.16 17.36 -31.28
N ARG B 122 30.96 17.23 -30.70
CA ARG B 122 30.18 18.34 -30.15
C ARG B 122 29.46 19.22 -31.18
N SER B 123 30.16 19.57 -32.25
CA SER B 123 29.55 20.40 -33.28
C SER B 123 28.21 19.81 -33.74
N ARG B 124 27.17 20.62 -33.71
CA ARG B 124 25.85 20.15 -34.13
C ARG B 124 25.71 20.00 -35.65
N ILE B 125 26.67 20.56 -36.40
CA ILE B 125 26.69 20.34 -37.84
C ILE B 125 27.04 18.89 -38.15
N ASN B 126 27.97 18.34 -37.39
CA ASN B 126 28.38 16.98 -37.58
C ASN B 126 27.22 16.02 -37.41
N ALA B 127 26.43 16.24 -36.34
CA ALA B 127 25.23 15.45 -36.14
C ALA B 127 24.35 15.51 -37.39
N TYR B 128 24.08 16.72 -37.88
CA TYR B 128 23.20 16.90 -39.04
C TYR B 128 23.74 16.23 -40.30
N GLN B 129 25.06 16.17 -40.42
CA GLN B 129 25.68 15.53 -41.57
C GLN B 129 25.50 14.02 -41.46
N THR B 130 25.61 13.52 -40.23
CA THR B 130 25.50 12.09 -40.00
C THR B 130 24.12 11.58 -40.42
N GLY B 131 23.09 12.33 -40.06
CA GLY B 131 21.74 11.92 -40.39
C GLY B 131 21.48 12.11 -41.87
N SER B 132 22.12 13.12 -42.43
CA SER B 132 21.92 13.47 -43.81
C SER B 132 22.49 12.38 -44.73
N ILE B 133 23.53 11.70 -44.24
CA ILE B 133 24.18 10.65 -45.03
C ILE B 133 23.50 9.29 -44.86
N ILE B 134 23.23 8.91 -43.61
CA ILE B 134 22.41 7.72 -43.36
C ILE B 134 21.10 7.86 -44.14
N GLY B 135 20.59 9.09 -44.20
CA GLY B 135 19.38 9.40 -44.96
C GLY B 135 19.54 9.19 -46.45
N LYS B 136 20.61 9.74 -47.03
CA LYS B 136 20.91 9.51 -48.44
C LYS B 136 20.98 8.02 -48.67
N GLU B 137 21.71 7.32 -47.80
CA GLU B 137 21.95 5.90 -47.97
C GLU B 137 20.65 5.09 -47.86
N LEU B 138 19.90 5.33 -46.80
CA LEU B 138 18.63 4.64 -46.62
C LEU B 138 17.69 4.94 -47.78
N SER B 139 17.64 6.22 -48.18
CA SER B 139 16.78 6.63 -49.28
C SER B 139 17.13 5.93 -50.59
N ALA B 140 18.42 5.71 -50.82
CA ALA B 140 18.90 5.07 -52.04
C ALA B 140 18.58 3.57 -52.10
N LEU B 141 18.48 2.93 -50.94
CA LEU B 141 18.14 1.51 -50.85
C LEU B 141 16.63 1.28 -50.99
N GLY B 142 15.83 2.26 -50.59
CA GLY B 142 14.38 2.12 -50.62
C GLY B 142 13.81 1.94 -49.23
N ILE B 143 14.60 2.31 -48.23
CA ILE B 143 14.14 2.33 -46.85
C ILE B 143 13.73 3.75 -46.54
N ASN B 144 12.57 3.93 -45.90
CA ASN B 144 12.04 5.27 -45.65
C ASN B 144 11.87 5.66 -44.17
N THR B 145 12.13 4.71 -43.27
CA THR B 145 11.99 5.01 -41.86
C THR B 145 13.18 4.48 -41.07
N ASP B 146 13.66 5.29 -40.13
CA ASP B 146 14.84 4.94 -39.35
C ASP B 146 14.61 5.17 -37.86
N PHE B 147 14.73 4.12 -37.06
CA PHE B 147 14.54 4.25 -35.62
C PHE B 147 15.77 4.86 -34.97
N SER B 148 16.07 6.08 -35.40
CA SER B 148 17.11 6.91 -34.81
C SER B 148 16.50 8.29 -34.89
N PRO B 149 16.96 9.25 -34.07
CA PRO B 149 18.05 9.25 -33.10
C PRO B 149 17.70 8.67 -31.75
N VAL B 150 18.66 7.97 -31.16
CA VAL B 150 18.57 7.65 -29.76
C VAL B 150 18.76 8.96 -29.00
N VAL B 151 17.80 9.31 -28.15
CA VAL B 151 17.98 10.48 -27.30
C VAL B 151 17.93 10.10 -25.82
N ASP B 152 18.32 8.85 -25.55
CA ASP B 152 18.50 8.39 -24.18
C ASP B 152 19.73 9.08 -23.62
N ILE B 153 19.80 9.22 -22.30
CA ILE B 153 20.87 9.97 -21.69
C ILE B 153 21.72 9.09 -20.80
N ASN B 154 22.97 8.89 -21.20
CA ASN B 154 23.87 8.06 -20.43
C ASN B 154 24.44 8.82 -19.25
N ASN B 155 23.56 9.09 -18.28
CA ASN B 155 23.93 9.95 -17.16
C ASN B 155 24.44 9.24 -15.91
N ASN B 156 24.43 7.90 -15.92
CA ASN B 156 24.90 7.12 -14.77
C ASN B 156 25.99 6.11 -15.08
N PRO B 157 27.25 6.48 -14.84
CA PRO B 157 28.40 5.59 -15.02
C PRO B 157 28.18 4.21 -14.40
N ASP B 158 27.62 4.16 -13.19
CA ASP B 158 27.42 2.89 -12.51
C ASP B 158 26.30 2.05 -13.13
N ASN B 159 25.71 2.57 -14.21
CA ASN B 159 24.59 1.90 -14.89
C ASN B 159 24.40 2.42 -16.30
N PRO B 160 25.35 2.14 -17.20
CA PRO B 160 25.35 2.70 -18.56
C PRO B 160 24.55 1.83 -19.52
N VAL B 161 23.23 1.80 -19.38
CA VAL B 161 22.42 0.93 -20.21
C VAL B 161 22.55 1.18 -21.70
N ILE B 162 22.72 2.43 -22.10
CA ILE B 162 22.83 2.72 -23.51
C ILE B 162 24.26 3.06 -23.91
N GLY B 163 24.99 3.66 -22.97
CA GLY B 163 26.39 4.01 -23.21
C GLY B 163 26.67 4.76 -24.51
N VAL B 164 27.61 4.23 -25.30
CA VAL B 164 28.07 4.92 -26.51
C VAL B 164 26.99 5.08 -27.60
N ARG B 165 25.80 4.51 -27.39
CA ARG B 165 24.72 4.69 -28.34
C ARG B 165 24.02 6.00 -28.02
N SER B 166 24.51 6.65 -26.96
CA SER B 166 23.95 7.90 -26.47
C SER B 166 24.94 9.06 -26.63
N PHE B 167 24.43 10.19 -27.08
CA PHE B 167 25.24 11.39 -27.27
C PHE B 167 26.06 11.81 -26.04
N SER B 168 25.47 11.71 -24.85
CA SER B 168 26.07 12.36 -23.68
C SER B 168 25.35 12.09 -22.36
N SER B 169 26.01 12.46 -21.27
CA SER B 169 25.44 12.33 -19.93
C SER B 169 24.76 13.63 -19.55
N ASN B 170 24.63 14.51 -20.53
CA ASN B 170 23.99 15.79 -20.30
C ASN B 170 22.74 15.92 -21.17
N ARG B 171 21.66 16.46 -20.62
CA ARG B 171 20.39 16.49 -21.34
C ARG B 171 20.41 17.50 -22.49
N GLU B 172 21.07 18.63 -22.28
CA GLU B 172 21.15 19.64 -23.31
C GLU B 172 21.98 19.20 -24.51
N LEU B 173 23.10 18.54 -24.26
CA LEU B 173 23.94 18.09 -25.36
C LEU B 173 23.23 16.96 -26.11
N THR B 174 22.49 16.15 -25.35
CA THR B 174 21.73 15.06 -25.94
C THR B 174 20.61 15.59 -26.82
N SER B 175 19.83 16.54 -26.30
CA SER B 175 18.64 16.99 -27.01
C SER B 175 19.07 17.71 -28.30
N ARG B 176 20.09 18.55 -28.17
CA ARG B 176 20.62 19.32 -29.29
C ARG B 176 21.09 18.40 -30.43
N LEU B 177 22.04 17.53 -30.11
CA LEU B 177 22.58 16.61 -31.10
C LEU B 177 21.50 15.71 -31.68
N GLY B 178 20.57 15.27 -30.83
CA GLY B 178 19.47 14.44 -31.25
C GLY B 178 18.60 15.25 -32.19
N LEU B 179 18.44 16.51 -31.83
CA LEU B 179 17.65 17.45 -32.60
C LEU B 179 18.13 17.52 -34.02
N TYR B 180 19.45 17.60 -34.20
CA TYR B 180 20.04 17.80 -35.51
C TYR B 180 20.18 16.51 -36.32
N THR B 181 20.45 15.40 -35.64
CA THR B 181 20.46 14.11 -36.32
C THR B 181 19.08 13.91 -36.93
N MET B 182 18.06 14.18 -36.12
CA MET B 182 16.68 14.02 -36.55
C MET B 182 16.44 14.84 -37.80
N LYS B 183 16.73 16.14 -37.73
CA LYS B 183 16.45 17.02 -38.85
C LYS B 183 17.26 16.60 -40.08
N GLY B 184 18.49 16.15 -39.85
CA GLY B 184 19.31 15.60 -40.91
C GLY B 184 18.57 14.53 -41.70
N LEU B 185 18.09 13.51 -40.97
CA LEU B 185 17.33 12.43 -41.57
C LEU B 185 16.11 12.93 -42.33
N GLN B 186 15.39 13.89 -41.75
CA GLN B 186 14.16 14.35 -42.36
C GLN B 186 14.42 14.99 -43.71
N ARG B 187 15.53 15.73 -43.80
CA ARG B 187 15.89 16.46 -45.01
C ARG B 187 16.08 15.53 -46.19
N GLN B 188 16.34 14.26 -45.89
CA GLN B 188 16.48 13.25 -46.92
C GLN B 188 15.14 12.56 -47.17
N ASP B 189 14.09 13.12 -46.59
CA ASP B 189 12.76 12.51 -46.66
C ASP B 189 12.77 11.11 -46.06
N ILE B 190 13.24 11.02 -44.80
CA ILE B 190 13.21 9.77 -44.05
C ILE B 190 12.47 9.96 -42.73
N ALA B 191 11.45 9.14 -42.50
CA ALA B 191 10.74 9.15 -41.23
C ALA B 191 11.73 8.88 -40.11
N SER B 192 11.77 9.79 -39.14
CA SER B 192 12.70 9.67 -38.03
C SER B 192 11.95 9.43 -36.73
N ALA B 193 12.47 8.53 -35.90
CA ALA B 193 11.77 8.16 -34.68
C ALA B 193 12.65 8.29 -33.44
N LEU B 194 12.40 9.30 -32.61
CA LEU B 194 13.08 9.45 -31.33
C LEU B 194 13.00 8.13 -30.57
N LYS B 195 14.13 7.71 -29.99
CA LYS B 195 14.22 6.32 -29.54
C LYS B 195 14.28 6.12 -28.04
N HIS B 196 13.42 5.19 -27.59
CA HIS B 196 13.39 4.67 -26.23
C HIS B 196 12.70 5.58 -25.22
N PHE B 197 11.52 6.06 -25.61
CA PHE B 197 10.65 6.78 -24.70
C PHE B 197 10.19 5.77 -23.66
N PRO B 198 10.16 6.18 -22.38
CA PRO B 198 10.35 7.53 -21.86
C PRO B 198 11.78 7.80 -21.33
N GLY B 199 12.79 7.17 -21.92
CA GLY B 199 14.16 7.42 -21.50
C GLY B 199 14.82 6.20 -20.91
N HIS B 200 15.52 5.44 -21.74
CA HIS B 200 16.08 4.14 -21.35
C HIS B 200 17.43 4.24 -20.65
N GLY B 201 18.07 5.40 -20.73
CA GLY B 201 19.43 5.59 -20.22
C GLY B 201 19.79 5.30 -18.77
N ASP B 202 18.82 5.20 -17.87
CA ASP B 202 19.11 4.90 -16.47
C ASP B 202 18.09 3.94 -15.89
N THR B 203 17.63 3.00 -16.71
CA THR B 203 16.61 2.06 -16.28
C THR B 203 17.21 1.01 -15.36
N ASP B 204 16.56 0.80 -14.23
CA ASP B 204 16.84 -0.35 -13.39
C ASP B 204 16.24 -1.55 -14.12
N VAL B 205 16.25 -2.73 -13.49
CA VAL B 205 15.67 -3.92 -14.10
C VAL B 205 14.87 -4.70 -13.05
N ASP B 206 13.88 -5.45 -13.51
CA ASP B 206 13.12 -6.33 -12.63
C ASP B 206 13.45 -7.76 -12.98
N SER B 207 14.37 -8.35 -12.23
CA SER B 207 14.87 -9.69 -12.50
C SER B 207 13.76 -10.72 -12.59
N HIS B 208 12.65 -10.45 -11.87
CA HIS B 208 11.50 -11.35 -11.86
C HIS B 208 10.81 -11.48 -13.22
N TYR B 209 10.46 -10.36 -13.84
CA TYR B 209 9.72 -10.37 -15.10
C TYR B 209 10.63 -10.19 -16.31
N GLY B 210 11.79 -9.59 -16.10
CA GLY B 210 12.74 -9.33 -17.17
C GLY B 210 12.45 -8.05 -17.94
N LEU B 211 11.77 -7.11 -17.29
CA LEU B 211 11.48 -5.81 -17.88
C LEU B 211 12.32 -4.70 -17.25
N PRO B 212 12.62 -3.65 -18.03
CA PRO B 212 13.26 -2.47 -17.46
C PRO B 212 12.29 -1.73 -16.55
N LEU B 213 12.78 -1.20 -15.44
CA LEU B 213 11.95 -0.46 -14.49
C LEU B 213 12.57 0.90 -14.18
N VAL B 214 11.76 1.95 -14.21
CA VAL B 214 12.23 3.27 -13.81
C VAL B 214 11.65 3.62 -12.46
N SER B 215 12.51 3.85 -11.47
CA SER B 215 12.02 4.11 -10.12
C SER B 215 12.06 5.59 -9.76
N HIS B 216 12.47 6.43 -10.71
CA HIS B 216 12.58 7.86 -10.45
C HIS B 216 11.22 8.54 -10.33
N GLY B 217 11.15 9.55 -9.48
CA GLY B 217 9.94 10.36 -9.35
C GLY B 217 9.77 11.36 -10.48
N GLN B 218 8.55 11.87 -10.63
CA GLN B 218 8.19 12.71 -11.77
C GLN B 218 9.05 13.97 -11.94
N GLU B 219 9.50 14.55 -10.84
CA GLU B 219 10.32 15.75 -10.93
C GLU B 219 11.55 15.42 -11.76
N ARG B 220 12.31 14.44 -11.29
CA ARG B 220 13.48 13.93 -12.00
C ARG B 220 13.13 13.61 -13.45
N LEU B 221 12.15 12.75 -13.65
CA LEU B 221 11.80 12.31 -15.01
C LEU B 221 11.60 13.49 -15.95
N ARG B 222 10.93 14.54 -15.47
CA ARG B 222 10.60 15.66 -16.34
C ARG B 222 11.80 16.59 -16.55
N GLU B 223 12.70 16.62 -15.57
CA GLU B 223 13.94 17.39 -15.69
C GLU B 223 14.94 16.78 -16.67
N VAL B 224 15.09 15.46 -16.59
CA VAL B 224 16.15 14.75 -17.29
C VAL B 224 15.59 13.85 -18.41
N GLU B 225 15.33 12.59 -18.10
CA GLU B 225 14.80 11.63 -19.08
C GLU B 225 13.89 12.21 -20.19
N LEU B 226 12.83 12.91 -19.83
CA LEU B 226 11.85 13.33 -20.84
C LEU B 226 12.24 14.58 -21.62
N TYR B 227 13.23 15.32 -21.11
CA TYR B 227 13.63 16.59 -21.72
C TYR B 227 14.04 16.49 -23.20
N PRO B 228 14.98 15.58 -23.51
CA PRO B 228 15.38 15.39 -24.90
C PRO B 228 14.18 15.13 -25.82
N PHE B 229 13.28 14.23 -25.41
CA PHE B 229 12.10 13.89 -26.19
C PHE B 229 11.19 15.11 -26.42
N GLN B 230 10.93 15.85 -25.35
CA GLN B 230 10.16 17.08 -25.44
C GLN B 230 10.70 18.01 -26.54
N LYS B 231 11.97 18.37 -26.44
CA LYS B 231 12.57 19.33 -27.37
C LYS B 231 12.46 18.87 -28.82
N ALA B 232 12.69 17.58 -29.07
CA ALA B 232 12.60 17.06 -30.43
C ALA B 232 11.15 17.02 -30.90
N ILE B 233 10.24 16.68 -29.99
CA ILE B 233 8.80 16.68 -30.29
C ILE B 233 8.32 18.08 -30.73
N ASP B 234 8.77 19.12 -30.01
CA ASP B 234 8.48 20.49 -30.41
C ASP B 234 9.07 20.82 -31.78
N ALA B 235 10.27 20.32 -32.05
CA ALA B 235 10.97 20.65 -33.28
C ALA B 235 10.43 19.86 -34.46
N GLY B 236 9.42 19.03 -34.22
CA GLY B 236 8.75 18.34 -35.30
C GLY B 236 9.20 16.92 -35.58
N ALA B 237 9.41 16.15 -34.52
CA ALA B 237 9.67 14.73 -34.66
C ALA B 237 8.49 14.05 -35.35
N ASP B 238 8.78 13.04 -36.16
CA ASP B 238 7.76 12.30 -36.90
C ASP B 238 7.17 11.17 -36.07
N MET B 239 8.04 10.34 -35.49
CA MET B 239 7.62 9.19 -34.70
C MET B 239 8.29 9.18 -33.34
N VAL B 240 7.63 8.56 -32.38
CA VAL B 240 8.24 8.27 -31.09
C VAL B 240 8.12 6.79 -30.75
N MET B 241 9.27 6.14 -30.58
CA MET B 241 9.31 4.74 -30.21
C MET B 241 9.34 4.61 -28.69
N THR B 242 8.52 3.71 -28.16
CA THR B 242 8.41 3.58 -26.72
C THR B 242 8.92 2.23 -26.25
N ALA B 243 9.73 2.23 -25.21
CA ALA B 243 10.26 1.00 -24.64
C ALA B 243 9.25 0.37 -23.68
N HIS B 244 9.38 -0.93 -23.46
CA HIS B 244 8.54 -1.61 -22.49
C HIS B 244 9.12 -1.43 -21.10
N VAL B 245 8.97 -0.22 -20.58
CA VAL B 245 9.56 0.11 -19.30
C VAL B 245 8.48 0.30 -18.25
N GLN B 246 8.56 -0.48 -17.19
CA GLN B 246 7.68 -0.26 -16.06
C GLN B 246 7.92 1.13 -15.52
N PHE B 247 6.86 1.91 -15.40
CA PHE B 247 6.97 3.34 -15.23
C PHE B 247 6.02 3.87 -14.13
N PRO B 248 6.28 3.51 -12.87
CA PRO B 248 5.39 3.74 -11.71
C PRO B 248 5.14 5.18 -11.29
N ALA B 249 5.98 6.13 -11.68
CA ALA B 249 5.72 7.52 -11.34
C ALA B 249 4.52 8.08 -12.07
N PHE B 250 4.19 7.51 -13.23
CA PHE B 250 3.10 7.99 -14.06
C PHE B 250 1.94 7.01 -14.19
N ASP B 251 2.22 5.74 -13.94
CA ASP B 251 1.20 4.69 -13.90
C ASP B 251 1.69 3.50 -13.08
N ASP B 252 1.04 3.29 -11.93
CA ASP B 252 1.38 2.15 -11.07
C ASP B 252 0.24 1.12 -11.05
N THR B 253 -0.57 1.14 -12.10
CA THR B 253 -1.54 0.09 -12.37
C THR B 253 -0.84 -1.25 -12.51
N THR B 254 -1.34 -2.28 -11.84
CA THR B 254 -0.76 -3.61 -12.00
C THR B 254 -1.78 -4.56 -12.61
N TYR B 255 -1.29 -5.62 -13.24
CA TYR B 255 -2.13 -6.65 -13.82
C TYR B 255 -1.72 -8.00 -13.30
N LYS B 256 -2.54 -9.02 -13.60
CA LYS B 256 -2.21 -10.38 -13.23
C LYS B 256 -1.44 -11.01 -14.37
N SER B 257 -0.21 -11.43 -14.09
CA SER B 257 0.61 -12.07 -15.10
C SER B 257 -0.11 -13.32 -15.64
N LYS B 258 -0.17 -13.43 -16.97
CA LYS B 258 -0.80 -14.58 -17.60
C LYS B 258 0.15 -15.77 -17.68
N LEU B 259 1.08 -15.82 -16.74
CA LEU B 259 2.13 -16.82 -16.73
C LEU B 259 2.61 -17.09 -15.32
N ASP B 260 2.39 -16.12 -14.43
CA ASP B 260 2.86 -16.22 -13.07
C ASP B 260 1.70 -16.07 -12.09
N GLY B 261 0.69 -15.31 -12.50
CA GLY B 261 -0.41 -14.99 -11.63
C GLY B 261 -0.07 -13.81 -10.74
N SER B 262 1.20 -13.39 -10.76
CA SER B 262 1.68 -12.30 -9.93
C SER B 262 1.23 -10.90 -10.40
N ASP B 263 1.39 -9.92 -9.52
CA ASP B 263 1.00 -8.53 -9.81
C ASP B 263 2.09 -7.76 -10.54
N ILE B 264 2.01 -7.72 -11.86
CA ILE B 264 3.03 -7.10 -12.70
C ILE B 264 2.68 -5.66 -13.06
N LEU B 265 3.63 -4.74 -12.85
CA LEU B 265 3.44 -3.35 -13.26
C LEU B 265 3.21 -3.24 -14.77
N VAL B 266 2.42 -2.25 -15.17
CA VAL B 266 2.10 -2.06 -16.58
C VAL B 266 3.27 -1.39 -17.27
N PRO B 267 3.72 -1.97 -18.38
CA PRO B 267 4.78 -1.35 -19.18
C PRO B 267 4.29 -0.04 -19.80
N ALA B 268 5.18 0.94 -19.92
CA ALA B 268 4.85 2.23 -20.51
C ALA B 268 4.03 2.05 -21.78
N THR B 269 4.48 1.12 -22.62
CA THR B 269 3.86 0.87 -23.91
C THR B 269 2.37 0.54 -23.80
N LEU B 270 2.01 -0.16 -22.73
CA LEU B 270 0.64 -0.66 -22.56
C LEU B 270 -0.21 0.19 -21.61
N SER B 271 0.23 1.41 -21.33
CA SER B 271 -0.45 2.24 -20.36
C SER B 271 -1.09 3.49 -20.99
N LYS B 272 -2.40 3.62 -20.85
CA LYS B 272 -3.08 4.78 -21.39
C LYS B 272 -2.62 6.07 -20.70
N LYS B 273 -2.39 6.00 -19.39
CA LYS B 273 -1.87 7.13 -18.64
C LYS B 273 -0.53 7.61 -19.21
N VAL B 274 0.28 6.66 -19.67
CA VAL B 274 1.60 7.00 -20.19
C VAL B 274 1.59 7.36 -21.68
N MET B 275 1.12 6.45 -22.52
CA MET B 275 1.07 6.69 -23.96
C MET B 275 0.24 7.94 -24.27
N THR B 276 -1.04 7.90 -23.95
CA THR B 276 -1.91 9.02 -24.32
C THR B 276 -1.82 10.20 -23.36
N GLY B 277 -1.98 9.93 -22.07
CA GLY B 277 -1.86 10.97 -21.06
C GLY B 277 -0.57 11.77 -21.13
N LEU B 278 0.58 11.11 -21.02
CA LEU B 278 1.85 11.82 -20.94
C LEU B 278 2.40 12.28 -22.29
N LEU B 279 2.43 11.37 -23.26
CA LEU B 279 3.09 11.65 -24.54
C LEU B 279 2.19 12.43 -25.50
N ARG B 280 0.97 11.96 -25.66
CA ARG B 280 0.04 12.55 -26.62
C ARG B 280 -0.49 13.91 -26.15
N GLN B 281 -0.90 13.99 -24.89
CA GLN B 281 -1.50 15.21 -24.38
C GLN B 281 -0.49 16.17 -23.79
N GLU B 282 -0.01 15.82 -22.61
CA GLU B 282 0.84 16.68 -21.79
CA GLU B 282 0.77 16.75 -21.83
C GLU B 282 2.14 17.10 -22.46
N MET B 283 2.60 16.32 -23.44
CA MET B 283 3.85 16.66 -24.12
C MET B 283 3.60 17.20 -25.52
N GLY B 284 2.40 16.96 -26.04
CA GLY B 284 2.00 17.54 -27.30
C GLY B 284 2.31 16.73 -28.54
N PHE B 285 2.73 15.48 -28.37
CA PHE B 285 3.15 14.70 -29.53
C PHE B 285 1.97 14.28 -30.38
N ASN B 286 1.91 14.78 -31.61
CA ASN B 286 0.86 14.39 -32.54
C ASN B 286 1.36 13.58 -33.74
N GLY B 287 2.61 13.12 -33.65
CA GLY B 287 3.15 12.22 -34.65
C GLY B 287 2.72 10.79 -34.40
N VAL B 288 3.35 9.85 -35.11
CA VAL B 288 3.06 8.44 -34.95
C VAL B 288 3.78 7.89 -33.71
N ILE B 289 3.04 7.23 -32.84
CA ILE B 289 3.64 6.53 -31.72
C ILE B 289 3.84 5.07 -32.10
N VAL B 290 5.04 4.55 -31.86
CA VAL B 290 5.29 3.16 -32.18
C VAL B 290 6.07 2.47 -31.06
N THR B 291 5.82 1.17 -30.89
CA THR B 291 6.31 0.43 -29.74
C THR B 291 7.46 -0.49 -30.07
N ASN B 292 8.23 -0.86 -29.04
CA ASN B 292 9.19 -1.93 -29.16
C ASN B 292 8.46 -3.19 -29.57
N ALA B 293 9.22 -4.18 -30.03
CA ALA B 293 8.62 -5.44 -30.43
C ALA B 293 7.60 -5.92 -29.38
N LEU B 294 6.34 -6.00 -29.79
CA LEU B 294 5.30 -6.46 -28.89
C LEU B 294 5.41 -7.96 -28.61
N ASN B 295 6.20 -8.66 -29.43
CA ASN B 295 6.40 -10.10 -29.28
C ASN B 295 7.66 -10.45 -28.48
N MET B 296 8.28 -9.44 -27.87
CA MET B 296 9.37 -9.67 -26.93
C MET B 296 8.88 -10.62 -25.83
N LYS B 297 9.67 -11.63 -25.49
CA LYS B 297 9.22 -12.72 -24.62
C LYS B 297 8.43 -12.25 -23.40
N ALA B 298 9.08 -11.45 -22.55
CA ALA B 298 8.43 -10.95 -21.33
C ALA B 298 7.01 -10.45 -21.61
N ILE B 299 6.86 -9.61 -22.62
CA ILE B 299 5.55 -9.06 -22.99
C ILE B 299 4.56 -10.13 -23.45
N ALA B 300 4.97 -10.92 -24.43
CA ALA B 300 4.13 -12.00 -24.93
C ALA B 300 3.66 -12.90 -23.78
N ASP B 301 4.60 -13.32 -22.93
CA ASP B 301 4.30 -14.25 -21.86
C ASP B 301 3.41 -13.70 -20.75
N HIS B 302 3.67 -12.47 -20.33
CA HIS B 302 2.98 -11.91 -19.18
C HIS B 302 1.61 -11.29 -19.48
N PHE B 303 1.42 -10.85 -20.74
CA PHE B 303 0.18 -10.18 -21.12
C PHE B 303 -0.58 -10.92 -22.23
N GLY B 304 0.09 -11.86 -22.89
CA GLY B 304 -0.49 -12.54 -24.04
C GLY B 304 -0.25 -11.74 -25.32
N GLN B 305 0.02 -12.42 -26.42
CA GLN B 305 0.28 -11.73 -27.68
C GLN B 305 -0.90 -10.90 -28.18
N GLU B 306 -2.01 -11.56 -28.50
CA GLU B 306 -3.19 -10.85 -28.99
C GLU B 306 -3.61 -9.78 -27.99
N GLU B 307 -3.58 -10.13 -26.71
CA GLU B 307 -4.01 -9.20 -25.65
C GLU B 307 -3.12 -7.95 -25.59
N ALA B 308 -1.81 -8.13 -25.75
CA ALA B 308 -0.86 -7.03 -25.64
C ALA B 308 -1.00 -6.00 -26.75
N VAL B 309 -1.10 -6.46 -27.99
CA VAL B 309 -1.32 -5.56 -29.11
C VAL B 309 -2.59 -4.72 -28.89
N VAL B 310 -3.62 -5.36 -28.35
CA VAL B 310 -4.85 -4.65 -28.10
C VAL B 310 -4.67 -3.61 -27.00
N MET B 311 -4.08 -4.04 -25.88
CA MET B 311 -3.78 -3.11 -24.80
C MET B 311 -2.99 -1.89 -25.31
N ALA B 312 -2.03 -2.13 -26.19
CA ALA B 312 -1.18 -1.07 -26.73
C ALA B 312 -1.97 -0.06 -27.56
N VAL B 313 -2.83 -0.57 -28.45
CA VAL B 313 -3.68 0.28 -29.27
C VAL B 313 -4.69 1.01 -28.39
N LYS B 314 -5.29 0.27 -27.44
CA LYS B 314 -6.16 0.89 -26.46
C LYS B 314 -5.43 2.01 -25.74
N ALA B 315 -4.15 1.80 -25.45
CA ALA B 315 -3.35 2.75 -24.68
C ALA B 315 -2.96 3.98 -25.51
N GLY B 316 -3.01 3.83 -26.83
CA GLY B 316 -2.78 4.98 -27.70
C GLY B 316 -1.75 4.85 -28.81
N VAL B 317 -0.96 3.78 -28.81
CA VAL B 317 0.04 3.63 -29.86
C VAL B 317 -0.65 3.61 -31.23
N ASP B 318 0.05 4.10 -32.25
CA ASP B 318 -0.48 4.15 -33.61
C ASP B 318 -0.04 2.95 -34.43
N ILE B 319 1.18 2.48 -34.16
CA ILE B 319 1.74 1.33 -34.87
C ILE B 319 2.20 0.25 -33.89
N ALA B 320 1.55 -0.90 -33.95
CA ALA B 320 1.98 -2.03 -33.14
C ALA B 320 3.08 -2.73 -33.90
N LEU B 321 4.30 -2.65 -33.36
CA LEU B 321 5.46 -3.24 -34.00
C LEU B 321 5.58 -4.72 -33.69
N MET B 322 5.73 -5.53 -34.73
CA MET B 322 5.90 -6.96 -34.54
C MET B 322 4.84 -7.53 -33.59
N PRO B 323 3.61 -7.69 -34.09
CA PRO B 323 2.47 -8.14 -33.27
C PRO B 323 2.53 -9.63 -32.95
N ALA B 324 3.30 -10.38 -33.74
CA ALA B 324 3.46 -11.81 -33.49
C ALA B 324 4.69 -12.34 -34.19
N SER B 325 5.07 -13.57 -33.87
CA SER B 325 6.25 -14.19 -34.49
C SER B 325 5.80 -15.17 -35.56
N VAL B 326 5.70 -14.70 -36.80
CA VAL B 326 5.25 -15.54 -37.90
C VAL B 326 6.39 -15.82 -38.89
N THR B 327 6.98 -17.01 -38.77
CA THR B 327 8.13 -17.38 -39.58
C THR B 327 7.76 -18.22 -40.81
N SER B 328 6.60 -18.87 -40.76
CA SER B 328 6.15 -19.74 -41.86
C SER B 328 4.71 -19.43 -42.23
N LEU B 329 4.19 -20.14 -43.23
CA LEU B 329 2.78 -19.99 -43.58
C LEU B 329 1.92 -20.79 -42.60
N LYS B 330 2.55 -21.77 -41.95
CA LYS B 330 1.89 -22.55 -40.90
C LYS B 330 1.45 -21.65 -39.76
N GLU B 331 2.17 -20.55 -39.55
CA GLU B 331 1.90 -19.61 -38.46
C GLU B 331 1.10 -18.39 -38.89
N GLU B 332 0.73 -18.34 -40.17
CA GLU B 332 0.09 -17.15 -40.73
C GLU B 332 -1.23 -16.73 -40.05
N GLN B 333 -1.91 -17.69 -39.42
CA GLN B 333 -3.17 -17.38 -38.75
C GLN B 333 -2.97 -16.53 -37.49
N LYS B 334 -1.71 -16.26 -37.14
CA LYS B 334 -1.41 -15.38 -36.01
C LYS B 334 -1.85 -13.95 -36.33
N PHE B 335 -1.50 -13.49 -37.52
CA PHE B 335 -1.86 -12.14 -37.97
C PHE B 335 -3.38 -11.98 -38.04
N ALA B 336 -4.07 -13.05 -38.41
CA ALA B 336 -5.53 -13.04 -38.44
C ALA B 336 -6.08 -12.75 -37.05
N ARG B 337 -5.67 -13.57 -36.08
CA ARG B 337 -6.11 -13.42 -34.70
C ARG B 337 -5.86 -12.03 -34.13
N VAL B 338 -4.66 -11.49 -34.35
CA VAL B 338 -4.31 -10.17 -33.84
C VAL B 338 -5.26 -9.10 -34.38
N ILE B 339 -5.48 -9.09 -35.69
CA ILE B 339 -6.46 -8.19 -36.29
C ILE B 339 -7.87 -8.43 -35.75
N GLN B 340 -8.19 -9.70 -35.49
CA GLN B 340 -9.52 -10.08 -35.00
C GLN B 340 -9.78 -9.56 -33.60
N ALA B 341 -8.76 -9.64 -32.75
CA ALA B 341 -8.85 -9.08 -31.39
C ALA B 341 -9.20 -7.61 -31.47
N LEU B 342 -8.54 -6.90 -32.37
CA LEU B 342 -8.79 -5.48 -32.56
C LEU B 342 -10.20 -5.24 -33.10
N LYS B 343 -10.53 -5.87 -34.23
CA LYS B 343 -11.87 -5.74 -34.80
C LYS B 343 -12.91 -5.88 -33.70
N GLU B 344 -12.69 -6.81 -32.80
CA GLU B 344 -13.65 -7.10 -31.74
C GLU B 344 -13.66 -6.02 -30.67
N ALA B 345 -12.48 -5.64 -30.18
CA ALA B 345 -12.39 -4.61 -29.17
C ALA B 345 -12.98 -3.28 -29.64
N VAL B 346 -13.02 -3.08 -30.95
CA VAL B 346 -13.61 -1.87 -31.53
C VAL B 346 -15.13 -1.98 -31.61
N LYS B 347 -15.61 -3.13 -32.11
CA LYS B 347 -17.05 -3.40 -32.15
C LYS B 347 -17.66 -3.20 -30.77
N ASN B 348 -16.90 -3.57 -29.73
CA ASN B 348 -17.32 -3.45 -28.33
C ASN B 348 -17.29 -2.03 -27.78
N GLY B 349 -16.58 -1.13 -28.45
CA GLY B 349 -16.41 0.22 -27.96
C GLY B 349 -15.31 0.35 -26.92
N ASP B 350 -14.53 -0.71 -26.74
CA ASP B 350 -13.32 -0.62 -25.94
C ASP B 350 -12.35 0.33 -26.61
N ILE B 351 -12.35 0.30 -27.94
CA ILE B 351 -11.55 1.22 -28.73
C ILE B 351 -12.45 1.97 -29.70
N PRO B 352 -12.72 3.26 -29.41
CA PRO B 352 -13.58 4.07 -30.27
C PRO B 352 -13.09 4.05 -31.70
N GLU B 353 -14.02 4.00 -32.66
CA GLU B 353 -13.64 3.98 -34.07
C GLU B 353 -12.84 5.23 -34.43
N GLN B 354 -13.20 6.34 -33.79
CA GLN B 354 -12.52 7.59 -34.07
C GLN B 354 -11.05 7.53 -33.66
N GLN B 355 -10.76 6.77 -32.60
CA GLN B 355 -9.37 6.63 -32.16
C GLN B 355 -8.56 5.91 -33.23
N ILE B 356 -9.16 4.89 -33.84
CA ILE B 356 -8.51 4.19 -34.94
C ILE B 356 -8.31 5.11 -36.14
N ASN B 357 -9.35 5.89 -36.46
CA ASN B 357 -9.28 6.80 -37.60
C ASN B 357 -8.20 7.85 -37.43
N ASN B 358 -8.03 8.34 -36.21
CA ASN B 358 -6.93 9.25 -35.90
C ASN B 358 -5.58 8.60 -36.18
N SER B 359 -5.29 7.50 -35.47
CA SER B 359 -4.05 6.79 -35.62
C SER B 359 -3.71 6.61 -37.10
N VAL B 360 -4.60 5.97 -37.84
CA VAL B 360 -4.35 5.69 -39.25
C VAL B 360 -4.13 6.97 -40.04
N GLU B 361 -4.87 8.02 -39.69
CA GLU B 361 -4.73 9.28 -40.38
C GLU B 361 -3.37 9.91 -40.06
N ARG B 362 -2.73 9.47 -38.97
CA ARG B 362 -1.40 9.93 -38.59
C ARG B 362 -0.30 9.23 -39.39
N ILE B 363 -0.51 7.94 -39.62
CA ILE B 363 0.36 7.15 -40.47
C ILE B 363 0.28 7.67 -41.90
N ILE B 364 -0.94 7.73 -42.45
CA ILE B 364 -1.14 8.22 -43.81
C ILE B 364 -0.64 9.65 -43.98
N SER B 365 -0.62 10.41 -42.89
CA SER B 365 -0.14 11.77 -42.93
C SER B 365 1.39 11.79 -43.00
N LEU B 366 2.01 10.89 -42.23
CA LEU B 366 3.46 10.74 -42.22
C LEU B 366 3.97 10.24 -43.57
N LYS B 367 3.30 9.24 -44.11
CA LYS B 367 3.64 8.71 -45.44
C LYS B 367 3.57 9.78 -46.52
N ILE B 368 2.58 10.66 -46.41
CA ILE B 368 2.46 11.75 -47.37
C ILE B 368 3.55 12.80 -47.14
N LYS B 369 3.88 13.03 -45.87
CA LYS B 369 4.83 14.08 -45.49
C LYS B 369 6.29 13.76 -45.89
N ARG B 370 6.63 12.48 -45.92
CA ARG B 370 7.98 12.07 -46.27
C ARG B 370 8.03 11.49 -47.67
N GLY B 371 7.08 11.89 -48.51
CA GLY B 371 7.03 11.49 -49.91
C GLY B 371 7.00 10.00 -50.21
N MET B 372 6.49 9.20 -49.27
CA MET B 372 6.31 7.78 -49.54
C MET B 372 5.02 7.57 -50.32
N TYR B 373 4.12 8.56 -50.19
CA TYR B 373 2.76 8.46 -50.72
C TYR B 373 2.34 9.79 -51.34
N PRO B 374 2.07 9.78 -52.65
CA PRO B 374 2.19 8.63 -53.54
C PRO B 374 3.66 8.21 -53.69
N ALA B 375 3.90 7.00 -54.19
CA ALA B 375 5.26 6.51 -54.42
C ALA B 375 6.00 7.44 -55.39
N ARG B 376 7.08 8.05 -54.91
CA ARG B 376 7.75 9.10 -55.67
C ARG B 376 8.73 8.62 -56.74
N ASN B 377 9.09 7.34 -56.71
CA ASN B 377 10.07 6.83 -57.67
C ASN B 377 9.44 6.16 -58.89
N SER B 378 10.25 6.00 -59.93
CA SER B 378 9.81 5.36 -61.16
C SER B 378 11.00 4.90 -61.97
N ASP B 379 11.86 4.09 -61.35
CA ASP B 379 13.03 3.52 -62.02
C ASP B 379 13.01 2.01 -61.93
N SER B 380 13.47 1.35 -62.98
CA SER B 380 13.62 -0.10 -62.96
C SER B 380 14.44 -0.49 -61.73
N THR B 381 14.05 -1.59 -61.07
CA THR B 381 14.82 -2.09 -59.93
C THR B 381 16.31 -2.15 -60.27
N LYS B 382 16.62 -2.49 -61.52
CA LYS B 382 18.00 -2.53 -62.00
C LYS B 382 18.67 -1.17 -61.90
N GLU B 383 17.96 -0.14 -62.32
CA GLU B 383 18.48 1.22 -62.27
C GLU B 383 18.66 1.69 -60.84
N LYS B 384 17.68 1.40 -59.98
CA LYS B 384 17.79 1.75 -58.57
C LYS B 384 19.07 1.19 -57.99
N ILE B 385 19.35 -0.08 -58.34
CA ILE B 385 20.54 -0.77 -57.87
C ILE B 385 21.81 -0.04 -58.31
N ALA B 386 21.88 0.29 -59.60
CA ALA B 386 23.02 1.04 -60.12
C ALA B 386 23.24 2.33 -59.34
N LYS B 387 22.21 3.15 -59.23
CA LYS B 387 22.29 4.40 -58.49
C LYS B 387 22.73 4.16 -57.05
N ALA B 388 22.18 3.11 -56.45
CA ALA B 388 22.47 2.80 -55.07
C ALA B 388 23.95 2.44 -54.83
N LYS B 389 24.55 1.67 -55.74
CA LYS B 389 25.94 1.24 -55.58
C LYS B 389 26.95 2.40 -55.61
N LYS B 390 26.60 3.46 -56.34
CA LYS B 390 27.43 4.66 -56.37
C LYS B 390 27.14 5.62 -55.22
N ILE B 391 26.22 5.22 -54.32
CA ILE B 391 25.83 6.06 -53.20
C ILE B 391 26.08 5.43 -51.84
N VAL B 392 25.60 4.21 -51.65
CA VAL B 392 25.77 3.48 -50.40
C VAL B 392 27.20 2.93 -50.26
N GLY B 393 27.93 3.46 -49.29
CA GLY B 393 29.30 3.02 -49.05
C GLY B 393 30.30 3.78 -49.91
N SER B 394 29.83 4.84 -50.57
CA SER B 394 30.64 5.59 -51.52
C SER B 394 31.83 6.32 -50.88
N LYS B 395 32.86 6.54 -51.69
CA LYS B 395 34.11 7.16 -51.24
C LYS B 395 33.86 8.50 -50.54
N GLN B 396 32.93 9.28 -51.08
CA GLN B 396 32.55 10.56 -50.49
C GLN B 396 32.07 10.38 -49.03
N HIS B 397 31.11 9.48 -48.85
CA HIS B 397 30.58 9.16 -47.53
C HIS B 397 31.69 8.69 -46.60
N LEU B 398 32.52 7.77 -47.09
CA LEU B 398 33.63 7.25 -46.32
C LEU B 398 34.60 8.33 -45.85
N LYS B 399 34.82 9.35 -46.67
CA LYS B 399 35.66 10.45 -46.27
C LYS B 399 35.04 11.19 -45.07
N ALA B 400 33.76 11.52 -45.20
CA ALA B 400 33.02 12.18 -44.12
C ALA B 400 33.05 11.35 -42.84
N GLU B 401 32.83 10.05 -42.98
CA GLU B 401 32.91 9.12 -41.85
C GLU B 401 34.27 9.26 -41.21
N LYS B 402 35.29 9.38 -42.05
CA LYS B 402 36.66 9.46 -41.55
C LYS B 402 36.91 10.79 -40.81
N LYS B 403 36.55 11.90 -41.44
CA LYS B 403 36.76 13.22 -40.83
C LYS B 403 36.01 13.34 -39.49
N LEU B 404 34.81 12.76 -39.44
CA LEU B 404 34.00 12.78 -38.22
C LEU B 404 34.60 11.96 -37.09
N ALA B 405 35.02 10.73 -37.40
CA ALA B 405 35.60 9.85 -36.40
C ALA B 405 36.86 10.46 -35.84
N GLU B 406 37.63 11.07 -36.72
CA GLU B 406 38.91 11.67 -36.36
C GLU B 406 38.73 12.96 -35.57
N LYS B 407 37.66 13.70 -35.88
CA LYS B 407 37.36 14.91 -35.12
C LYS B 407 36.96 14.55 -33.69
N ALA B 408 36.35 13.38 -33.53
CA ALA B 408 35.78 12.98 -32.24
C ALA B 408 36.79 12.39 -31.25
N VAL B 409 37.95 11.97 -31.76
CA VAL B 409 38.99 11.44 -30.88
C VAL B 409 39.27 12.46 -29.77
N THR B 410 39.37 11.98 -28.54
CA THR B 410 39.45 12.85 -27.37
C THR B 410 40.75 12.59 -26.62
N VAL B 411 41.63 13.58 -26.60
CA VAL B 411 42.90 13.39 -25.93
C VAL B 411 42.80 13.78 -24.46
N LEU B 412 43.10 12.85 -23.55
CA LEU B 412 42.98 13.12 -22.12
C LEU B 412 44.32 13.34 -21.43
N LYS B 413 45.38 12.75 -21.98
CA LYS B 413 46.75 12.96 -21.48
C LYS B 413 47.75 12.93 -22.61
N ASN B 414 48.80 13.72 -22.47
CA ASN B 414 49.90 13.64 -23.43
C ASN B 414 51.13 14.28 -22.84
N GLU B 415 51.66 13.66 -21.80
CA GLU B 415 52.83 14.16 -21.10
C GLU B 415 54.06 14.15 -21.99
N GLN B 416 54.76 15.28 -22.02
CA GLN B 416 56.02 15.42 -22.76
C GLN B 416 56.00 14.93 -24.21
N HIS B 417 54.88 15.18 -24.91
CA HIS B 417 54.79 14.90 -26.34
C HIS B 417 54.94 13.43 -26.71
N THR B 418 54.57 12.56 -25.77
CA THR B 418 54.56 11.13 -26.07
C THR B 418 53.95 10.93 -27.44
N LEU B 419 52.76 11.51 -27.64
CA LEU B 419 52.12 11.54 -28.95
C LEU B 419 52.52 12.85 -29.62
N PRO B 420 52.64 12.85 -30.95
CA PRO B 420 52.44 11.62 -31.74
C PRO B 420 53.69 10.75 -31.68
N PHE B 421 53.53 9.45 -31.85
CA PHE B 421 54.67 8.56 -32.05
C PHE B 421 55.36 8.95 -33.35
N LYS B 422 56.68 9.03 -33.31
CA LYS B 422 57.47 9.25 -34.51
C LYS B 422 58.53 8.17 -34.56
N PRO B 423 58.21 7.02 -35.19
CA PRO B 423 59.01 5.79 -35.16
C PRO B 423 60.16 5.84 -36.15
N LYS B 424 61.36 5.40 -35.75
CA LYS B 424 62.46 5.22 -36.70
C LYS B 424 62.17 4.03 -37.59
N LYS B 425 62.73 4.01 -38.80
CA LYS B 425 62.65 2.81 -39.63
C LYS B 425 63.14 1.66 -38.76
N GLY B 426 62.48 0.51 -38.87
CA GLY B 426 62.87 -0.67 -38.13
C GLY B 426 62.19 -0.89 -36.79
N SER B 427 61.69 0.19 -36.20
CA SER B 427 60.99 0.13 -34.92
C SER B 427 59.90 -0.94 -34.91
N ARG B 428 59.78 -1.62 -33.78
CA ARG B 428 58.74 -2.60 -33.54
C ARG B 428 57.57 -2.00 -32.74
N ILE B 429 56.36 -2.05 -33.30
CA ILE B 429 55.16 -1.61 -32.60
C ILE B 429 54.38 -2.81 -32.08
N LEU B 430 54.17 -2.87 -30.76
CA LEU B 430 53.34 -3.91 -30.17
C LEU B 430 51.89 -3.45 -30.01
N ILE B 431 50.97 -4.13 -30.71
CA ILE B 431 49.54 -3.82 -30.69
C ILE B 431 48.77 -4.75 -29.76
N VAL B 432 48.09 -4.19 -28.77
CA VAL B 432 47.43 -4.98 -27.73
C VAL B 432 45.98 -4.59 -27.52
N ALA B 433 45.06 -5.41 -28.02
CA ALA B 433 43.63 -5.17 -27.78
C ALA B 433 42.96 -6.43 -27.26
N PRO B 434 41.69 -6.32 -26.87
CA PRO B 434 40.97 -7.48 -26.32
C PRO B 434 40.69 -8.56 -27.37
N TYR B 435 40.30 -8.16 -28.58
CA TYR B 435 39.94 -9.14 -29.60
C TYR B 435 40.77 -9.05 -30.90
N GLU B 436 40.77 -10.13 -31.66
CA GLU B 436 41.57 -10.18 -32.87
C GLU B 436 41.13 -9.15 -33.90
N GLU B 437 39.82 -8.91 -33.99
CA GLU B 437 39.34 -7.96 -34.99
C GLU B 437 39.75 -6.53 -34.66
N GLN B 438 40.12 -6.30 -33.40
CA GLN B 438 40.56 -4.99 -32.95
C GLN B 438 42.06 -4.77 -33.17
N THR B 439 42.87 -5.74 -32.76
CA THR B 439 44.30 -5.68 -33.04
C THR B 439 44.53 -5.69 -34.55
N ALA B 440 43.59 -6.27 -35.30
CA ALA B 440 43.68 -6.31 -36.76
C ALA B 440 43.45 -4.93 -37.36
N SER B 441 42.47 -4.21 -36.82
CA SER B 441 42.12 -2.91 -37.35
C SER B 441 43.29 -1.97 -37.13
N ILE B 442 43.83 -1.97 -35.92
CA ILE B 442 44.98 -1.12 -35.60
C ILE B 442 46.17 -1.43 -36.53
N GLU B 443 46.48 -2.71 -36.65
CA GLU B 443 47.52 -3.20 -37.57
C GLU B 443 47.30 -2.76 -39.02
N GLN B 444 46.10 -3.01 -39.54
CA GLN B 444 45.74 -2.62 -40.91
C GLN B 444 45.91 -1.13 -41.16
N THR B 445 45.73 -0.35 -40.11
CA THR B 445 45.80 1.10 -40.20
C THR B 445 47.25 1.57 -40.19
N ILE B 446 48.05 1.05 -39.27
CA ILE B 446 49.48 1.34 -39.25
C ILE B 446 50.09 0.89 -40.57
N HIS B 447 49.44 -0.10 -41.17
CA HIS B 447 49.95 -0.70 -42.39
C HIS B 447 49.74 0.24 -43.57
N ASP B 448 48.54 0.79 -43.70
CA ASP B 448 48.27 1.78 -44.73
C ASP B 448 49.27 2.94 -44.63
N LEU B 449 49.43 3.47 -43.41
CA LEU B 449 50.38 4.56 -43.17
C LEU B 449 51.76 4.26 -43.74
N ILE B 450 52.19 3.01 -43.64
CA ILE B 450 53.47 2.60 -44.22
C ILE B 450 53.42 2.62 -45.75
N LYS B 451 52.49 1.87 -46.33
CA LYS B 451 52.32 1.83 -47.79
C LYS B 451 52.16 3.23 -48.38
N ARG B 452 51.61 4.16 -47.61
CA ARG B 452 51.45 5.54 -48.07
C ARG B 452 52.65 6.43 -47.72
N LYS B 453 53.69 5.83 -47.15
CA LYS B 453 54.91 6.57 -46.84
C LYS B 453 54.67 7.79 -45.94
N LYS B 454 53.73 7.67 -45.02
CA LYS B 454 53.47 8.72 -44.05
C LYS B 454 54.26 8.46 -42.77
N ILE B 455 54.75 7.23 -42.64
CA ILE B 455 55.65 6.85 -41.55
C ILE B 455 56.70 5.86 -42.05
N LYS B 456 57.84 5.83 -41.38
CA LYS B 456 58.91 4.91 -41.73
C LYS B 456 58.41 3.48 -41.56
N PRO B 457 58.98 2.54 -42.31
CA PRO B 457 58.53 1.15 -42.19
C PRO B 457 58.87 0.59 -40.80
N VAL B 458 57.84 0.11 -40.10
CA VAL B 458 58.03 -0.51 -38.80
C VAL B 458 57.47 -1.92 -38.82
N SER B 459 57.76 -2.69 -37.78
CA SER B 459 57.34 -4.08 -37.68
C SER B 459 56.30 -4.26 -36.58
N LEU B 460 55.24 -5.01 -36.86
CA LEU B 460 54.12 -5.12 -35.93
C LEU B 460 53.86 -6.54 -35.43
N SER B 461 53.65 -6.68 -34.13
CA SER B 461 53.13 -7.93 -33.58
C SER B 461 51.85 -7.65 -32.79
N LYS B 462 51.03 -8.67 -32.56
CA LYS B 462 49.75 -8.48 -31.89
C LYS B 462 49.61 -9.31 -30.61
N MET B 463 48.81 -8.79 -29.69
CA MET B 463 48.54 -9.46 -28.43
C MET B 463 47.07 -9.25 -28.06
N ASN B 464 46.32 -10.33 -28.02
CA ASN B 464 44.88 -10.26 -27.76
C ASN B 464 44.57 -10.82 -26.38
N PHE B 465 44.03 -9.98 -25.50
CA PHE B 465 44.02 -10.32 -24.08
C PHE B 465 42.67 -10.63 -23.44
N ALA B 466 41.58 -10.64 -24.20
CA ALA B 466 40.27 -10.90 -23.57
C ALA B 466 40.27 -12.25 -22.85
N SER B 467 40.00 -12.22 -21.56
CA SER B 467 39.98 -13.44 -20.72
C SER B 467 41.38 -13.91 -20.31
N GLN B 468 42.40 -13.18 -20.75
CA GLN B 468 43.79 -13.56 -20.47
C GLN B 468 44.29 -12.99 -19.15
N VAL B 469 45.44 -13.49 -18.66
CA VAL B 469 46.15 -12.80 -17.59
C VAL B 469 47.56 -12.49 -18.01
N PHE B 470 48.03 -11.32 -17.60
CA PHE B 470 49.37 -10.89 -17.94
C PHE B 470 50.40 -11.78 -17.25
N LYS B 471 51.08 -12.61 -18.03
CA LYS B 471 52.14 -13.47 -17.50
C LYS B 471 53.49 -13.06 -18.08
N THR B 472 54.57 -13.63 -17.55
CA THR B 472 55.93 -13.35 -18.02
C THR B 472 56.05 -13.26 -19.54
N GLU B 473 55.48 -14.25 -20.23
CA GLU B 473 55.54 -14.27 -21.70
C GLU B 473 55.21 -12.90 -22.26
N HIS B 474 54.11 -12.33 -21.77
CA HIS B 474 53.60 -11.07 -22.29
C HIS B 474 54.56 -9.91 -22.00
N GLU B 475 55.23 -9.97 -20.85
CA GLU B 475 56.18 -8.93 -20.47
C GLU B 475 57.46 -8.94 -21.31
N LYS B 476 57.96 -10.13 -21.65
CA LYS B 476 59.10 -10.22 -22.55
C LYS B 476 58.74 -9.61 -23.89
N GLN B 477 57.48 -9.77 -24.28
CA GLN B 477 56.99 -9.25 -25.56
C GLN B 477 56.86 -7.73 -25.54
N VAL B 478 56.84 -7.16 -24.34
CA VAL B 478 56.75 -5.71 -24.17
C VAL B 478 58.14 -5.06 -24.16
N LYS B 479 59.12 -5.74 -23.57
CA LYS B 479 60.51 -5.33 -23.71
C LYS B 479 60.90 -5.26 -25.19
N GLU B 480 60.68 -6.36 -25.92
CA GLU B 480 60.94 -6.40 -27.36
C GLU B 480 60.41 -5.18 -28.09
N ALA B 481 59.23 -4.72 -27.72
CA ALA B 481 58.58 -3.62 -28.42
C ALA B 481 59.34 -2.31 -28.29
N ASP B 482 59.15 -1.43 -29.27
CA ASP B 482 59.69 -0.08 -29.23
C ASP B 482 58.55 0.91 -28.98
N TYR B 483 57.39 0.59 -29.54
CA TYR B 483 56.18 1.38 -29.33
C TYR B 483 55.02 0.47 -28.94
N ILE B 484 54.26 0.88 -27.94
CA ILE B 484 53.11 0.09 -27.51
C ILE B 484 51.78 0.86 -27.58
N ILE B 485 50.85 0.30 -28.34
CA ILE B 485 49.49 0.83 -28.44
C ILE B 485 48.53 -0.16 -27.81
N THR B 486 47.85 0.26 -26.74
CA THR B 486 46.91 -0.63 -26.05
C THR B 486 45.46 -0.14 -26.04
N GLY B 487 44.54 -1.03 -26.37
CA GLY B 487 43.12 -0.71 -26.31
C GLY B 487 42.44 -1.26 -25.07
N SER B 488 41.81 -0.37 -24.30
CA SER B 488 41.04 -0.80 -23.14
C SER B 488 39.58 -0.92 -23.57
N TYR B 489 38.87 -1.89 -22.99
CA TYR B 489 37.48 -2.11 -23.35
C TYR B 489 36.64 -2.42 -22.12
N VAL B 490 35.83 -1.45 -21.68
CA VAL B 490 34.94 -1.71 -20.57
C VAL B 490 33.56 -1.11 -20.78
N VAL B 491 32.61 -1.68 -20.05
CA VAL B 491 31.25 -1.20 -19.98
C VAL B 491 31.06 -0.52 -18.64
N LYS B 492 30.91 -1.30 -17.58
CA LYS B 492 31.00 -0.77 -16.23
C LYS B 492 32.47 -0.87 -15.82
N ASN B 493 32.95 0.08 -15.05
CA ASN B 493 34.34 0.02 -14.61
C ASN B 493 34.48 -0.59 -13.23
N ASP B 494 34.88 -1.86 -13.19
CA ASP B 494 34.95 -2.59 -11.92
C ASP B 494 36.37 -2.97 -11.47
N PRO B 495 37.29 -2.00 -11.44
CA PRO B 495 38.65 -2.26 -10.95
C PRO B 495 38.63 -2.80 -9.53
N VAL B 496 39.43 -3.82 -9.25
CA VAL B 496 39.61 -4.22 -7.86
C VAL B 496 40.40 -3.11 -7.22
N VAL B 497 39.89 -2.58 -6.11
CA VAL B 497 40.47 -1.37 -5.53
C VAL B 497 40.39 -1.40 -4.00
N ASN B 498 41.32 -0.72 -3.34
CA ASN B 498 41.41 -0.78 -1.89
C ASN B 498 41.66 0.59 -1.28
N ASP B 499 40.57 1.32 -1.01
CA ASP B 499 40.68 2.65 -0.44
C ASP B 499 41.31 3.60 -1.44
N GLY B 500 40.78 3.59 -2.66
CA GLY B 500 41.30 4.43 -3.73
C GLY B 500 42.57 3.93 -4.41
N VAL B 501 43.20 2.91 -3.82
CA VAL B 501 44.40 2.34 -4.42
C VAL B 501 44.10 1.09 -5.24
N ILE B 502 44.15 1.20 -6.56
CA ILE B 502 43.91 0.05 -7.42
C ILE B 502 44.91 -1.02 -7.04
N ASP B 503 44.44 -2.27 -6.99
CA ASP B 503 45.30 -3.37 -6.57
C ASP B 503 45.78 -4.18 -7.76
N ASP B 504 47.09 -4.10 -8.03
CA ASP B 504 47.68 -4.73 -9.19
C ASP B 504 48.23 -6.12 -8.87
N THR B 505 48.40 -6.39 -7.56
CA THR B 505 48.84 -7.71 -7.10
C THR B 505 47.71 -8.73 -7.24
N ILE B 506 46.54 -8.26 -7.68
CA ILE B 506 45.41 -9.17 -7.87
C ILE B 506 45.00 -9.27 -9.33
N SER B 507 45.52 -10.29 -10.00
CA SER B 507 45.09 -10.59 -11.35
C SER B 507 44.55 -12.01 -11.45
N ASP B 508 43.41 -12.14 -12.13
CA ASP B 508 42.80 -13.41 -12.43
C ASP B 508 42.13 -13.21 -13.76
N SER B 509 41.76 -14.29 -14.42
CA SER B 509 41.15 -14.19 -15.74
C SER B 509 39.88 -13.34 -15.74
N SER B 510 39.12 -13.39 -14.64
CA SER B 510 37.81 -12.74 -14.61
C SER B 510 37.90 -11.22 -14.67
N LYS B 511 39.03 -10.66 -14.22
CA LYS B 511 39.23 -9.21 -14.15
C LYS B 511 40.03 -8.68 -15.35
N TRP B 512 39.98 -9.40 -16.46
CA TRP B 512 40.87 -9.09 -17.56
C TRP B 512 40.73 -7.68 -18.11
N ALA B 513 39.51 -7.16 -18.18
CA ALA B 513 39.28 -5.87 -18.81
C ALA B 513 39.79 -4.69 -17.99
N THR B 514 40.17 -4.94 -16.74
CA THR B 514 40.75 -3.90 -15.88
C THR B 514 42.21 -4.19 -15.54
N VAL B 515 42.46 -5.41 -15.06
CA VAL B 515 43.81 -5.79 -14.65
C VAL B 515 44.83 -5.90 -15.80
N PHE B 516 44.43 -6.46 -16.93
CA PHE B 516 45.38 -6.77 -18.01
C PHE B 516 46.04 -5.55 -18.63
N PRO B 517 45.24 -4.60 -19.15
CA PRO B 517 45.81 -3.47 -19.87
C PRO B 517 46.66 -2.64 -18.91
N ARG B 518 46.24 -2.59 -17.67
CA ARG B 518 47.00 -1.90 -16.64
C ARG B 518 48.34 -2.59 -16.36
N ALA B 519 48.43 -3.89 -16.68
CA ALA B 519 49.67 -4.64 -16.53
C ALA B 519 50.63 -4.37 -17.69
N VAL B 520 50.07 -4.29 -18.91
CA VAL B 520 50.81 -3.82 -20.06
C VAL B 520 51.47 -2.50 -19.72
N MET B 521 50.68 -1.57 -19.20
CA MET B 521 51.15 -0.22 -18.89
C MET B 521 52.32 -0.20 -17.91
N LYS B 522 52.19 -0.92 -16.80
CA LYS B 522 53.31 -1.03 -15.86
C LYS B 522 54.54 -1.62 -16.53
N ALA B 523 54.31 -2.61 -17.39
CA ALA B 523 55.39 -3.27 -18.11
C ALA B 523 56.13 -2.32 -19.03
N ALA B 524 55.37 -1.45 -19.69
CA ALA B 524 55.93 -0.49 -20.63
C ALA B 524 56.65 0.65 -19.91
N LEU B 525 56.09 1.11 -18.80
CA LEU B 525 56.78 2.12 -18.01
C LEU B 525 58.08 1.53 -17.48
N GLN B 526 57.97 0.30 -16.99
CA GLN B 526 59.10 -0.40 -16.39
C GLN B 526 60.33 -0.36 -17.32
N HIS B 527 60.09 -0.57 -18.60
CA HIS B 527 61.18 -0.61 -19.58
C HIS B 527 61.23 0.66 -20.42
N ASN B 528 60.67 1.74 -19.90
CA ASN B 528 60.75 3.06 -20.51
C ASN B 528 60.23 3.10 -21.94
N LYS B 529 59.08 2.48 -22.19
CA LYS B 529 58.53 2.48 -23.54
C LYS B 529 57.41 3.53 -23.68
N PRO B 530 57.34 4.17 -24.86
CA PRO B 530 56.14 4.93 -25.23
C PRO B 530 54.93 4.03 -25.19
N PHE B 531 53.92 4.47 -24.46
CA PHE B 531 52.69 3.72 -24.28
C PHE B 531 51.53 4.69 -24.28
N VAL B 532 50.68 4.60 -25.30
CA VAL B 532 49.39 5.27 -25.29
C VAL B 532 48.28 4.26 -24.98
N LEU B 533 47.22 4.72 -24.32
CA LEU B 533 46.08 3.87 -23.99
C LEU B 533 44.87 4.36 -24.76
N MET B 534 44.26 3.48 -25.55
CA MET B 534 43.13 3.86 -26.38
C MET B 534 41.83 3.17 -25.91
N SER B 535 40.99 3.88 -25.16
CA SER B 535 39.74 3.27 -24.68
C SER B 535 38.73 3.14 -25.81
N LEU B 536 38.10 1.97 -25.89
CA LEU B 536 37.37 1.58 -27.11
C LEU B 536 35.83 1.68 -26.97
N ARG B 537 35.34 1.71 -25.75
CA ARG B 537 33.91 1.77 -25.50
C ARG B 537 33.57 2.91 -24.53
N ASN B 538 33.21 2.58 -23.30
CA ASN B 538 32.92 3.64 -22.34
C ASN B 538 34.19 4.23 -21.76
N PRO B 539 34.31 5.56 -21.83
CA PRO B 539 35.50 6.31 -21.40
C PRO B 539 35.82 6.13 -19.92
N TYR B 540 35.02 5.37 -19.20
CA TYR B 540 35.20 5.23 -17.76
C TYR B 540 36.54 4.59 -17.41
N ASP B 541 37.02 3.72 -18.30
CA ASP B 541 38.26 2.99 -18.06
C ASP B 541 39.49 3.91 -17.98
N ALA B 542 39.36 5.12 -18.52
CA ALA B 542 40.41 6.13 -18.41
C ALA B 542 40.86 6.45 -16.97
N ALA B 543 40.04 6.11 -15.99
CA ALA B 543 40.41 6.34 -14.59
C ALA B 543 41.42 5.27 -14.14
N ASN B 544 41.56 4.23 -14.94
CA ASN B 544 42.46 3.12 -14.62
C ASN B 544 43.92 3.38 -14.97
N PHE B 545 44.19 4.49 -15.65
CA PHE B 545 45.50 4.72 -16.25
C PHE B 545 46.11 6.08 -15.91
N GLU B 546 46.00 6.46 -14.64
CA GLU B 546 46.54 7.74 -14.18
C GLU B 546 48.06 7.82 -14.29
N GLU B 547 48.72 6.67 -14.31
CA GLU B 547 50.18 6.63 -14.40
C GLU B 547 50.67 6.77 -15.84
N ALA B 548 49.81 6.39 -16.79
CA ALA B 548 50.15 6.49 -18.20
C ALA B 548 50.47 7.94 -18.57
N LYS B 549 51.07 8.13 -19.73
CA LYS B 549 51.50 9.46 -20.16
C LYS B 549 50.81 9.86 -21.46
N ALA B 550 50.14 8.90 -22.09
CA ALA B 550 49.32 9.14 -23.27
C ALA B 550 47.99 8.38 -23.16
N LEU B 551 46.88 9.07 -23.43
CA LEU B 551 45.57 8.50 -23.17
C LEU B 551 44.49 9.10 -24.08
N ILE B 552 43.77 8.24 -24.79
CA ILE B 552 42.74 8.74 -25.68
C ILE B 552 41.49 7.88 -25.68
N ALA B 553 40.37 8.50 -26.04
CA ALA B 553 39.10 7.79 -26.16
C ALA B 553 38.59 7.95 -27.57
N VAL B 554 37.92 6.90 -28.09
CA VAL B 554 37.41 6.93 -29.46
C VAL B 554 35.93 6.54 -29.53
N TYR B 555 35.41 5.97 -28.44
CA TYR B 555 33.99 5.69 -28.29
C TYR B 555 33.39 4.69 -29.30
N GLY B 556 34.17 3.67 -29.65
CA GLY B 556 33.73 2.68 -30.64
C GLY B 556 34.72 1.53 -30.77
N PHE B 557 34.23 0.30 -30.61
CA PHE B 557 35.13 -0.81 -30.39
C PHE B 557 35.13 -1.87 -31.47
N LYS B 558 34.24 -1.76 -32.45
CA LYS B 558 34.21 -2.77 -33.52
C LYS B 558 35.44 -2.64 -34.38
N GLY B 559 35.91 -3.77 -34.92
CA GLY B 559 37.18 -3.80 -35.62
C GLY B 559 37.14 -4.17 -37.08
N TYR B 560 38.10 -5.00 -37.49
CA TYR B 560 38.34 -5.33 -38.89
C TYR B 560 38.15 -6.81 -39.11
N ALA B 561 37.33 -7.18 -40.08
CA ALA B 561 37.01 -8.58 -40.31
C ALA B 561 36.59 -8.87 -41.75
N ASN B 562 36.92 -10.07 -42.22
CA ASN B 562 36.55 -10.50 -43.56
C ASN B 562 36.79 -9.42 -44.60
N GLY B 563 37.81 -8.60 -44.38
CA GLY B 563 38.24 -7.63 -45.36
C GLY B 563 37.58 -6.26 -45.24
N ARG B 564 36.73 -6.09 -44.22
CA ARG B 564 36.03 -4.82 -44.06
C ARG B 564 36.21 -4.20 -42.68
N TYR B 565 36.27 -2.88 -42.65
CA TYR B 565 36.28 -2.11 -41.42
C TYR B 565 34.84 -1.98 -40.90
N LEU B 566 34.63 -2.37 -39.65
CA LEU B 566 33.28 -2.37 -39.09
C LEU B 566 32.96 -1.06 -38.35
N GLN B 567 33.98 -0.23 -38.18
CA GLN B 567 33.80 1.03 -37.49
C GLN B 567 35.04 1.91 -37.66
N PRO B 568 34.84 3.24 -37.71
CA PRO B 568 35.88 4.23 -37.98
C PRO B 568 36.74 4.59 -36.76
N ASN B 569 36.27 4.27 -35.57
CA ASN B 569 36.87 4.80 -34.34
C ASN B 569 38.32 4.38 -34.06
N ILE B 570 38.60 3.08 -34.16
CA ILE B 570 39.95 2.55 -33.93
C ILE B 570 40.96 3.18 -34.89
N PRO B 571 40.69 3.10 -36.20
CA PRO B 571 41.55 3.75 -37.18
C PRO B 571 41.79 5.23 -36.87
N ALA B 572 40.72 5.98 -36.61
CA ALA B 572 40.87 7.39 -36.27
C ALA B 572 41.83 7.58 -35.10
N GLY B 573 41.68 6.75 -34.07
CA GLY B 573 42.59 6.83 -32.94
C GLY B 573 44.03 6.67 -33.40
N VAL B 574 44.25 5.65 -34.22
CA VAL B 574 45.58 5.34 -34.70
C VAL B 574 46.18 6.51 -35.50
N MET B 575 45.40 7.05 -36.42
CA MET B 575 45.83 8.23 -37.19
C MET B 575 46.26 9.39 -36.30
N ALA B 576 45.57 9.60 -35.18
CA ALA B 576 45.88 10.72 -34.31
C ALA B 576 47.13 10.43 -33.50
N ILE B 577 47.38 9.15 -33.25
CA ILE B 577 48.59 8.73 -32.56
C ILE B 577 49.84 8.93 -33.42
N PHE B 578 49.70 8.76 -34.74
CA PHE B 578 50.81 8.94 -35.65
C PHE B 578 50.83 10.31 -36.34
N GLY B 579 50.15 11.27 -35.73
CA GLY B 579 50.18 12.66 -36.17
C GLY B 579 49.48 12.95 -37.49
N GLN B 580 48.62 12.04 -37.93
CA GLN B 580 47.95 12.14 -39.23
C GLN B 580 46.62 12.89 -39.21
N ALA B 581 45.89 12.79 -38.11
CA ALA B 581 44.61 13.46 -37.96
C ALA B 581 44.68 14.50 -36.85
N LYS B 582 43.73 15.45 -36.85
CA LYS B 582 43.65 16.46 -35.81
C LYS B 582 42.46 16.18 -34.87
N PRO B 583 42.74 15.57 -33.70
CA PRO B 583 41.66 15.18 -32.80
C PRO B 583 41.08 16.41 -32.13
N LYS B 584 39.75 16.54 -32.14
CA LYS B 584 39.08 17.71 -31.59
C LYS B 584 38.27 17.35 -30.35
N GLY B 585 37.99 16.06 -30.19
CA GLY B 585 37.08 15.59 -29.16
C GLY B 585 37.19 16.17 -27.76
N THR B 586 36.03 16.46 -27.18
CA THR B 586 35.94 16.74 -25.75
C THR B 586 34.92 15.80 -25.10
N LEU B 587 35.19 15.43 -23.86
CA LEU B 587 34.37 14.49 -23.11
C LEU B 587 32.88 14.83 -23.12
N PRO B 588 32.04 13.92 -23.65
CA PRO B 588 30.59 14.12 -23.65
C PRO B 588 29.98 13.51 -22.40
N VAL B 589 30.83 13.04 -21.47
CA VAL B 589 30.37 12.50 -20.20
C VAL B 589 31.39 12.80 -19.11
N ASP B 590 31.04 12.49 -17.87
CA ASP B 590 31.96 12.70 -16.74
C ASP B 590 32.64 11.39 -16.38
N ILE B 591 33.97 11.37 -16.42
CA ILE B 591 34.73 10.22 -15.94
C ILE B 591 34.98 10.31 -14.44
N PRO B 592 34.32 9.43 -13.67
CA PRO B 592 34.53 9.35 -12.22
C PRO B 592 35.92 8.83 -11.85
N SER B 593 36.51 9.43 -10.82
CA SER B 593 37.81 9.04 -10.31
C SER B 593 37.70 7.71 -9.57
N VAL B 594 38.68 6.84 -9.74
CA VAL B 594 38.72 5.56 -9.03
C VAL B 594 39.60 5.66 -7.79
N THR B 595 40.55 6.59 -7.83
CA THR B 595 41.55 6.75 -6.79
C THR B 595 41.15 7.78 -5.74
N LYS B 596 40.15 8.58 -6.08
CA LYS B 596 39.58 9.54 -5.14
C LYS B 596 38.07 9.48 -5.34
N PRO B 597 37.43 8.42 -4.83
CA PRO B 597 36.01 8.11 -5.01
C PRO B 597 35.13 9.27 -4.59
N GLY B 598 34.12 9.57 -5.40
CA GLY B 598 33.25 10.70 -5.15
C GLY B 598 33.59 11.90 -6.02
N ASN B 599 34.82 11.96 -6.48
CA ASN B 599 35.22 13.07 -7.33
C ASN B 599 35.22 12.69 -8.80
N THR B 600 34.96 13.67 -9.66
CA THR B 600 35.15 13.47 -11.08
C THR B 600 36.63 13.61 -11.37
N LEU B 601 37.14 12.75 -12.26
CA LEU B 601 38.53 12.83 -12.67
C LEU B 601 38.64 13.73 -13.89
N TYR B 602 37.90 13.37 -14.93
CA TYR B 602 37.83 14.18 -16.14
C TYR B 602 36.40 14.65 -16.32
N PRO B 603 36.19 15.97 -16.29
CA PRO B 603 34.83 16.51 -16.32
C PRO B 603 34.30 16.51 -17.75
N LEU B 604 33.00 16.77 -17.88
CA LEU B 604 32.34 16.92 -19.15
C LEU B 604 32.94 18.12 -19.89
N GLY B 605 33.17 17.98 -21.19
CA GLY B 605 33.76 19.06 -21.97
C GLY B 605 35.28 19.08 -22.05
N TYR B 606 35.93 18.36 -21.14
CA TYR B 606 37.40 18.28 -21.13
C TYR B 606 38.01 17.52 -22.35
N GLY B 607 39.09 18.05 -22.87
CA GLY B 607 39.77 17.50 -24.04
C GLY B 607 41.03 18.31 -24.32
N LEU B 608 42.12 17.64 -24.69
CA LEU B 608 43.39 18.33 -24.90
C LEU B 608 43.69 18.66 -26.37
N ASN B 609 44.35 19.78 -26.59
CA ASN B 609 44.94 20.05 -27.90
C ASN B 609 46.23 19.27 -28.04
N ILE B 610 46.21 18.27 -28.92
CA ILE B 610 47.29 17.31 -29.00
C ILE B 610 48.63 17.99 -29.28
N LYS B 611 48.60 19.10 -30.02
CA LYS B 611 49.81 19.86 -30.32
C LYS B 611 50.23 20.80 -29.18
N THR B 612 49.34 21.73 -28.84
CA THR B 612 49.66 22.77 -27.84
C THR B 612 49.71 22.24 -26.41
N GLY B 613 48.97 21.18 -26.12
CA GLY B 613 48.97 20.58 -24.80
C GLY B 613 47.98 21.23 -23.84
N ARG B 614 47.46 22.39 -24.24
CA ARG B 614 46.50 23.09 -23.41
C ARG B 614 45.08 22.60 -23.73
N PRO B 615 44.17 22.69 -22.74
CA PRO B 615 42.78 22.25 -22.87
C PRO B 615 42.13 22.82 -24.12
N LEU B 616 41.55 21.94 -24.92
CA LEU B 616 41.01 22.33 -26.22
C LEU B 616 40.02 23.48 -26.10
N SER C 1 -24.95 0.18 -34.61
CA SER C 1 -25.32 1.40 -35.33
C SER C 1 -24.41 2.57 -34.98
N ALA C 2 -23.68 2.45 -33.87
CA ALA C 2 -22.73 3.49 -33.47
C ALA C 2 -21.66 3.64 -34.54
N SER C 3 -21.42 2.56 -35.28
CA SER C 3 -20.49 2.56 -36.41
C SER C 3 -21.13 3.26 -37.59
N LYS C 4 -22.46 3.29 -37.60
CA LYS C 4 -23.22 4.07 -38.56
C LYS C 4 -22.90 5.56 -38.38
N ARG C 5 -22.93 6.04 -37.14
CA ARG C 5 -22.74 7.48 -36.89
C ARG C 5 -21.29 7.89 -37.11
N ALA C 6 -20.37 7.13 -36.56
CA ALA C 6 -18.94 7.45 -36.60
C ALA C 6 -18.44 7.78 -38.01
N ILE C 7 -18.80 6.95 -38.99
CA ILE C 7 -18.42 7.20 -40.37
C ILE C 7 -19.28 8.30 -40.98
N ASP C 8 -20.60 8.16 -40.84
CA ASP C 8 -21.52 9.18 -41.31
C ASP C 8 -21.01 10.56 -40.94
N ALA C 9 -20.64 10.73 -39.67
CA ALA C 9 -20.22 12.03 -39.15
C ALA C 9 -19.02 12.55 -39.92
N ASN C 10 -18.03 11.67 -40.12
CA ASN C 10 -16.77 12.04 -40.75
C ASN C 10 -16.93 12.40 -42.22
N GLN C 11 -17.67 11.58 -42.95
CA GLN C 11 -18.01 11.89 -44.34
C GLN C 11 -18.51 13.33 -44.45
N ILE C 12 -19.26 13.76 -43.44
CA ILE C 12 -19.87 15.08 -43.43
C ILE C 12 -18.84 16.17 -43.12
N VAL C 13 -18.03 15.95 -42.09
CA VAL C 13 -17.08 16.97 -41.64
C VAL C 13 -16.08 17.32 -42.74
N ASN C 14 -15.57 16.30 -43.43
CA ASN C 14 -14.59 16.47 -44.50
C ASN C 14 -15.04 17.41 -45.62
N ARG C 15 -16.32 17.76 -45.64
CA ARG C 15 -16.86 18.56 -46.73
C ARG C 15 -17.18 19.98 -46.28
N MET C 16 -16.75 20.33 -45.08
CA MET C 16 -17.06 21.62 -44.49
C MET C 16 -15.83 22.53 -44.48
N SER C 17 -16.04 23.80 -44.79
CA SER C 17 -14.97 24.79 -44.65
C SER C 17 -14.62 24.97 -43.19
N LEU C 18 -13.34 25.16 -42.89
CA LEU C 18 -12.91 25.41 -41.52
C LEU C 18 -13.82 26.43 -40.83
N ASP C 19 -14.45 27.30 -41.61
CA ASP C 19 -15.32 28.33 -41.05
C ASP C 19 -16.67 27.75 -40.65
N GLU C 20 -17.16 26.79 -41.42
CA GLU C 20 -18.40 26.08 -41.11
C GLU C 20 -18.14 25.09 -39.98
N LYS C 21 -16.89 24.66 -39.84
CA LYS C 21 -16.50 23.79 -38.74
C LYS C 21 -16.38 24.58 -37.43
N LEU C 22 -15.76 25.75 -37.50
CA LEU C 22 -15.60 26.59 -36.31
C LEU C 22 -16.95 27.11 -35.83
N GLY C 23 -17.75 27.68 -36.73
CA GLY C 23 -19.07 28.15 -36.37
C GLY C 23 -19.89 27.06 -35.69
N GLN C 24 -19.66 25.82 -36.12
CA GLN C 24 -20.41 24.67 -35.62
C GLN C 24 -20.02 24.28 -34.20
N MET C 25 -19.04 24.96 -33.62
CA MET C 25 -18.59 24.69 -32.26
C MET C 25 -19.05 25.82 -31.34
N LEU C 26 -19.81 26.75 -31.91
CA LEU C 26 -20.30 27.90 -31.16
C LEU C 26 -21.79 27.78 -30.84
N MET C 27 -22.14 28.20 -29.63
CA MET C 27 -23.52 28.17 -29.18
C MET C 27 -23.79 29.41 -28.33
N PRO C 28 -24.06 30.54 -29.00
CA PRO C 28 -24.37 31.84 -28.38
C PRO C 28 -25.80 31.90 -27.86
N ASP C 29 -26.10 32.96 -27.13
CA ASP C 29 -27.46 33.22 -26.65
C ASP C 29 -27.99 34.52 -27.23
N PHE C 30 -29.28 34.56 -27.56
CA PHE C 30 -29.93 35.80 -27.94
C PHE C 30 -31.11 36.04 -27.02
N ARG C 31 -30.77 36.36 -25.77
CA ARG C 31 -31.73 36.60 -24.72
C ARG C 31 -32.37 37.96 -24.93
N ASN C 32 -31.52 38.98 -25.04
CA ASN C 32 -31.97 40.33 -25.29
C ASN C 32 -31.43 40.87 -26.61
N TRP C 33 -32.29 41.53 -27.38
CA TRP C 33 -31.90 42.09 -28.66
C TRP C 33 -32.43 43.50 -28.83
N GLN C 34 -31.53 44.45 -29.03
CA GLN C 34 -31.88 45.83 -29.32
C GLN C 34 -31.90 46.04 -30.82
N LYS C 35 -33.10 46.00 -31.41
CA LYS C 35 -33.25 46.09 -32.85
C LYS C 35 -32.58 47.33 -33.46
N GLU C 36 -32.66 47.43 -34.77
CA GLU C 36 -32.14 48.60 -35.48
C GLU C 36 -33.07 49.77 -35.21
N GLY C 37 -32.50 50.88 -34.75
CA GLY C 37 -33.30 52.02 -34.37
C GLY C 37 -34.34 51.65 -33.33
N GLU C 38 -33.92 50.93 -32.30
CA GLU C 38 -34.77 50.69 -31.14
C GLU C 38 -34.09 51.26 -29.91
N SER C 39 -34.88 51.81 -28.99
CA SER C 39 -34.34 52.54 -27.84
C SER C 39 -33.35 51.72 -26.99
N SER C 40 -33.73 50.49 -26.65
CA SER C 40 -32.90 49.63 -25.80
C SER C 40 -33.07 48.15 -26.15
N PRO C 41 -32.35 47.26 -25.43
CA PRO C 41 -32.45 45.81 -25.63
C PRO C 41 -33.78 45.27 -25.13
N GLN C 42 -34.37 44.35 -25.88
CA GLN C 42 -35.64 43.75 -25.51
C GLN C 42 -35.56 42.24 -25.44
N ALA C 43 -36.35 41.65 -24.56
CA ALA C 43 -36.45 40.21 -24.51
C ALA C 43 -36.81 39.73 -25.92
N LEU C 44 -36.01 38.82 -26.47
CA LEU C 44 -36.29 38.30 -27.80
C LEU C 44 -37.33 37.20 -27.72
N THR C 45 -38.59 37.56 -27.98
CA THR C 45 -39.68 36.58 -27.94
C THR C 45 -39.93 36.01 -29.33
N LYS C 46 -39.48 36.75 -30.34
CA LYS C 46 -39.80 36.43 -31.72
C LYS C 46 -38.59 36.69 -32.59
N MET C 47 -38.40 35.84 -33.60
CA MET C 47 -37.28 35.98 -34.53
C MET C 47 -37.35 37.28 -35.31
N ASN C 48 -36.26 37.60 -36.00
CA ASN C 48 -36.20 38.74 -36.91
C ASN C 48 -35.00 38.60 -37.85
N ASP C 49 -34.96 39.42 -38.90
CA ASP C 49 -33.94 39.31 -39.94
C ASP C 49 -32.54 39.70 -39.46
N GLU C 50 -32.46 40.49 -38.39
CA GLU C 50 -31.18 40.89 -37.86
C GLU C 50 -30.48 39.71 -37.20
N VAL C 51 -31.20 39.01 -36.32
CA VAL C 51 -30.64 37.85 -35.66
C VAL C 51 -30.41 36.70 -36.65
N ALA C 52 -31.43 36.40 -37.46
CA ALA C 52 -31.35 35.28 -38.40
C ALA C 52 -30.22 35.46 -39.40
N SER C 53 -29.89 36.70 -39.70
CA SER C 53 -28.79 36.99 -40.60
C SER C 53 -27.52 36.45 -39.98
N LEU C 54 -27.32 36.77 -38.70
CA LEU C 54 -26.16 36.31 -37.96
C LEU C 54 -26.05 34.79 -37.90
N VAL C 55 -27.19 34.11 -37.91
CA VAL C 55 -27.20 32.65 -37.95
C VAL C 55 -26.77 32.11 -39.31
N LYS C 56 -27.26 32.73 -40.38
CA LYS C 56 -26.87 32.37 -41.72
C LYS C 56 -25.38 32.64 -41.93
N LYS C 57 -24.90 33.72 -41.31
CA LYS C 57 -23.55 34.21 -41.53
C LYS C 57 -22.47 33.40 -40.80
N TYR C 58 -22.60 33.27 -39.49
CA TYR C 58 -21.59 32.55 -38.71
C TYR C 58 -21.93 31.07 -38.59
N GLN C 59 -23.11 30.70 -39.06
CA GLN C 59 -23.54 29.30 -39.06
C GLN C 59 -23.23 28.61 -37.74
N PHE C 60 -23.84 29.08 -36.64
CA PHE C 60 -23.63 28.50 -35.31
C PHE C 60 -24.10 27.06 -35.26
N GLY C 61 -23.55 26.31 -34.32
CA GLY C 61 -23.90 24.91 -34.16
C GLY C 61 -25.09 24.74 -33.26
N GLY C 62 -25.31 25.72 -32.39
CA GLY C 62 -26.42 25.67 -31.47
C GLY C 62 -26.82 27.03 -30.94
N ILE C 63 -28.05 27.13 -30.47
CA ILE C 63 -28.51 28.31 -29.75
C ILE C 63 -29.04 27.88 -28.39
N ILE C 64 -28.55 28.53 -27.34
CA ILE C 64 -29.09 28.30 -26.00
C ILE C 64 -30.20 29.30 -25.67
N LEU C 65 -31.29 28.81 -25.09
CA LEU C 65 -32.48 29.63 -24.85
C LEU C 65 -32.70 29.93 -23.36
N PHE C 66 -33.22 31.11 -23.07
CA PHE C 66 -33.52 31.46 -21.67
C PHE C 66 -35.02 31.73 -21.39
N ALA C 67 -35.33 32.04 -20.14
CA ALA C 67 -36.71 32.25 -19.72
C ALA C 67 -37.41 33.28 -20.61
N GLU C 68 -36.65 34.27 -21.09
CA GLU C 68 -37.18 35.33 -21.93
C GLU C 68 -37.64 34.80 -23.28
N ASN C 69 -36.94 33.78 -23.78
CA ASN C 69 -37.17 33.29 -25.14
C ASN C 69 -38.34 32.31 -25.20
N VAL C 70 -38.71 31.75 -24.06
CA VAL C 70 -39.77 30.75 -24.00
C VAL C 70 -40.85 31.11 -22.99
N LYS C 71 -41.39 32.31 -23.13
CA LYS C 71 -42.45 32.81 -22.26
C LYS C 71 -43.75 32.00 -22.39
N THR C 72 -44.10 31.62 -23.61
CA THR C 72 -45.32 30.87 -23.84
C THR C 72 -45.11 29.74 -24.83
N THR C 73 -46.03 28.78 -24.82
CA THR C 73 -45.91 27.59 -25.65
C THR C 73 -46.08 27.90 -27.13
N LYS C 74 -46.96 28.85 -27.44
CA LYS C 74 -47.16 29.25 -28.83
C LYS C 74 -45.98 30.06 -29.38
N GLN C 75 -45.42 30.92 -28.54
CA GLN C 75 -44.29 31.75 -28.93
C GLN C 75 -43.00 30.94 -29.09
N THR C 76 -42.87 29.90 -28.27
CA THR C 76 -41.66 29.07 -28.28
C THR C 76 -41.59 28.20 -29.52
N VAL C 77 -42.67 27.47 -29.79
CA VAL C 77 -42.71 26.60 -30.96
C VAL C 77 -42.45 27.39 -32.25
N GLN C 78 -42.82 28.67 -32.24
CA GLN C 78 -42.55 29.55 -33.38
C GLN C 78 -41.08 29.94 -33.45
N LEU C 79 -40.54 30.44 -32.34
CA LEU C 79 -39.15 30.86 -32.29
C LEU C 79 -38.20 29.74 -32.69
N THR C 80 -38.53 28.52 -32.29
CA THR C 80 -37.68 27.38 -32.67
C THR C 80 -37.66 27.15 -34.18
N ASP C 81 -38.85 27.05 -34.77
CA ASP C 81 -38.95 26.88 -36.23
C ASP C 81 -38.37 28.04 -37.05
N ASP C 82 -38.41 29.25 -36.50
CA ASP C 82 -37.80 30.40 -37.15
C ASP C 82 -36.26 30.32 -37.08
N TYR C 83 -35.74 29.73 -36.01
CA TYR C 83 -34.30 29.48 -35.90
C TYR C 83 -33.89 28.46 -36.96
N GLN C 84 -34.62 27.35 -37.03
CA GLN C 84 -34.30 26.25 -37.95
C GLN C 84 -34.35 26.69 -39.41
N LYS C 85 -35.20 27.66 -39.72
CA LYS C 85 -35.20 28.26 -41.05
C LYS C 85 -33.87 28.97 -41.30
N ALA C 86 -33.43 29.75 -40.32
CA ALA C 86 -32.22 30.55 -40.45
C ALA C 86 -30.97 29.73 -40.64
N SER C 87 -30.92 28.56 -40.01
CA SER C 87 -29.75 27.69 -40.06
C SER C 87 -29.54 27.04 -41.43
N PRO C 88 -28.54 27.53 -42.18
CA PRO C 88 -28.10 27.23 -43.55
C PRO C 88 -27.95 25.76 -43.92
N LYS C 89 -27.14 25.02 -43.17
CA LYS C 89 -26.76 23.67 -43.60
C LYS C 89 -27.04 22.58 -42.58
N ILE C 90 -26.79 22.86 -41.30
CA ILE C 90 -27.00 21.86 -40.26
C ILE C 90 -28.00 22.32 -39.21
N PRO C 91 -29.00 21.48 -38.96
CA PRO C 91 -30.01 21.73 -37.92
C PRO C 91 -29.36 22.20 -36.62
N LEU C 92 -29.82 23.35 -36.10
CA LEU C 92 -29.32 23.90 -34.86
C LEU C 92 -29.59 22.97 -33.69
N MET C 93 -28.79 23.09 -32.65
CA MET C 93 -29.02 22.33 -31.43
C MET C 93 -29.52 23.27 -30.35
N LEU C 94 -30.85 23.41 -30.25
CA LEU C 94 -31.45 24.35 -29.31
C LEU C 94 -31.50 23.82 -27.87
N SER C 95 -30.91 24.58 -26.95
CA SER C 95 -30.71 24.09 -25.59
C SER C 95 -31.34 25.00 -24.53
N ILE C 96 -31.47 24.48 -23.31
CA ILE C 96 -32.13 25.22 -22.24
C ILE C 96 -31.89 24.58 -20.88
N ASP C 97 -32.11 25.34 -19.82
CA ASP C 97 -31.87 24.86 -18.45
C ASP C 97 -33.15 24.37 -17.78
N GLN C 98 -33.85 23.45 -18.42
CA GLN C 98 -35.09 22.91 -17.86
C GLN C 98 -34.83 21.75 -16.89
N GLU C 99 -34.30 22.05 -15.70
CA GLU C 99 -33.96 21.01 -14.72
C GLU C 99 -35.19 20.43 -14.02
N GLY C 100 -36.21 21.27 -13.85
CA GLY C 100 -37.31 20.94 -12.95
C GLY C 100 -37.01 21.55 -11.60
N GLY C 101 -38.05 21.73 -10.78
CA GLY C 101 -37.84 22.30 -9.46
C GLY C 101 -37.67 23.81 -9.49
N ILE C 102 -36.74 24.31 -8.69
CA ILE C 102 -36.54 25.74 -8.60
C ILE C 102 -35.76 26.33 -9.78
N VAL C 103 -35.42 25.49 -10.74
CA VAL C 103 -34.82 25.98 -11.99
C VAL C 103 -35.58 25.49 -13.22
N THR C 104 -36.60 26.25 -13.60
CA THR C 104 -37.34 25.98 -14.82
C THR C 104 -37.34 27.23 -15.69
N ARG C 105 -37.66 27.07 -16.97
CA ARG C 105 -37.59 28.17 -17.92
C ARG C 105 -38.87 28.31 -18.74
N LEU C 106 -39.41 27.17 -19.16
CA LEU C 106 -40.62 27.15 -19.96
C LEU C 106 -41.70 27.91 -19.21
N GLY C 107 -42.49 28.68 -19.96
CA GLY C 107 -43.55 29.48 -19.37
C GLY C 107 -44.79 28.68 -19.04
N GLU C 108 -45.20 27.82 -19.97
CA GLU C 108 -46.42 27.07 -19.80
C GLU C 108 -46.13 25.62 -19.41
N GLY C 109 -44.87 25.30 -19.19
CA GLY C 109 -44.44 23.93 -18.94
C GLY C 109 -44.71 23.39 -17.55
N THR C 110 -44.45 22.10 -17.36
CA THR C 110 -44.64 21.44 -16.08
C THR C 110 -43.40 21.53 -15.20
N ASN C 111 -43.44 22.41 -14.20
CA ASN C 111 -42.34 22.49 -13.24
C ASN C 111 -42.51 21.32 -12.29
N PHE C 112 -41.44 20.61 -11.99
CA PHE C 112 -41.61 19.48 -11.08
C PHE C 112 -41.16 19.82 -9.66
N PRO C 113 -41.14 18.83 -8.76
CA PRO C 113 -40.76 19.08 -7.35
C PRO C 113 -39.28 19.40 -7.22
N GLY C 114 -38.47 18.92 -8.15
CA GLY C 114 -37.04 19.17 -8.12
C GLY C 114 -36.23 17.95 -7.77
N ASN C 115 -34.92 18.05 -7.95
CA ASN C 115 -34.03 16.93 -7.67
C ASN C 115 -34.09 16.41 -6.24
N MET C 116 -33.80 17.28 -5.26
CA MET C 116 -33.81 16.83 -3.87
C MET C 116 -35.15 16.19 -3.50
N ALA C 117 -36.22 16.61 -4.16
CA ALA C 117 -37.52 15.97 -4.00
C ALA C 117 -37.46 14.53 -4.52
N LEU C 118 -36.98 14.36 -5.74
CA LEU C 118 -36.82 13.02 -6.31
C LEU C 118 -35.91 12.15 -5.43
N GLY C 119 -35.02 12.79 -4.67
CA GLY C 119 -34.15 12.08 -3.76
C GLY C 119 -34.96 11.53 -2.63
N ALA C 120 -35.82 12.39 -2.08
CA ALA C 120 -36.73 11.99 -1.01
C ALA C 120 -37.64 10.86 -1.49
N ALA C 121 -38.21 11.03 -2.69
CA ALA C 121 -39.05 10.00 -3.30
C ALA C 121 -38.27 8.70 -3.47
N ARG C 122 -37.00 8.85 -3.86
CA ARG C 122 -36.02 7.76 -3.93
C ARG C 122 -36.18 6.80 -5.10
N SER C 123 -37.40 6.38 -5.39
CA SER C 123 -37.63 5.47 -6.50
C SER C 123 -36.98 5.99 -7.78
N ARG C 124 -36.16 5.15 -8.42
CA ARG C 124 -35.50 5.58 -9.65
C ARG C 124 -36.44 5.60 -10.85
N ILE C 125 -37.62 5.03 -10.72
CA ILE C 125 -38.61 5.15 -11.79
C ILE C 125 -39.14 6.58 -11.88
N ASN C 126 -39.29 7.21 -10.71
CA ASN C 126 -39.77 8.58 -10.67
C ASN C 126 -38.82 9.51 -11.40
N ALA C 127 -37.52 9.36 -11.14
CA ALA C 127 -36.52 10.11 -11.88
C ALA C 127 -36.72 9.94 -13.38
N TYR C 128 -36.80 8.69 -13.84
CA TYR C 128 -36.95 8.39 -15.27
C TYR C 128 -38.23 8.98 -15.87
N GLN C 129 -39.29 9.06 -15.06
CA GLN C 129 -40.55 9.65 -15.51
C GLN C 129 -40.38 11.16 -15.67
N THR C 130 -39.65 11.76 -14.74
CA THR C 130 -39.44 13.20 -14.75
C THR C 130 -38.73 13.64 -16.01
N GLY C 131 -37.71 12.89 -16.39
CA GLY C 131 -36.95 13.24 -17.59
C GLY C 131 -37.76 12.94 -18.83
N SER C 132 -38.57 11.90 -18.73
CA SER C 132 -39.34 11.45 -19.87
C SER C 132 -40.41 12.48 -20.22
N ILE C 133 -40.84 13.24 -19.22
CA ILE C 133 -41.90 14.24 -19.42
C ILE C 133 -41.33 15.60 -19.84
N ILE C 134 -40.29 16.05 -19.15
CA ILE C 134 -39.55 17.23 -19.60
C ILE C 134 -39.12 17.01 -21.04
N GLY C 135 -38.75 15.77 -21.35
CA GLY C 135 -38.38 15.38 -22.69
C GLY C 135 -39.50 15.48 -23.71
N LYS C 136 -40.67 14.93 -23.36
CA LYS C 136 -41.85 15.06 -24.21
C LYS C 136 -42.12 16.54 -24.44
N GLU C 137 -42.09 17.31 -23.35
CA GLU C 137 -42.40 18.73 -23.40
C GLU C 137 -41.39 19.50 -24.25
N LEU C 138 -40.11 19.33 -23.97
CA LEU C 138 -39.07 19.99 -24.75
C LEU C 138 -39.17 19.57 -26.22
N SER C 139 -39.37 18.28 -26.46
CA SER C 139 -39.48 17.76 -27.82
C SER C 139 -40.64 18.38 -28.59
N ALA C 140 -41.74 18.61 -27.90
CA ALA C 140 -42.95 19.18 -28.50
C ALA C 140 -42.79 20.67 -28.87
N LEU C 141 -41.94 21.38 -28.14
CA LEU C 141 -41.67 22.79 -28.40
C LEU C 141 -40.66 22.98 -29.56
N GLY C 142 -39.78 22.00 -29.74
CA GLY C 142 -38.73 22.11 -30.74
C GLY C 142 -37.38 22.37 -30.12
N ILE C 143 -37.27 22.09 -28.83
CA ILE C 143 -35.99 22.15 -28.13
C ILE C 143 -35.44 20.73 -28.08
N ASN C 144 -34.16 20.57 -28.37
CA ASN C 144 -33.57 19.24 -28.47
C ASN C 144 -32.43 18.94 -27.47
N THR C 145 -32.02 19.95 -26.72
CA THR C 145 -30.95 19.76 -25.75
C THR C 145 -31.32 20.37 -24.40
N ASP C 146 -31.01 19.65 -23.33
CA ASP C 146 -31.35 20.08 -21.98
C ASP C 146 -30.16 19.94 -21.04
N PHE C 147 -29.73 21.05 -20.44
CA PHE C 147 -28.62 21.02 -19.51
C PHE C 147 -29.07 20.49 -18.15
N SER C 148 -29.54 19.25 -18.18
CA SER C 148 -29.89 18.48 -16.99
C SER C 148 -29.46 17.09 -17.36
N PRO C 149 -29.21 16.21 -16.38
CA PRO C 149 -29.37 16.29 -14.92
C PRO C 149 -28.20 16.96 -14.21
N VAL C 150 -28.53 17.72 -13.18
CA VAL C 150 -27.51 18.14 -12.24
C VAL C 150 -27.11 16.89 -11.47
N VAL C 151 -25.83 16.57 -11.49
CA VAL C 151 -25.35 15.46 -10.65
C VAL C 151 -24.31 15.96 -9.65
N ASP C 152 -24.43 17.22 -9.26
CA ASP C 152 -23.66 17.78 -8.15
C ASP C 152 -24.17 17.17 -6.86
N ILE C 153 -23.32 17.13 -5.85
CA ILE C 153 -23.69 16.44 -4.62
C ILE C 153 -23.72 17.40 -3.46
N ASN C 154 -24.92 17.62 -2.92
CA ASN C 154 -25.09 18.52 -1.80
C ASN C 154 -24.68 17.87 -0.50
N ASN C 155 -23.37 17.63 -0.36
CA ASN C 155 -22.86 16.85 0.76
C ASN C 155 -22.42 17.67 1.98
N ASN C 156 -22.46 19.00 1.88
CA ASN C 156 -22.04 19.85 2.99
C ASN C 156 -23.06 20.88 3.43
N PRO C 157 -23.82 20.56 4.50
CA PRO C 157 -24.82 21.47 5.08
C PRO C 157 -24.27 22.89 5.29
N ASP C 158 -23.04 22.99 5.78
CA ASP C 158 -22.46 24.30 6.06
C ASP C 158 -22.09 25.07 4.78
N ASN C 159 -22.36 24.46 3.63
CA ASN C 159 -22.03 25.06 2.33
C ASN C 159 -22.83 24.42 1.20
N PRO C 160 -24.14 24.67 1.16
CA PRO C 160 -25.05 24.03 0.20
C PRO C 160 -25.14 24.80 -1.10
N VAL C 161 -24.08 24.83 -1.89
CA VAL C 161 -24.05 25.61 -3.12
C VAL C 161 -25.16 25.25 -4.09
N ILE C 162 -25.51 23.98 -4.18
CA ILE C 162 -26.55 23.58 -5.12
C ILE C 162 -27.86 23.25 -4.41
N GLY C 163 -27.75 22.73 -3.20
CA GLY C 163 -28.93 22.43 -2.39
C GLY C 163 -29.99 21.61 -3.11
N VAL C 164 -31.23 22.09 -3.08
CA VAL C 164 -32.37 21.34 -3.62
C VAL C 164 -32.31 21.07 -5.14
N ARG C 165 -31.32 21.63 -5.83
CA ARG C 165 -31.16 21.35 -7.26
C ARG C 165 -30.39 20.05 -7.40
N SER C 166 -30.00 19.50 -6.25
CA SER C 166 -29.24 18.26 -6.17
C SER C 166 -30.03 17.14 -5.54
N PHE C 167 -29.94 15.95 -6.14
CA PHE C 167 -30.63 14.77 -5.65
C PHE C 167 -30.40 14.45 -4.17
N SER C 168 -29.16 14.62 -3.70
CA SER C 168 -28.78 14.06 -2.40
C SER C 168 -27.37 14.41 -1.92
N SER C 169 -27.11 14.13 -0.65
CA SER C 169 -25.79 14.34 -0.06
C SER C 169 -24.98 13.05 -0.16
N ASN C 170 -25.52 12.09 -0.91
CA ASN C 170 -24.87 10.81 -1.08
C ASN C 170 -24.54 10.59 -2.56
N ARG C 171 -23.35 10.08 -2.85
CA ARG C 171 -22.90 9.96 -4.24
C ARG C 171 -23.67 8.87 -5.00
N GLU C 172 -23.99 7.78 -4.31
CA GLU C 172 -24.73 6.69 -4.94
C GLU C 172 -26.17 7.06 -5.29
N LEU C 173 -26.84 7.78 -4.39
CA LEU C 173 -28.20 8.18 -4.68
C LEU C 173 -28.21 9.23 -5.77
N THR C 174 -27.19 10.08 -5.77
CA THR C 174 -27.06 11.10 -6.80
C THR C 174 -26.80 10.47 -8.17
N SER C 175 -25.86 9.54 -8.24
CA SER C 175 -25.47 9.02 -9.54
C SER C 175 -26.63 8.23 -10.13
N ARG C 176 -27.27 7.43 -9.30
CA ARG C 176 -28.40 6.60 -9.70
C ARG C 176 -29.55 7.43 -10.26
N LEU C 177 -30.06 8.35 -9.45
CA LEU C 177 -31.15 9.21 -9.88
C LEU C 177 -30.78 10.03 -11.10
N GLY C 178 -29.53 10.51 -11.14
CA GLY C 178 -29.05 11.29 -12.28
C GLY C 178 -28.99 10.39 -13.50
N LEU C 179 -28.58 9.16 -13.24
CA LEU C 179 -28.50 8.15 -14.28
C LEU C 179 -29.82 7.99 -15.00
N TYR C 180 -30.90 7.92 -14.22
CA TYR C 180 -32.23 7.66 -14.77
C TYR C 180 -32.92 8.89 -15.35
N THR C 181 -32.68 10.05 -14.75
CA THR C 181 -33.19 11.29 -15.33
C THR C 181 -32.59 11.42 -16.72
N MET C 182 -31.28 11.20 -16.80
CA MET C 182 -30.57 11.27 -18.06
C MET C 182 -31.21 10.35 -19.08
N LYS C 183 -31.34 9.08 -18.73
CA LYS C 183 -31.88 8.11 -19.68
C LYS C 183 -33.31 8.47 -20.07
N GLY C 184 -34.08 8.97 -19.10
CA GLY C 184 -35.41 9.46 -19.37
C GLY C 184 -35.43 10.48 -20.49
N LEU C 185 -34.62 11.52 -20.36
CA LEU C 185 -34.49 12.54 -21.40
C LEU C 185 -34.09 11.94 -22.75
N GLN C 186 -33.14 11.02 -22.74
CA GLN C 186 -32.63 10.49 -23.99
C GLN C 186 -33.73 9.76 -24.76
N ARG C 187 -34.58 9.04 -24.02
CA ARG C 187 -35.65 8.23 -24.61
C ARG C 187 -36.62 9.08 -25.42
N GLN C 188 -36.63 10.38 -25.12
CA GLN C 188 -37.46 11.33 -25.84
C GLN C 188 -36.67 11.96 -26.97
N ASP C 189 -35.48 11.40 -27.22
CA ASP C 189 -34.57 11.96 -28.22
C ASP C 189 -34.21 13.40 -27.86
N ILE C 190 -33.69 13.59 -26.65
CA ILE C 190 -33.21 14.90 -26.20
C ILE C 190 -31.75 14.79 -25.72
N ALA C 191 -30.87 15.58 -26.31
CA ALA C 191 -29.49 15.64 -25.86
C ALA C 191 -29.47 16.01 -24.37
N SER C 192 -28.81 15.19 -23.57
CA SER C 192 -28.75 15.41 -22.13
C SER C 192 -27.31 15.71 -21.71
N ALA C 193 -27.16 16.67 -20.80
CA ALA C 193 -25.83 17.10 -20.41
C ALA C 193 -25.63 17.09 -18.89
N LEU C 194 -24.87 16.13 -18.40
CA LEU C 194 -24.48 16.10 -16.99
C LEU C 194 -23.97 17.46 -16.58
N LYS C 195 -24.40 17.95 -15.42
CA LYS C 195 -24.22 19.36 -15.12
C LYS C 195 -23.26 19.67 -13.98
N HIS C 196 -22.35 20.59 -14.30
CA HIS C 196 -21.41 21.20 -13.36
C HIS C 196 -20.21 20.35 -13.04
N PHE C 197 -19.59 19.81 -14.08
CA PHE C 197 -18.30 19.15 -13.96
C PHE C 197 -17.28 20.21 -13.57
N PRO C 198 -16.38 19.89 -12.64
CA PRO C 198 -16.14 18.59 -12.03
C PRO C 198 -16.80 18.41 -10.67
N GLY C 199 -17.98 19.00 -10.46
CA GLY C 199 -18.70 18.82 -9.21
C GLY C 199 -18.80 20.10 -8.41
N HIS C 200 -19.91 20.81 -8.60
CA HIS C 200 -20.08 22.14 -8.02
C HIS C 200 -20.58 22.13 -6.57
N GLY C 201 -21.10 20.99 -6.12
CA GLY C 201 -21.76 20.87 -4.83
C GLY C 201 -21.06 21.30 -3.54
N ASP C 202 -19.74 21.43 -3.55
CA ASP C 202 -19.01 21.82 -2.33
C ASP C 202 -17.88 22.78 -2.67
N THR C 203 -18.13 23.64 -3.66
CA THR C 203 -17.11 24.58 -4.08
C THR C 203 -16.95 25.72 -3.09
N ASP C 204 -15.71 25.99 -2.70
CA ASP C 204 -15.37 27.20 -1.98
C ASP C 204 -15.46 28.33 -3.01
N VAL C 205 -15.07 29.54 -2.62
CA VAL C 205 -15.09 30.69 -3.53
C VAL C 205 -13.81 31.49 -3.37
N ASP C 206 -13.43 32.20 -4.43
CA ASP C 206 -12.29 33.11 -4.36
C ASP C 206 -12.81 34.53 -4.49
N SER C 207 -12.98 35.19 -3.36
CA SER C 207 -13.58 36.52 -3.32
C SER C 207 -12.85 37.51 -4.19
N HIS C 208 -11.56 37.27 -4.41
CA HIS C 208 -10.71 38.12 -5.24
C HIS C 208 -11.15 38.14 -6.71
N TYR C 209 -11.27 36.98 -7.33
CA TYR C 209 -11.57 36.88 -8.75
C TYR C 209 -13.05 36.63 -9.01
N GLY C 210 -13.75 36.09 -8.02
CA GLY C 210 -15.16 35.79 -8.15
C GLY C 210 -15.43 34.45 -8.82
N LEU C 211 -14.47 33.54 -8.73
CA LEU C 211 -14.63 32.19 -9.28
C LEU C 211 -14.79 31.16 -8.16
N PRO C 212 -15.50 30.06 -8.46
CA PRO C 212 -15.56 28.93 -7.52
C PRO C 212 -14.20 28.23 -7.49
N LEU C 213 -13.80 27.79 -6.29
CA LEU C 213 -12.53 27.11 -6.12
C LEU C 213 -12.74 25.78 -5.38
N VAL C 214 -12.11 24.72 -5.86
CA VAL C 214 -12.17 23.44 -5.17
C VAL C 214 -10.81 23.18 -4.55
N SER C 215 -10.77 23.04 -3.23
CA SER C 215 -9.50 22.85 -2.54
C SER C 215 -9.23 21.39 -2.15
N HIS C 216 -10.16 20.51 -2.49
CA HIS C 216 -10.02 19.10 -2.13
C HIS C 216 -8.92 18.40 -2.93
N GLY C 217 -8.25 17.45 -2.29
CA GLY C 217 -7.26 16.62 -2.95
C GLY C 217 -7.88 15.54 -3.84
N GLN C 218 -7.07 14.97 -4.72
CA GLN C 218 -7.57 14.05 -5.75
C GLN C 218 -8.27 12.81 -5.21
N GLU C 219 -7.86 12.33 -4.05
CA GLU C 219 -8.49 11.14 -3.50
C GLU C 219 -9.98 11.42 -3.25
N ARG C 220 -10.22 12.48 -2.47
CA ARG C 220 -11.57 12.97 -2.24
C ARG C 220 -12.32 13.18 -3.56
N LEU C 221 -11.76 14.00 -4.45
CA LEU C 221 -12.42 14.31 -5.72
C LEU C 221 -12.88 13.06 -6.46
N ARG C 222 -12.04 12.04 -6.48
CA ARG C 222 -12.35 10.85 -7.26
C ARG C 222 -13.34 9.95 -6.54
N GLU C 223 -13.35 10.02 -5.22
CA GLU C 223 -14.31 9.26 -4.42
C GLU C 223 -15.73 9.84 -4.50
N VAL C 224 -15.82 11.16 -4.43
CA VAL C 224 -17.10 11.85 -4.27
C VAL C 224 -17.47 12.66 -5.53
N GLU C 225 -17.08 13.94 -5.56
CA GLU C 225 -17.39 14.80 -6.69
C GLU C 225 -17.47 14.12 -8.08
N LEU C 226 -16.43 13.41 -8.48
CA LEU C 226 -16.37 12.91 -9.86
C LEU C 226 -17.17 11.61 -10.09
N TYR C 227 -17.54 10.94 -9.00
CA TYR C 227 -18.20 9.64 -9.10
C TYR C 227 -19.50 9.65 -9.91
N PRO C 228 -20.43 10.56 -9.57
CA PRO C 228 -21.68 10.65 -10.32
C PRO C 228 -21.43 10.82 -11.82
N PHE C 229 -20.52 11.73 -12.18
CA PHE C 229 -20.17 11.98 -13.58
C PHE C 229 -19.62 10.74 -14.28
N GLN C 230 -18.68 10.07 -13.63
CA GLN C 230 -18.16 8.81 -14.13
C GLN C 230 -19.27 7.83 -14.50
N LYS C 231 -20.12 7.49 -13.54
CA LYS C 231 -21.16 6.50 -13.75
C LYS C 231 -22.07 6.86 -14.93
N ALA C 232 -22.45 8.13 -15.03
CA ALA C 232 -23.32 8.55 -16.13
C ALA C 232 -22.58 8.51 -17.46
N ILE C 233 -21.30 8.88 -17.43
CA ILE C 233 -20.45 8.82 -18.62
C ILE C 233 -20.37 7.40 -19.16
N ASP C 234 -20.20 6.42 -18.28
CA ASP C 234 -20.20 5.01 -18.67
C ASP C 234 -21.55 4.60 -19.25
N ALA C 235 -22.62 5.12 -18.67
CA ALA C 235 -23.96 4.73 -19.07
C ALA C 235 -24.41 5.42 -20.36
N GLY C 236 -23.52 6.24 -20.93
CA GLY C 236 -23.79 6.84 -22.23
C GLY C 236 -24.34 8.25 -22.22
N ALA C 237 -23.78 9.09 -21.35
CA ALA C 237 -24.10 10.50 -21.36
C ALA C 237 -23.72 11.11 -22.72
N ASP C 238 -24.52 12.07 -23.18
CA ASP C 238 -24.30 12.73 -24.47
C ASP C 238 -23.31 13.90 -24.34
N MET C 239 -23.58 14.78 -23.39
CA MET C 239 -22.77 15.97 -23.18
C MET C 239 -22.36 16.08 -21.74
N VAL C 240 -21.24 16.76 -21.51
CA VAL C 240 -20.83 17.14 -20.17
C VAL C 240 -20.56 18.64 -20.11
N MET C 241 -21.30 19.32 -19.24
CA MET C 241 -21.11 20.75 -19.04
C MET C 241 -20.10 21.00 -17.92
N THR C 242 -19.17 21.91 -18.15
CA THR C 242 -18.11 22.14 -17.19
C THR C 242 -18.18 23.54 -16.61
N ALA C 243 -18.07 23.62 -15.28
CA ALA C 243 -18.12 24.90 -14.59
C ALA C 243 -16.74 25.56 -14.62
N HIS C 244 -16.71 26.88 -14.46
CA HIS C 244 -15.47 27.61 -14.36
C HIS C 244 -14.97 27.54 -12.93
N VAL C 245 -14.48 26.37 -12.56
CA VAL C 245 -14.03 26.13 -11.21
C VAL C 245 -12.51 25.98 -11.16
N GLN C 246 -11.87 26.83 -10.39
CA GLN C 246 -10.45 26.68 -10.14
C GLN C 246 -10.23 25.33 -9.48
N PHE C 247 -9.33 24.53 -10.06
CA PHE C 247 -9.26 23.12 -9.75
C PHE C 247 -7.80 22.66 -9.56
N PRO C 248 -7.16 23.12 -8.48
CA PRO C 248 -5.71 22.95 -8.23
C PRO C 248 -5.20 21.52 -8.00
N ALA C 249 -6.06 20.57 -7.67
CA ALA C 249 -5.59 19.20 -7.47
C ALA C 249 -5.19 18.55 -8.78
N PHE C 250 -5.76 19.03 -9.87
CA PHE C 250 -5.50 18.46 -11.20
C PHE C 250 -4.76 19.41 -12.14
N ASP C 251 -4.83 20.70 -11.86
CA ASP C 251 -4.08 21.72 -12.59
C ASP C 251 -3.91 22.97 -11.74
N ASP C 252 -2.68 23.25 -11.35
CA ASP C 252 -2.37 24.45 -10.59
C ASP C 252 -1.56 25.46 -11.41
N THR C 253 -1.67 25.34 -12.73
CA THR C 253 -1.17 26.35 -13.65
C THR C 253 -1.81 27.70 -13.37
N THR C 254 -1.01 28.75 -13.28
CA THR C 254 -1.58 30.08 -13.11
C THR C 254 -1.28 30.96 -14.32
N TYR C 255 -2.09 32.00 -14.51
CA TYR C 255 -1.88 32.94 -15.58
C TYR C 255 -1.87 34.34 -15.01
N LYS C 256 -1.51 35.31 -15.86
CA LYS C 256 -1.54 36.70 -15.45
C LYS C 256 -2.91 37.26 -15.81
N SER C 257 -3.63 37.73 -14.80
CA SER C 257 -4.94 38.34 -15.05
C SER C 257 -4.81 39.52 -16.00
N LYS C 258 -5.66 39.54 -17.03
CA LYS C 258 -5.65 40.63 -18.00
C LYS C 258 -6.44 41.83 -17.48
N LEU C 259 -6.48 41.98 -16.16
CA LEU C 259 -7.29 43.01 -15.52
C LEU C 259 -6.67 43.38 -14.18
N ASP C 260 -5.87 42.49 -13.63
CA ASP C 260 -5.31 42.69 -12.30
C ASP C 260 -3.80 42.57 -12.37
N GLY C 261 -3.31 41.77 -13.29
CA GLY C 261 -1.90 41.47 -13.38
C GLY C 261 -1.52 40.36 -12.42
N SER C 262 -2.46 39.98 -11.55
CA SER C 262 -2.22 38.95 -10.54
C SER C 262 -2.18 37.52 -11.10
N ASP C 263 -1.67 36.59 -10.28
CA ASP C 263 -1.54 35.18 -10.66
C ASP C 263 -2.81 34.39 -10.40
N ILE C 264 -3.64 34.25 -11.42
CA ILE C 264 -4.93 33.61 -11.29
C ILE C 264 -4.89 32.14 -11.71
N LEU C 265 -5.42 31.26 -10.85
CA LEU C 265 -5.50 29.84 -11.18
C LEU C 265 -6.36 29.63 -12.43
N VAL C 266 -6.03 28.60 -13.19
CA VAL C 266 -6.75 28.29 -14.42
C VAL C 266 -8.05 27.60 -14.09
N PRO C 267 -9.16 28.12 -14.61
CA PRO C 267 -10.48 27.48 -14.43
C PRO C 267 -10.49 26.12 -15.13
N ALA C 268 -11.22 25.16 -14.57
CA ALA C 268 -11.33 23.82 -15.15
C ALA C 268 -11.59 23.89 -16.65
N THR C 269 -12.52 24.76 -17.02
CA THR C 269 -12.94 24.91 -18.39
C THR C 269 -11.77 25.20 -19.32
N LEU C 270 -10.80 25.97 -18.84
CA LEU C 270 -9.69 26.45 -19.68
C LEU C 270 -8.40 25.64 -19.51
N SER C 271 -8.50 24.45 -18.94
CA SER C 271 -7.32 23.66 -18.62
C SER C 271 -7.25 22.37 -19.43
N LYS C 272 -6.18 22.20 -20.19
CA LYS C 272 -6.01 21.00 -20.99
C LYS C 272 -5.85 19.76 -20.09
N LYS C 273 -5.16 19.95 -18.96
CA LYS C 273 -4.98 18.88 -17.99
C LYS C 273 -6.33 18.41 -17.45
N VAL C 274 -7.28 19.34 -17.32
CA VAL C 274 -8.59 19.00 -16.77
C VAL C 274 -9.58 18.54 -17.84
N MET C 275 -9.80 19.36 -18.86
CA MET C 275 -10.74 19.03 -19.92
C MET C 275 -10.32 17.74 -20.61
N THR C 276 -9.17 17.76 -21.28
CA THR C 276 -8.74 16.60 -22.04
C THR C 276 -8.13 15.50 -21.19
N GLY C 277 -7.15 15.86 -20.38
CA GLY C 277 -6.52 14.88 -19.48
C GLY C 277 -7.50 14.11 -18.60
N LEU C 278 -8.28 14.80 -17.80
CA LEU C 278 -9.14 14.14 -16.82
C LEU C 278 -10.44 13.61 -17.41
N LEU C 279 -11.15 14.43 -18.17
CA LEU C 279 -12.49 14.09 -18.64
C LEU C 279 -12.46 13.23 -19.90
N ARG C 280 -11.67 13.66 -20.88
CA ARG C 280 -11.64 12.99 -22.16
C ARG C 280 -10.89 11.65 -22.10
N GLN C 281 -9.74 11.63 -21.44
CA GLN C 281 -8.91 10.43 -21.39
C GLN C 281 -9.23 9.54 -20.20
N GLU C 282 -8.80 10.01 -19.03
CA GLU C 282 -8.85 9.24 -17.80
C GLU C 282 -10.25 8.78 -17.38
N MET C 283 -11.28 9.50 -17.84
CA MET C 283 -12.65 9.15 -17.48
C MET C 283 -13.38 8.50 -18.64
N GLY C 284 -12.86 8.66 -19.84
CA GLY C 284 -13.41 7.99 -20.99
C GLY C 284 -14.51 8.72 -21.73
N PHE C 285 -14.74 10.00 -21.40
CA PHE C 285 -15.84 10.71 -22.03
C PHE C 285 -15.56 11.05 -23.49
N ASN C 286 -16.33 10.45 -24.39
CA ASN C 286 -16.21 10.76 -25.81
C ASN C 286 -17.41 11.50 -26.40
N GLY C 287 -18.25 12.03 -25.53
CA GLY C 287 -19.37 12.83 -25.95
C GLY C 287 -18.93 14.27 -26.15
N VAL C 288 -19.90 15.16 -26.33
CA VAL C 288 -19.62 16.58 -26.48
C VAL C 288 -19.33 17.24 -25.14
N ILE C 289 -18.20 17.93 -25.04
CA ILE C 289 -17.91 18.73 -23.85
C ILE C 289 -18.36 20.15 -24.11
N VAL C 290 -19.09 20.73 -23.16
CA VAL C 290 -19.53 22.10 -23.32
C VAL C 290 -19.37 22.89 -22.01
N THR C 291 -19.10 24.19 -22.15
CA THR C 291 -18.69 25.01 -21.02
C THR C 291 -19.78 25.94 -20.55
N ASN C 292 -19.65 26.39 -19.30
CA ASN C 292 -20.47 27.49 -18.82
C ASN C 292 -20.25 28.70 -19.71
N ALA C 293 -21.15 29.67 -19.61
CA ALA C 293 -21.02 30.89 -20.39
C ALA C 293 -19.59 31.41 -20.33
N LEU C 294 -18.93 31.42 -21.48
CA LEU C 294 -17.56 31.92 -21.56
C LEU C 294 -17.51 33.44 -21.39
N ASN C 295 -18.66 34.10 -21.50
CA ASN C 295 -18.73 35.56 -21.37
C ASN C 295 -19.10 36.00 -19.95
N MET C 296 -19.12 35.05 -19.03
CA MET C 296 -19.26 35.35 -17.62
C MET C 296 -18.20 36.40 -17.25
N LYS C 297 -18.58 37.42 -16.48
CA LYS C 297 -17.71 38.56 -16.24
C LYS C 297 -16.30 38.15 -15.83
N ALA C 298 -16.18 37.43 -14.72
CA ALA C 298 -14.87 36.99 -14.23
C ALA C 298 -13.99 36.44 -15.35
N ILE C 299 -14.54 35.52 -16.14
CA ILE C 299 -13.82 34.92 -17.25
C ILE C 299 -13.43 35.93 -18.33
N ALA C 300 -14.41 36.66 -18.83
CA ALA C 300 -14.16 37.68 -19.84
C ALA C 300 -13.07 38.64 -19.38
N ASP C 301 -13.19 39.14 -18.15
CA ASP C 301 -12.27 40.16 -17.64
C ASP C 301 -10.85 39.66 -17.38
N HIS C 302 -10.73 38.47 -16.81
CA HIS C 302 -9.42 37.97 -16.40
C HIS C 302 -8.62 37.28 -17.51
N PHE C 303 -9.31 36.75 -18.52
CA PHE C 303 -8.64 36.04 -19.61
C PHE C 303 -8.85 36.67 -20.99
N GLY C 304 -9.81 37.58 -21.08
CA GLY C 304 -10.19 38.16 -22.36
C GLY C 304 -11.20 37.28 -23.08
N GLN C 305 -12.16 37.90 -23.77
CA GLN C 305 -13.20 37.13 -24.45
C GLN C 305 -12.64 36.23 -25.55
N GLU C 306 -12.06 36.83 -26.58
CA GLU C 306 -11.50 36.06 -27.70
C GLU C 306 -10.48 35.05 -27.19
N GLU C 307 -9.64 35.48 -26.25
CA GLU C 307 -8.59 34.62 -25.69
C GLU C 307 -9.17 33.40 -24.96
N ALA C 308 -10.24 33.61 -24.20
CA ALA C 308 -10.85 32.55 -23.39
C ALA C 308 -11.47 31.44 -24.24
N VAL C 309 -12.24 31.82 -25.26
CA VAL C 309 -12.82 30.84 -26.15
C VAL C 309 -11.72 30.00 -26.78
N VAL C 310 -10.62 30.64 -27.13
CA VAL C 310 -9.51 29.91 -27.73
C VAL C 310 -8.88 28.95 -26.73
N MET C 311 -8.57 29.46 -25.54
CA MET C 311 -8.03 28.61 -24.48
C MET C 311 -8.91 27.38 -24.24
N ALA C 312 -10.23 27.59 -24.23
CA ALA C 312 -11.19 26.52 -24.00
C ALA C 312 -11.13 25.43 -25.09
N VAL C 313 -11.14 25.86 -26.35
CA VAL C 313 -11.03 24.93 -27.47
C VAL C 313 -9.67 24.25 -27.47
N LYS C 314 -8.63 25.03 -27.21
CA LYS C 314 -7.30 24.46 -27.05
C LYS C 314 -7.32 23.39 -25.94
N ALA C 315 -8.06 23.67 -24.88
CA ALA C 315 -8.12 22.78 -23.71
C ALA C 315 -8.92 21.52 -23.98
N GLY C 316 -9.79 21.55 -24.98
CA GLY C 316 -10.51 20.36 -25.38
C GLY C 316 -12.02 20.44 -25.50
N VAL C 317 -12.63 21.53 -25.04
CA VAL C 317 -14.09 21.64 -25.15
C VAL C 317 -14.51 21.54 -26.62
N ASP C 318 -15.70 21.02 -26.86
CA ASP C 318 -16.23 20.85 -28.21
C ASP C 318 -17.16 22.00 -28.60
N ILE C 319 -17.86 22.53 -27.60
CA ILE C 319 -18.78 23.64 -27.82
C ILE C 319 -18.49 24.79 -26.86
N ALA C 320 -18.07 25.93 -27.43
CA ALA C 320 -17.88 27.12 -26.63
C ALA C 320 -19.23 27.79 -26.48
N LEU C 321 -19.74 27.79 -25.26
CA LEU C 321 -21.05 28.35 -24.97
C LEU C 321 -20.96 29.85 -24.77
N MET C 322 -21.81 30.61 -25.49
CA MET C 322 -21.85 32.05 -25.34
C MET C 322 -20.44 32.65 -25.39
N PRO C 323 -19.87 32.74 -26.60
CA PRO C 323 -18.49 33.21 -26.81
C PRO C 323 -18.36 34.72 -26.63
N ALA C 324 -19.47 35.43 -26.73
CA ALA C 324 -19.47 36.88 -26.54
C ALA C 324 -20.87 37.40 -26.25
N SER C 325 -20.96 38.66 -25.84
CA SER C 325 -22.26 39.26 -25.56
C SER C 325 -22.68 40.15 -26.72
N VAL C 326 -23.44 39.59 -27.65
CA VAL C 326 -23.89 40.34 -28.82
C VAL C 326 -25.39 40.59 -28.80
N THR C 327 -25.78 41.80 -28.38
CA THR C 327 -27.19 42.16 -28.23
C THR C 327 -27.77 42.90 -29.44
N SER C 328 -26.90 43.52 -30.24
CA SER C 328 -27.33 44.29 -31.41
C SER C 328 -26.51 43.93 -32.63
N LEU C 329 -26.84 44.53 -33.76
CA LEU C 329 -26.03 44.32 -34.96
C LEU C 329 -24.76 45.16 -34.88
N LYS C 330 -24.80 46.20 -34.04
CA LYS C 330 -23.63 47.03 -33.78
C LYS C 330 -22.50 46.20 -33.18
N GLU C 331 -22.87 45.15 -32.45
CA GLU C 331 -21.89 44.30 -31.79
C GLU C 331 -21.58 43.02 -32.57
N GLU C 332 -22.17 42.88 -33.75
CA GLU C 332 -22.05 41.63 -34.51
C GLU C 332 -20.61 41.22 -34.86
N GLN C 333 -19.70 42.19 -34.93
CA GLN C 333 -18.32 41.89 -35.28
C GLN C 333 -17.59 41.14 -34.16
N LYS C 334 -18.27 40.93 -33.04
CA LYS C 334 -17.69 40.14 -31.95
C LYS C 334 -17.55 38.69 -32.38
N PHE C 335 -18.60 38.15 -33.00
CA PHE C 335 -18.60 36.77 -33.47
C PHE C 335 -17.53 36.57 -34.53
N ALA C 336 -17.31 37.59 -35.35
CA ALA C 336 -16.25 37.52 -36.35
C ALA C 336 -14.90 37.33 -35.68
N ARG C 337 -14.57 38.23 -34.76
CA ARG C 337 -13.30 38.16 -34.04
C ARG C 337 -13.06 36.81 -33.36
N VAL C 338 -14.08 36.30 -32.66
CA VAL C 338 -13.96 35.02 -31.97
C VAL C 338 -13.59 33.89 -32.94
N ILE C 339 -14.32 33.78 -34.03
CA ILE C 339 -13.98 32.81 -35.07
C ILE C 339 -12.58 33.07 -35.64
N GLN C 340 -12.20 34.35 -35.75
CA GLN C 340 -10.91 34.73 -36.32
C GLN C 340 -9.75 34.29 -35.44
N ALA C 341 -9.92 34.45 -34.13
CA ALA C 341 -8.93 33.99 -33.17
C ALA C 341 -8.68 32.51 -33.36
N LEU C 342 -9.77 31.75 -33.51
CA LEU C 342 -9.67 30.32 -33.73
C LEU C 342 -9.00 30.01 -35.07
N LYS C 343 -9.54 30.55 -36.15
CA LYS C 343 -8.93 30.34 -37.47
C LYS C 343 -7.43 30.52 -37.39
N GLU C 344 -7.00 31.52 -36.63
CA GLU C 344 -5.58 31.86 -36.53
C GLU C 344 -4.81 30.85 -35.69
N ALA C 345 -5.34 30.53 -34.51
CA ALA C 345 -4.69 29.58 -33.62
C ALA C 345 -4.55 28.20 -34.29
N VAL C 346 -5.40 27.92 -35.26
CA VAL C 346 -5.33 26.66 -36.00
C VAL C 346 -4.27 26.72 -37.10
N LYS C 347 -4.29 27.81 -37.85
CA LYS C 347 -3.26 28.05 -38.88
C LYS C 347 -1.88 27.92 -38.26
N ASN C 348 -1.75 28.37 -37.01
CA ASN C 348 -0.49 28.34 -36.28
C ASN C 348 -0.09 26.97 -35.76
N GLY C 349 -1.04 26.04 -35.71
CA GLY C 349 -0.79 24.73 -35.14
C GLY C 349 -0.89 24.72 -33.62
N ASP C 350 -1.38 25.80 -33.03
CA ASP C 350 -1.73 25.81 -31.62
C ASP C 350 -2.86 24.85 -31.38
N ILE C 351 -3.76 24.77 -32.36
CA ILE C 351 -4.86 23.82 -32.34
C ILE C 351 -4.83 22.98 -33.61
N PRO C 352 -4.42 21.71 -33.49
CA PRO C 352 -4.34 20.80 -34.64
C PRO C 352 -5.68 20.75 -35.37
N GLU C 353 -5.64 20.72 -36.70
CA GLU C 353 -6.88 20.65 -37.47
C GLU C 353 -7.66 19.39 -37.10
N GLN C 354 -6.94 18.33 -36.79
CA GLN C 354 -7.58 17.07 -36.46
C GLN C 354 -8.39 17.21 -35.17
N GLN C 355 -7.91 18.04 -34.25
CA GLN C 355 -8.64 18.25 -33.00
C GLN C 355 -9.99 18.92 -33.28
N ILE C 356 -10.00 19.88 -34.20
CA ILE C 356 -11.23 20.52 -34.61
C ILE C 356 -12.15 19.51 -35.30
N ASN C 357 -11.59 18.70 -36.19
CA ASN C 357 -12.38 17.70 -36.91
C ASN C 357 -13.04 16.70 -35.98
N ASN C 358 -12.32 16.30 -34.94
CA ASN C 358 -12.89 15.45 -33.91
C ASN C 358 -14.10 16.11 -33.23
N SER C 359 -13.85 17.25 -32.61
CA SER C 359 -14.90 17.98 -31.92
C SER C 359 -16.15 18.08 -32.77
N VAL C 360 -16.02 18.66 -33.97
CA VAL C 360 -17.16 18.83 -34.86
C VAL C 360 -17.82 17.51 -35.21
N GLU C 361 -17.02 16.47 -35.39
CA GLU C 361 -17.55 15.16 -35.70
C GLU C 361 -18.32 14.59 -34.49
N ARG C 362 -18.05 15.12 -33.29
CA ARG C 362 -18.76 14.72 -32.08
C ARG C 362 -20.13 15.40 -31.95
N ILE C 363 -20.17 16.66 -32.35
CA ILE C 363 -21.41 17.41 -32.45
C ILE C 363 -22.30 16.79 -33.51
N ILE C 364 -21.78 16.65 -34.73
CA ILE C 364 -22.53 16.07 -35.85
C ILE C 364 -22.99 14.65 -35.53
N SER C 365 -22.25 13.98 -34.66
CA SER C 365 -22.59 12.62 -34.27
C SER C 365 -23.75 12.65 -33.28
N LEU C 366 -23.71 13.61 -32.37
CA LEU C 366 -24.77 13.81 -31.38
C LEU C 366 -26.08 14.21 -32.07
N LYS C 367 -25.99 15.15 -33.00
CA LYS C 367 -27.15 15.60 -33.77
C LYS C 367 -27.79 14.45 -34.53
N ILE C 368 -26.97 13.55 -35.06
CA ILE C 368 -27.50 12.39 -35.77
C ILE C 368 -28.12 11.41 -34.78
N LYS C 369 -27.49 11.26 -33.62
CA LYS C 369 -27.91 10.29 -32.62
C LYS C 369 -29.24 10.61 -31.95
N ARG C 370 -29.56 11.89 -31.82
CA ARG C 370 -30.81 12.31 -31.20
C ARG C 370 -31.82 12.80 -32.24
N GLY C 371 -31.69 12.30 -33.47
CA GLY C 371 -32.60 12.62 -34.54
C GLY C 371 -32.80 14.08 -34.89
N MET C 372 -31.81 14.93 -34.61
CA MET C 372 -31.91 16.33 -35.03
C MET C 372 -31.49 16.43 -36.48
N TYR C 373 -30.72 15.44 -36.94
CA TYR C 373 -30.09 15.46 -38.24
C TYR C 373 -30.16 14.09 -38.89
N PRO C 374 -30.85 13.99 -40.04
CA PRO C 374 -31.57 15.09 -40.69
C PRO C 374 -32.76 15.53 -39.83
N ALA C 375 -33.31 16.70 -40.12
CA ALA C 375 -34.48 17.22 -39.40
C ALA C 375 -35.66 16.26 -39.53
N ARG C 376 -36.11 15.70 -38.41
CA ARG C 376 -37.08 14.62 -38.44
C ARG C 376 -38.54 15.06 -38.60
N ASN C 377 -38.82 16.35 -38.43
CA ASN C 377 -40.20 16.81 -38.50
C ASN C 377 -40.59 17.38 -39.86
N SER C 378 -41.90 17.49 -40.08
CA SER C 378 -42.42 18.03 -41.33
C SER C 378 -43.87 18.46 -41.15
N ASP C 379 -44.10 19.33 -40.17
CA ASP C 379 -45.42 19.88 -39.90
C ASP C 379 -45.39 21.40 -39.96
N SER C 380 -46.46 22.00 -40.46
CA SER C 380 -46.59 23.45 -40.44
C SER C 380 -46.36 23.95 -39.01
N THR C 381 -45.67 25.07 -38.87
CA THR C 381 -45.47 25.67 -37.55
C THR C 381 -46.80 25.74 -36.78
N LYS C 382 -47.88 26.01 -37.52
CA LYS C 382 -49.22 26.06 -36.94
C LYS C 382 -49.60 24.72 -36.31
N GLU C 383 -49.35 23.64 -37.04
CA GLU C 383 -49.67 22.31 -36.55
C GLU C 383 -48.81 21.95 -35.35
N LYS C 384 -47.52 22.27 -35.41
CA LYS C 384 -46.63 22.02 -34.28
C LYS C 384 -47.19 22.66 -33.02
N ILE C 385 -47.66 23.89 -33.16
CA ILE C 385 -48.25 24.66 -32.07
C ILE C 385 -49.47 23.93 -31.49
N ALA C 386 -50.38 23.52 -32.35
CA ALA C 386 -51.55 22.77 -31.92
C ALA C 386 -51.15 21.53 -31.09
N LYS C 387 -50.28 20.69 -31.67
CA LYS C 387 -49.81 19.50 -30.99
C LYS C 387 -49.17 19.86 -29.65
N ALA C 388 -48.39 20.93 -29.64
CA ALA C 388 -47.67 21.35 -28.45
C ALA C 388 -48.61 21.76 -27.30
N LYS C 389 -49.70 22.46 -27.63
CA LYS C 389 -50.62 22.95 -26.60
C LYS C 389 -51.35 21.82 -25.85
N LYS C 390 -51.56 20.70 -26.54
CA LYS C 390 -52.16 19.53 -25.93
C LYS C 390 -51.13 18.65 -25.22
N ILE C 391 -49.86 19.08 -25.23
CA ILE C 391 -48.79 18.30 -24.61
C ILE C 391 -48.08 19.04 -23.48
N VAL C 392 -47.62 20.26 -23.77
CA VAL C 392 -46.93 21.07 -22.78
C VAL C 392 -47.88 21.67 -21.75
N GLY C 393 -47.76 21.24 -20.50
CA GLY C 393 -48.61 21.72 -19.42
C GLY C 393 -49.90 20.93 -19.33
N SER C 394 -49.97 19.81 -20.04
CA SER C 394 -51.19 19.01 -20.14
C SER C 394 -51.61 18.36 -18.82
N LYS C 395 -52.92 18.11 -18.69
CA LYS C 395 -53.51 17.56 -17.48
C LYS C 395 -52.82 16.27 -17.05
N GLN C 396 -52.47 15.44 -18.02
CA GLN C 396 -51.75 14.18 -17.75
C GLN C 396 -50.43 14.44 -17.03
N HIS C 397 -49.62 15.33 -17.61
CA HIS C 397 -48.34 15.73 -17.01
C HIS C 397 -48.55 16.29 -15.61
N LEU C 398 -49.52 17.19 -15.48
CA LEU C 398 -49.83 17.80 -14.19
C LEU C 398 -50.20 16.78 -13.13
N LYS C 399 -50.88 15.71 -13.53
CA LYS C 399 -51.20 14.66 -12.56
C LYS C 399 -49.92 14.00 -12.05
N ALA C 400 -49.04 13.63 -12.99
CA ALA C 400 -47.76 13.02 -12.65
C ALA C 400 -46.92 13.95 -11.76
N GLU C 401 -46.90 15.22 -12.11
CA GLU C 401 -46.22 16.22 -11.29
C GLU C 401 -46.78 16.15 -9.88
N LYS C 402 -48.10 15.99 -9.79
CA LYS C 402 -48.77 15.99 -8.51
C LYS C 402 -48.40 14.76 -7.70
N LYS C 403 -48.54 13.58 -8.31
CA LYS C 403 -48.25 12.32 -7.64
C LYS C 403 -46.79 12.28 -7.14
N LEU C 404 -45.88 12.82 -7.96
CA LEU C 404 -44.46 12.86 -7.64
C LEU C 404 -44.15 13.76 -6.46
N ALA C 405 -44.69 14.98 -6.49
CA ALA C 405 -44.46 15.95 -5.41
C ALA C 405 -45.01 15.41 -4.10
N GLU C 406 -46.16 14.75 -4.18
CA GLU C 406 -46.82 14.23 -3.01
C GLU C 406 -46.11 13.00 -2.48
N LYS C 407 -45.53 12.20 -3.38
CA LYS C 407 -44.77 11.05 -2.93
C LYS C 407 -43.51 11.48 -2.18
N ALA C 408 -42.98 12.64 -2.57
CA ALA C 408 -41.70 13.11 -2.04
C ALA C 408 -41.79 13.79 -0.66
N VAL C 409 -43.00 14.19 -0.26
CA VAL C 409 -43.17 14.83 1.03
C VAL C 409 -42.60 13.92 2.11
N THR C 410 -41.85 14.48 3.04
CA THR C 410 -41.11 13.68 4.01
C THR C 410 -41.54 14.02 5.42
N VAL C 411 -42.17 13.08 6.11
CA VAL C 411 -42.67 13.34 7.44
C VAL C 411 -41.58 13.03 8.46
N LEU C 412 -41.22 14.02 9.27
CA LEU C 412 -40.13 13.86 10.26
C LEU C 412 -40.65 13.73 11.69
N LYS C 413 -41.81 14.32 11.96
CA LYS C 413 -42.47 14.17 13.26
C LYS C 413 -43.98 14.16 13.11
N ASN C 414 -44.64 13.41 13.98
CA ASN C 414 -46.09 13.43 14.02
C ASN C 414 -46.59 12.87 15.34
N GLU C 415 -46.27 13.58 16.42
CA GLU C 415 -46.65 13.15 17.76
C GLU C 415 -48.17 13.13 17.93
N GLN C 416 -48.67 12.02 18.48
CA GLN C 416 -50.09 11.85 18.80
C GLN C 416 -51.08 12.25 17.68
N HIS C 417 -50.73 11.94 16.44
CA HIS C 417 -51.64 12.12 15.29
C HIS C 417 -52.04 13.56 15.03
N THR C 418 -51.16 14.49 15.40
CA THR C 418 -51.37 15.89 15.08
C THR C 418 -51.85 15.98 13.64
N LEU C 419 -51.11 15.35 12.75
CA LEU C 419 -51.52 15.19 11.35
C LEU C 419 -52.23 13.85 11.22
N PRO C 420 -53.22 13.79 10.32
CA PRO C 420 -53.65 14.94 9.53
C PRO C 420 -54.56 15.84 10.35
N PHE C 421 -54.59 17.13 10.03
CA PHE C 421 -55.57 18.03 10.60
C PHE C 421 -56.95 17.59 10.15
N LYS C 422 -57.90 17.55 11.08
CA LYS C 422 -59.29 17.26 10.73
C LYS C 422 -60.15 18.34 11.34
N PRO C 423 -60.37 19.44 10.59
CA PRO C 423 -60.96 20.70 11.08
C PRO C 423 -62.48 20.60 11.13
N LYS C 424 -63.09 21.12 12.20
CA LYS C 424 -64.55 21.25 12.23
C LYS C 424 -64.97 22.37 11.30
N LYS C 425 -66.19 22.31 10.78
CA LYS C 425 -66.72 23.45 10.05
C LYS C 425 -66.52 24.69 10.93
N GLY C 426 -66.14 25.80 10.32
CA GLY C 426 -65.97 27.05 11.05
C GLY C 426 -64.57 27.32 11.57
N SER C 427 -63.79 26.27 11.72
CA SER C 427 -62.40 26.41 12.17
C SER C 427 -61.62 27.45 11.37
N ARG C 428 -60.79 28.21 12.09
CA ARG C 428 -59.88 29.17 11.49
C ARG C 428 -58.46 28.59 11.32
N ILE C 429 -57.96 28.58 10.10
CA ILE C 429 -56.58 28.16 9.82
C ILE C 429 -55.69 29.36 9.59
N LEU C 430 -54.65 29.51 10.42
CA LEU C 430 -53.67 30.57 10.21
C LEU C 430 -52.49 30.08 9.37
N ILE C 431 -52.31 30.70 8.20
CA ILE C 431 -51.24 30.34 7.27
C ILE C 431 -50.05 31.32 7.36
N VAL C 432 -48.87 30.79 7.67
CA VAL C 432 -47.70 31.63 7.92
C VAL C 432 -46.49 31.22 7.11
N ALA C 433 -46.16 31.98 6.08
CA ALA C 433 -44.94 31.73 5.29
C ALA C 433 -44.13 33.01 5.15
N PRO C 434 -42.92 32.89 4.58
CA PRO C 434 -42.07 34.07 4.40
C PRO C 434 -42.59 35.07 3.36
N TYR C 435 -43.11 34.58 2.25
CA TYR C 435 -43.58 35.48 1.18
C TYR C 435 -45.06 35.32 0.80
N GLU C 436 -45.63 36.35 0.19
CA GLU C 436 -47.03 36.33 -0.17
C GLU C 436 -47.37 35.22 -1.15
N GLU C 437 -46.47 34.92 -2.08
CA GLU C 437 -46.77 33.90 -3.09
C GLU C 437 -46.79 32.51 -2.46
N GLN C 438 -46.22 32.38 -1.26
CA GLN C 438 -46.19 31.11 -0.56
C GLN C 438 -47.44 30.91 0.30
N THR C 439 -47.79 31.92 1.09
CA THR C 439 -49.03 31.88 1.86
C THR C 439 -50.22 31.80 0.92
N ALA C 440 -50.05 32.31 -0.30
CA ALA C 440 -51.09 32.24 -1.33
C ALA C 440 -51.29 30.82 -1.82
N SER C 441 -50.19 30.13 -2.04
CA SER C 441 -50.24 28.77 -2.57
C SER C 441 -50.93 27.87 -1.56
N ILE C 442 -50.52 27.97 -0.30
CA ILE C 442 -51.13 27.18 0.77
C ILE C 442 -52.63 27.46 0.87
N GLU C 443 -52.99 28.75 0.89
CA GLU C 443 -54.38 29.20 0.89
C GLU C 443 -55.19 28.65 -0.28
N GLN C 444 -54.68 28.84 -1.50
CA GLN C 444 -55.33 28.34 -2.72
C GLN C 444 -55.58 26.83 -2.69
N THR C 445 -54.71 26.12 -1.99
CA THR C 445 -54.79 24.67 -1.89
C THR C 445 -55.85 24.24 -0.87
N ILE C 446 -55.83 24.85 0.31
CA ILE C 446 -56.84 24.59 1.32
C ILE C 446 -58.18 24.98 0.73
N HIS C 447 -58.14 25.91 -0.21
CA HIS C 447 -59.36 26.43 -0.81
C HIS C 447 -59.98 25.40 -1.75
N ASP C 448 -59.17 24.81 -2.61
CA ASP C 448 -59.65 23.75 -3.48
C ASP C 448 -60.28 22.64 -2.65
N LEU C 449 -59.57 22.19 -1.62
CA LEU C 449 -60.07 21.15 -0.73
C LEU C 449 -61.49 21.44 -0.25
N ILE C 450 -61.77 22.71 0.05
CA ILE C 450 -63.10 23.11 0.46
C ILE C 450 -64.10 22.99 -0.69
N LYS C 451 -63.82 23.66 -1.80
CA LYS C 451 -64.69 23.59 -2.98
C LYS C 451 -64.94 22.15 -3.44
N ARG C 452 -64.00 21.26 -3.16
CA ARG C 452 -64.16 19.86 -3.53
C ARG C 452 -64.78 19.03 -2.41
N LYS C 453 -65.16 19.69 -1.32
CA LYS C 453 -65.83 19.01 -0.21
C LYS C 453 -65.02 17.86 0.38
N LYS C 454 -63.70 18.01 0.40
CA LYS C 454 -62.82 17.01 1.00
C LYS C 454 -62.55 17.39 2.46
N ILE C 455 -62.86 18.64 2.80
CA ILE C 455 -62.79 19.12 4.18
C ILE C 455 -63.93 20.10 4.46
N LYS C 456 -64.31 20.19 5.72
CA LYS C 456 -65.36 21.12 6.13
C LYS C 456 -64.91 22.54 5.81
N PRO C 457 -65.86 23.45 5.59
CA PRO C 457 -65.48 24.82 5.27
C PRO C 457 -64.81 25.49 6.48
N VAL C 458 -63.60 26.01 6.27
CA VAL C 458 -62.89 26.71 7.32
C VAL C 458 -62.53 28.11 6.82
N SER C 459 -62.07 28.96 7.74
CA SER C 459 -61.72 30.33 7.41
C SER C 459 -60.21 30.55 7.50
N LEU C 460 -59.63 31.24 6.52
CA LEU C 460 -58.17 31.39 6.45
C LEU C 460 -57.69 32.83 6.54
N SER C 461 -56.66 33.07 7.34
CA SER C 461 -55.93 34.34 7.29
C SER C 461 -54.45 34.08 7.01
N LYS C 462 -53.73 35.10 6.56
CA LYS C 462 -52.32 34.92 6.21
C LYS C 462 -51.38 35.82 6.98
N MET C 463 -50.16 35.34 7.17
CA MET C 463 -49.12 36.09 7.86
C MET C 463 -47.80 35.86 7.14
N ASN C 464 -47.25 36.94 6.58
CA ASN C 464 -46.00 36.85 5.80
C ASN C 464 -44.83 37.48 6.56
N PHE C 465 -43.83 36.68 6.91
CA PHE C 465 -42.86 37.12 7.91
C PHE C 465 -41.45 37.44 7.45
N ALA C 466 -41.16 37.35 6.16
CA ALA C 466 -39.79 37.65 5.71
C ALA C 466 -39.33 39.04 6.15
N SER C 467 -38.25 39.09 6.92
CA SER C 467 -37.71 40.36 7.43
C SER C 467 -38.46 40.88 8.64
N GLN C 468 -39.49 40.17 9.07
CA GLN C 468 -40.33 40.60 10.18
C GLN C 468 -39.79 40.14 11.54
N VAL C 469 -40.31 40.70 12.63
CA VAL C 469 -40.09 40.09 13.95
C VAL C 469 -41.42 39.81 14.61
N PHE C 470 -41.47 38.68 15.31
CA PHE C 470 -42.67 38.25 15.99
C PHE C 470 -42.97 39.22 17.14
N LYS C 471 -44.01 40.02 16.97
CA LYS C 471 -44.47 40.94 18.01
C LYS C 471 -45.85 40.54 18.53
N THR C 472 -46.29 41.16 19.63
CA THR C 472 -47.60 40.87 20.22
C THR C 472 -48.72 40.70 19.19
N GLU C 473 -48.79 41.62 18.22
CA GLU C 473 -49.81 41.54 17.19
C GLU C 473 -49.92 40.12 16.64
N HIS C 474 -48.77 39.56 16.30
CA HIS C 474 -48.72 38.24 15.67
C HIS C 474 -49.18 37.14 16.60
N GLU C 475 -48.90 37.29 17.90
CA GLU C 475 -49.32 36.32 18.89
C GLU C 475 -50.84 36.30 19.13
N LYS C 476 -51.46 37.48 19.14
CA LYS C 476 -52.91 37.54 19.26
C LYS C 476 -53.55 36.83 18.08
N GLN C 477 -52.90 36.93 16.93
CA GLN C 477 -53.39 36.32 15.71
C GLN C 477 -53.24 34.79 15.73
N VAL C 478 -52.39 34.30 16.63
CA VAL C 478 -52.18 32.86 16.78
C VAL C 478 -53.17 32.26 17.76
N LYS C 479 -53.51 33.00 18.82
CA LYS C 479 -54.61 32.62 19.70
C LYS C 479 -55.88 32.45 18.88
N GLU C 480 -56.24 33.49 18.12
CA GLU C 480 -57.41 33.44 17.25
C GLU C 480 -57.49 32.16 16.43
N ALA C 481 -56.36 31.69 15.94
CA ALA C 481 -56.34 30.53 15.07
C ALA C 481 -56.76 29.26 15.78
N ASP C 482 -57.28 28.32 14.99
CA ASP C 482 -57.60 26.98 15.47
C ASP C 482 -56.57 25.99 14.94
N TYR C 483 -56.11 26.23 13.72
CA TYR C 483 -55.05 25.42 13.11
C TYR C 483 -53.96 26.31 12.54
N ILE C 484 -52.71 25.97 12.80
CA ILE C 484 -51.59 26.75 12.28
C ILE C 484 -50.63 25.97 11.38
N ILE C 485 -50.46 26.45 10.15
CA ILE C 485 -49.55 25.86 9.21
C ILE C 485 -48.43 26.86 8.95
N THR C 486 -47.20 26.49 9.28
CA THR C 486 -46.07 27.40 9.10
C THR C 486 -44.97 26.88 8.16
N GLY C 487 -44.55 27.72 7.23
CA GLY C 487 -43.46 27.36 6.33
C GLY C 487 -42.13 27.96 6.75
N SER C 488 -41.13 27.12 6.97
CA SER C 488 -39.78 27.60 7.23
C SER C 488 -39.01 27.66 5.93
N TYR C 489 -38.14 28.67 5.80
CA TYR C 489 -37.36 28.83 4.59
C TYR C 489 -35.90 29.20 4.89
N VAL C 490 -34.99 28.25 4.73
CA VAL C 490 -33.57 28.55 4.93
C VAL C 490 -32.69 27.90 3.90
N VAL C 491 -31.51 28.49 3.75
CA VAL C 491 -30.46 27.97 2.89
C VAL C 491 -29.38 27.37 3.80
N LYS C 492 -28.58 28.22 4.43
CA LYS C 492 -27.72 27.78 5.52
C LYS C 492 -28.53 27.97 6.78
N ASN C 493 -28.32 27.08 7.75
CA ASN C 493 -29.05 27.21 9.01
C ASN C 493 -28.23 27.92 10.08
N ASP C 494 -28.52 29.21 10.28
CA ASP C 494 -27.74 30.03 11.21
C ASP C 494 -28.48 30.45 12.49
N PRO C 495 -29.12 29.50 13.20
CA PRO C 495 -29.79 29.84 14.46
C PRO C 495 -28.84 30.49 15.45
N VAL C 496 -29.26 31.54 16.13
CA VAL C 496 -28.47 32.06 17.22
C VAL C 496 -28.57 31.00 18.31
N VAL C 497 -27.43 30.55 18.81
CA VAL C 497 -27.43 29.39 19.70
C VAL C 497 -26.33 29.52 20.76
N ASN C 498 -26.57 28.93 21.93
CA ASN C 498 -25.65 29.08 23.05
C ASN C 498 -25.39 27.75 23.76
N ASP C 499 -24.39 27.03 23.30
CA ASP C 499 -24.05 25.74 23.87
C ASP C 499 -25.16 24.74 23.62
N GLY C 500 -25.59 24.64 22.36
CA GLY C 500 -26.68 23.74 22.00
C GLY C 500 -28.08 24.24 22.32
N VAL C 501 -28.18 25.31 23.09
CA VAL C 501 -29.47 25.87 23.44
C VAL C 501 -29.84 27.06 22.56
N ILE C 502 -30.77 26.84 21.63
CA ILE C 502 -31.22 27.92 20.77
C ILE C 502 -31.73 29.05 21.65
N ASP C 503 -31.38 30.28 21.30
CA ASP C 503 -31.76 31.43 22.11
C ASP C 503 -32.94 32.18 21.50
N ASP C 504 -34.08 32.11 22.18
CA ASP C 504 -35.32 32.67 21.69
C ASP C 504 -35.53 34.10 22.20
N THR C 505 -34.77 34.47 23.24
CA THR C 505 -34.83 35.81 23.79
C THR C 505 -34.12 36.79 22.86
N ILE C 506 -33.54 36.27 21.78
CA ILE C 506 -32.87 37.13 20.82
C ILE C 506 -33.56 37.13 19.45
N SER C 507 -34.43 38.11 19.25
CA SER C 507 -35.03 38.30 17.95
C SER C 507 -34.75 39.71 17.42
N ASP C 508 -34.37 39.75 16.15
CA ASP C 508 -34.15 40.99 15.42
C ASP C 508 -34.57 40.67 14.00
N SER C 509 -34.77 41.70 13.18
CA SER C 509 -35.21 41.49 11.82
C SER C 509 -34.25 40.61 11.01
N SER C 510 -32.96 40.71 11.30
CA SER C 510 -31.96 40.04 10.47
C SER C 510 -32.01 38.51 10.61
N LYS C 511 -32.54 38.02 11.74
CA LYS C 511 -32.59 36.58 12.02
C LYS C 511 -33.97 35.98 11.72
N TRP C 512 -34.71 36.64 10.83
CA TRP C 512 -36.09 36.27 10.63
C TRP C 512 -36.33 34.83 10.24
N ALA C 513 -35.45 34.26 9.41
CA ALA C 513 -35.70 32.92 8.88
C ALA C 513 -35.48 31.80 9.90
N THR C 514 -34.93 32.16 11.05
CA THR C 514 -34.75 31.20 12.15
C THR C 514 -35.60 31.57 13.36
N VAL C 515 -35.49 32.81 13.81
CA VAL C 515 -36.21 33.26 15.00
C VAL C 515 -37.74 33.32 14.83
N PHE C 516 -38.22 33.78 13.68
CA PHE C 516 -39.65 34.04 13.52
C PHE C 516 -40.52 32.80 13.61
N PRO C 517 -40.26 31.79 12.76
CA PRO C 517 -41.14 30.63 12.69
C PRO C 517 -41.10 29.90 14.02
N ARG C 518 -39.94 29.94 14.66
CA ARG C 518 -39.79 29.34 15.98
C ARG C 518 -40.61 30.09 17.03
N ALA C 519 -40.92 31.35 16.77
CA ALA C 519 -41.76 32.15 17.67
C ALA C 519 -43.25 31.82 17.49
N VAL C 520 -43.65 31.63 16.24
CA VAL C 520 -44.97 31.11 15.92
C VAL C 520 -45.19 29.82 16.70
N MET C 521 -44.23 28.91 16.60
CA MET C 521 -44.32 27.61 17.24
C MET C 521 -44.51 27.68 18.76
N LYS C 522 -43.71 28.50 19.44
CA LYS C 522 -43.87 28.68 20.88
C LYS C 522 -45.25 29.27 21.19
N ALA C 523 -45.68 30.20 20.34
CA ALA C 523 -46.98 30.83 20.49
C ALA C 523 -48.12 29.82 20.38
N ALA C 524 -48.00 28.91 19.42
CA ALA C 524 -49.02 27.88 19.18
C ALA C 524 -49.02 26.82 20.28
N LEU C 525 -47.86 26.42 20.75
CA LEU C 525 -47.81 25.48 21.86
C LEU C 525 -48.39 26.14 23.09
N GLN C 526 -48.02 27.40 23.30
CA GLN C 526 -48.47 28.16 24.45
C GLN C 526 -49.99 28.11 24.61
N HIS C 527 -50.71 28.21 23.49
CA HIS C 527 -52.18 28.21 23.50
C HIS C 527 -52.75 26.89 23.00
N ASN C 528 -51.94 25.84 23.10
CA ASN C 528 -52.38 24.48 22.79
C ASN C 528 -52.97 24.31 21.39
N LYS C 529 -52.32 24.88 20.40
CA LYS C 529 -52.83 24.77 19.04
C LYS C 529 -52.08 23.69 18.24
N PRO C 530 -52.80 22.98 17.36
CA PRO C 530 -52.14 22.17 16.34
C PRO C 530 -51.25 23.02 15.47
N PHE C 531 -50.00 22.62 15.37
CA PHE C 531 -48.99 23.35 14.62
C PHE C 531 -48.11 22.35 13.88
N VAL C 532 -48.19 22.37 12.56
CA VAL C 532 -47.22 21.65 11.73
C VAL C 532 -46.22 22.65 11.15
N LEU C 533 -44.97 22.21 10.96
CA LEU C 533 -43.93 23.04 10.37
C LEU C 533 -43.55 22.46 9.00
N MET C 534 -43.67 23.27 7.95
CA MET C 534 -43.38 22.81 6.60
C MET C 534 -42.13 23.50 6.03
N SER C 535 -40.98 22.81 6.06
CA SER C 535 -39.76 23.42 5.52
C SER C 535 -39.78 23.45 3.99
N LEU C 536 -39.43 24.60 3.43
CA LEU C 536 -39.71 24.89 2.02
C LEU C 536 -38.49 24.75 1.09
N ARG C 537 -37.29 24.80 1.66
CA ARG C 537 -36.07 24.70 0.86
C ARG C 537 -35.14 23.62 1.40
N ASN C 538 -34.05 24.02 2.05
CA ASN C 538 -33.15 23.04 2.63
C ASN C 538 -33.66 22.51 3.96
N PRO C 539 -33.78 21.19 4.08
CA PRO C 539 -34.34 20.51 5.25
C PRO C 539 -33.58 20.80 6.54
N TYR C 540 -32.54 21.61 6.48
CA TYR C 540 -31.70 21.84 7.64
C TYR C 540 -32.44 22.53 8.75
N ASP C 541 -33.42 23.35 8.37
CA ASP C 541 -34.20 24.12 9.33
C ASP C 541 -35.01 23.23 10.29
N ALA C 542 -35.23 21.98 9.91
CA ALA C 542 -35.93 21.02 10.77
C ALA C 542 -35.26 20.81 12.14
N ALA C 543 -34.00 21.19 12.29
CA ALA C 543 -33.33 21.08 13.58
C ALA C 543 -33.77 22.20 14.51
N ASN C 544 -34.46 23.19 13.96
CA ASN C 544 -34.95 24.34 14.72
C ASN C 544 -36.25 24.09 15.46
N PHE C 545 -36.88 22.94 15.24
CA PHE C 545 -38.24 22.71 15.69
C PHE C 545 -38.41 21.40 16.45
N GLU C 546 -37.46 21.10 17.33
CA GLU C 546 -37.52 19.87 18.11
C GLU C 546 -38.71 19.82 19.07
N GLU C 547 -39.25 20.98 19.41
CA GLU C 547 -40.38 21.06 20.34
C GLU C 547 -41.72 20.86 19.63
N ALA C 548 -41.73 21.10 18.32
CA ALA C 548 -42.92 20.93 17.51
C ALA C 548 -43.37 19.47 17.55
N LYS C 549 -44.61 19.23 17.15
CA LYS C 549 -45.17 17.88 17.22
C LYS C 549 -45.51 17.37 15.82
N ALA C 550 -45.47 18.26 14.84
CA ALA C 550 -45.68 17.90 13.44
C ALA C 550 -44.66 18.64 12.57
N LEU C 551 -44.01 17.92 11.67
CA LEU C 551 -42.89 18.46 10.92
C LEU C 551 -42.69 17.78 9.57
N ILE C 552 -42.67 18.56 8.50
CA ILE C 552 -42.50 17.97 7.18
C ILE C 552 -41.60 18.80 6.27
N ALA C 553 -41.01 18.13 5.29
CA ALA C 553 -40.17 18.80 4.30
C ALA C 553 -40.74 18.52 2.91
N VAL C 554 -40.63 19.50 2.02
CA VAL C 554 -41.18 19.38 0.68
C VAL C 554 -40.16 19.73 -0.39
N TYR C 555 -39.05 20.36 0.02
CA TYR C 555 -37.92 20.60 -0.86
C TYR C 555 -38.18 21.54 -2.06
N GLY C 556 -39.04 22.54 -1.87
CA GLY C 556 -39.40 23.44 -2.96
C GLY C 556 -40.24 24.60 -2.47
N PHE C 557 -39.82 25.82 -2.77
CA PHE C 557 -40.34 26.98 -2.07
C PHE C 557 -41.12 27.96 -2.94
N LYS C 558 -41.13 27.74 -4.25
CA LYS C 558 -41.85 28.68 -5.12
C LYS C 558 -43.34 28.53 -4.91
N GLY C 559 -44.06 29.64 -5.05
CA GLY C 559 -45.47 29.66 -4.70
C GLY C 559 -46.45 29.93 -5.84
N TYR C 560 -47.45 30.76 -5.54
CA TYR C 560 -48.58 30.98 -6.43
C TYR C 560 -48.63 32.44 -6.81
N ALA C 561 -48.70 32.71 -8.12
CA ALA C 561 -48.66 34.10 -8.60
C ALA C 561 -49.33 34.27 -9.94
N ASN C 562 -49.93 35.44 -10.14
CA ASN C 562 -50.58 35.77 -11.41
C ASN C 562 -51.44 34.63 -11.94
N GLY C 563 -52.01 33.85 -11.02
CA GLY C 563 -52.97 32.82 -11.38
C GLY C 563 -52.36 31.46 -11.66
N ARG C 564 -51.05 31.33 -11.47
CA ARG C 564 -50.38 30.06 -11.74
C ARG C 564 -49.57 29.55 -10.55
N TYR C 565 -49.56 28.23 -10.41
CA TYR C 565 -48.70 27.54 -9.44
C TYR C 565 -47.30 27.40 -10.03
N LEU C 566 -46.30 27.89 -9.30
CA LEU C 566 -44.92 27.87 -9.80
C LEU C 566 -44.16 26.62 -9.38
N GLN C 567 -44.78 25.82 -8.53
CA GLN C 567 -44.13 24.60 -8.05
C GLN C 567 -45.13 23.75 -7.27
N PRO C 568 -44.99 22.42 -7.36
CA PRO C 568 -45.92 21.43 -6.77
C PRO C 568 -45.72 21.19 -5.28
N ASN C 569 -44.56 21.59 -4.74
CA ASN C 569 -44.16 21.16 -3.40
C ASN C 569 -45.06 21.63 -2.25
N ILE C 570 -45.37 22.92 -2.23
CA ILE C 570 -46.20 23.50 -1.18
C ILE C 570 -47.57 22.84 -1.14
N PRO C 571 -48.27 22.81 -2.29
CA PRO C 571 -49.55 22.12 -2.40
C PRO C 571 -49.47 20.68 -1.89
N ALA C 572 -48.50 19.92 -2.38
CA ALA C 572 -48.34 18.54 -1.93
C ALA C 572 -48.24 18.46 -0.41
N GLY C 573 -47.44 19.33 0.19
CA GLY C 573 -47.35 19.39 1.64
C GLY C 573 -48.71 19.55 2.26
N VAL C 574 -49.47 20.51 1.75
CA VAL C 574 -50.79 20.82 2.28
C VAL C 574 -51.74 19.63 2.17
N MET C 575 -51.80 19.00 1.00
CA MET C 575 -52.59 17.79 0.82
C MET C 575 -52.26 16.71 1.86
N ALA C 576 -50.99 16.57 2.22
CA ALA C 576 -50.60 15.50 3.13
C ALA C 576 -50.98 15.87 4.55
N ILE C 577 -51.03 17.17 4.81
CA ILE C 577 -51.45 17.66 6.11
C ILE C 577 -52.94 17.45 6.34
N PHE C 578 -53.74 17.53 5.28
CA PHE C 578 -55.18 17.31 5.37
C PHE C 578 -55.62 15.90 4.96
N GLY C 579 -54.68 14.95 5.04
CA GLY C 579 -54.98 13.54 4.82
C GLY C 579 -55.35 13.14 3.40
N GLN C 580 -55.01 13.99 2.43
CA GLN C 580 -55.41 13.78 1.04
C GLN C 580 -54.40 13.00 0.20
N ALA C 581 -53.12 13.16 0.52
CA ALA C 581 -52.06 12.47 -0.20
C ALA C 581 -51.34 11.51 0.73
N LYS C 582 -50.62 10.55 0.16
CA LYS C 582 -49.81 9.60 0.93
C LYS C 582 -48.32 9.94 0.78
N PRO C 583 -47.75 10.63 1.77
CA PRO C 583 -46.35 11.04 1.69
C PRO C 583 -45.44 9.85 1.88
N LYS C 584 -44.47 9.67 0.98
CA LYS C 584 -43.57 8.53 1.01
C LYS C 584 -42.14 8.95 1.35
N GLY C 585 -41.87 10.24 1.20
CA GLY C 585 -40.51 10.77 1.29
C GLY C 585 -39.62 10.29 2.42
N THR C 586 -38.37 10.02 2.09
CA THR C 586 -37.32 9.83 3.09
C THR C 586 -36.15 10.77 2.81
N LEU C 587 -35.53 11.25 3.88
CA LEU C 587 -34.45 12.21 3.80
C LEU C 587 -33.35 11.82 2.80
N PRO C 588 -33.11 12.67 1.79
CA PRO C 588 -32.04 12.43 0.82
C PRO C 588 -30.76 13.11 1.29
N VAL C 589 -30.77 13.65 2.50
CA VAL C 589 -29.58 14.28 3.09
C VAL C 589 -29.60 14.08 4.59
N ASP C 590 -28.50 14.47 5.26
CA ASP C 590 -28.41 14.36 6.71
C ASP C 590 -28.69 15.71 7.36
N ILE C 591 -29.71 15.76 8.21
CA ILE C 591 -29.97 16.96 9.00
C ILE C 591 -29.13 16.99 10.27
N PRO C 592 -28.15 17.89 10.32
CA PRO C 592 -27.32 18.08 11.53
C PRO C 592 -28.11 18.64 12.70
N SER C 593 -27.85 18.12 13.89
CA SER C 593 -28.44 18.61 15.13
C SER C 593 -27.88 19.98 15.50
N VAL C 594 -28.75 20.88 15.97
CA VAL C 594 -28.32 22.20 16.44
C VAL C 594 -28.12 22.20 17.95
N THR C 595 -28.82 21.29 18.63
CA THR C 595 -28.87 21.24 20.09
C THR C 595 -27.84 20.28 20.65
N LYS C 596 -27.32 19.42 19.78
CA LYS C 596 -26.23 18.52 20.13
C LYS C 596 -25.26 18.52 18.97
N PRO C 597 -24.48 19.60 18.84
CA PRO C 597 -23.56 19.85 17.73
C PRO C 597 -22.59 18.70 17.52
N GLY C 598 -22.40 18.31 16.26
CA GLY C 598 -21.56 17.17 15.94
C GLY C 598 -22.37 15.93 15.59
N ASN C 599 -23.58 15.87 16.10
CA ASN C 599 -24.42 14.71 15.82
C ASN C 599 -25.42 15.00 14.73
N THR C 600 -25.79 13.96 14.01
CA THR C 600 -26.89 14.06 13.07
C THR C 600 -28.18 13.94 13.88
N LEU C 601 -29.18 14.73 13.51
CA LEU C 601 -30.47 14.68 14.16
C LEU C 601 -31.35 13.70 13.39
N TYR C 602 -31.51 13.96 12.10
CA TYR C 602 -32.26 13.07 11.25
C TYR C 602 -31.32 12.55 10.18
N PRO C 603 -31.12 11.23 10.13
CA PRO C 603 -30.12 10.66 9.23
C PRO C 603 -30.69 10.52 7.82
N LEU C 604 -29.81 10.24 6.88
CA LEU C 604 -30.20 9.99 5.50
C LEU C 604 -31.12 8.75 5.44
N GLY C 605 -32.17 8.83 4.64
CA GLY C 605 -33.11 7.71 4.52
C GLY C 605 -34.29 7.72 5.49
N TYR C 606 -34.17 8.51 6.56
CA TYR C 606 -35.23 8.63 7.56
C TYR C 606 -36.51 9.30 7.03
N GLY C 607 -37.66 8.76 7.40
CA GLY C 607 -38.96 9.27 6.99
C GLY C 607 -40.06 8.49 7.69
N LEU C 608 -41.13 9.16 8.10
CA LEU C 608 -42.19 8.48 8.86
C LEU C 608 -43.40 8.07 8.01
N ASN C 609 -44.00 6.94 8.38
CA ASN C 609 -45.30 6.60 7.83
C ASN C 609 -46.37 7.41 8.54
N ILE C 610 -46.97 8.35 7.82
CA ILE C 610 -47.86 9.33 8.43
C ILE C 610 -49.01 8.65 9.18
N LYS C 611 -49.47 7.50 8.68
CA LYS C 611 -50.53 6.75 9.34
C LYS C 611 -50.03 5.90 10.52
N THR C 612 -49.14 4.96 10.23
CA THR C 612 -48.66 4.02 11.24
C THR C 612 -47.74 4.64 12.30
N GLY C 613 -47.04 5.70 11.92
CA GLY C 613 -46.15 6.40 12.85
C GLY C 613 -44.76 5.79 12.93
N ARG C 614 -44.61 4.59 12.39
CA ARG C 614 -43.33 3.92 12.39
C ARG C 614 -42.51 4.36 11.16
N PRO C 615 -41.17 4.32 11.28
CA PRO C 615 -40.24 4.68 10.20
C PRO C 615 -40.61 4.02 8.90
N LEU C 616 -40.76 4.83 7.85
CA LEU C 616 -41.23 4.33 6.57
C LEU C 616 -40.39 3.17 6.06
N SER D 3 -45.36 -10.30 62.40
CA SER D 3 -45.37 -8.98 61.76
C SER D 3 -45.84 -7.90 62.74
N LYS D 4 -45.08 -7.73 63.82
CA LYS D 4 -45.36 -6.71 64.83
C LYS D 4 -44.87 -5.33 64.40
N ARG D 5 -44.34 -5.24 63.18
CA ARG D 5 -43.86 -3.96 62.64
C ARG D 5 -44.97 -2.92 62.67
N ALA D 6 -46.17 -3.33 62.28
CA ALA D 6 -47.33 -2.43 62.17
C ALA D 6 -47.54 -1.58 63.42
N ILE D 7 -47.53 -2.22 64.58
CA ILE D 7 -47.69 -1.51 65.85
C ILE D 7 -46.41 -0.77 66.22
N ASP D 8 -45.29 -1.48 66.19
CA ASP D 8 -43.99 -0.88 66.45
C ASP D 8 -43.88 0.45 65.72
N ALA D 9 -44.21 0.44 64.43
CA ALA D 9 -44.08 1.63 63.60
C ALA D 9 -44.89 2.79 64.14
N ASN D 10 -46.14 2.49 64.50
CA ASN D 10 -47.09 3.50 64.95
C ASN D 10 -46.71 4.11 66.30
N GLN D 11 -46.34 3.25 67.25
CA GLN D 11 -45.83 3.71 68.54
C GLN D 11 -44.77 4.78 68.31
N ILE D 12 -43.96 4.59 67.28
CA ILE D 12 -42.85 5.49 66.97
C ILE D 12 -43.33 6.80 66.35
N VAL D 13 -44.21 6.70 65.36
CA VAL D 13 -44.67 7.88 64.63
C VAL D 13 -45.35 8.88 65.56
N ASN D 14 -46.22 8.38 66.43
CA ASN D 14 -46.96 9.21 67.38
C ASN D 14 -46.10 10.10 68.27
N ARG D 15 -44.80 9.88 68.26
CA ARG D 15 -43.89 10.60 69.16
C ARG D 15 -43.02 11.59 68.40
N MET D 16 -43.34 11.79 67.12
CA MET D 16 -42.53 12.64 66.27
C MET D 16 -43.24 13.94 65.96
N SER D 17 -42.50 15.04 65.96
CA SER D 17 -43.05 16.33 65.55
C SER D 17 -43.38 16.28 64.06
N LEU D 18 -44.46 16.94 63.66
CA LEU D 18 -44.83 16.99 62.26
C LEU D 18 -43.60 17.33 61.39
N ASP D 19 -42.62 18.00 61.97
CA ASP D 19 -41.43 18.39 61.22
C ASP D 19 -40.47 17.21 61.04
N GLU D 20 -40.42 16.35 62.05
CA GLU D 20 -39.62 15.13 61.99
C GLU D 20 -40.33 14.10 61.12
N LYS D 21 -41.65 14.22 61.02
CA LYS D 21 -42.43 13.36 60.13
C LYS D 21 -42.27 13.79 58.68
N LEU D 22 -42.32 15.09 58.43
CA LEU D 22 -42.18 15.62 57.07
C LEU D 22 -40.77 15.37 56.54
N GLY D 23 -39.76 15.74 57.32
CA GLY D 23 -38.38 15.50 56.93
C GLY D 23 -38.15 14.04 56.59
N GLN D 24 -38.86 13.16 57.29
CA GLN D 24 -38.70 11.72 57.13
C GLN D 24 -39.30 11.20 55.81
N MET D 25 -39.92 12.09 55.03
CA MET D 25 -40.52 11.70 53.76
C MET D 25 -39.69 12.27 52.62
N LEU D 26 -38.56 12.87 52.99
CA LEU D 26 -37.67 13.49 52.02
C LEU D 26 -36.41 12.68 51.81
N MET D 27 -35.97 12.61 50.56
CA MET D 27 -34.75 11.88 50.21
C MET D 27 -34.03 12.64 49.10
N PRO D 28 -33.27 13.67 49.49
CA PRO D 28 -32.48 14.53 48.59
C PRO D 28 -31.19 13.84 48.15
N ASP D 29 -30.50 14.46 47.20
CA ASP D 29 -29.18 13.98 46.76
C ASP D 29 -28.11 15.04 47.03
N PHE D 30 -26.92 14.59 47.40
CA PHE D 30 -25.79 15.49 47.51
C PHE D 30 -24.67 15.00 46.62
N ARG D 31 -24.93 15.09 45.32
CA ARG D 31 -24.00 14.64 44.31
C ARG D 31 -22.83 15.61 44.21
N ASN D 32 -23.15 16.88 44.02
CA ASN D 32 -22.15 17.93 43.98
C ASN D 32 -22.33 18.95 45.09
N TRP D 33 -21.22 19.34 45.73
CA TRP D 33 -21.27 20.31 46.80
C TRP D 33 -20.18 21.36 46.65
N GLN D 34 -20.59 22.62 46.57
CA GLN D 34 -19.66 23.74 46.52
C GLN D 34 -19.47 24.27 47.93
N LYS D 35 -18.38 23.87 48.58
CA LYS D 35 -18.13 24.23 49.98
C LYS D 35 -18.16 25.75 50.22
N GLU D 36 -17.98 26.13 51.48
CA GLU D 36 -17.91 27.54 51.84
C GLU D 36 -16.58 28.09 51.35
N GLY D 37 -16.65 29.19 50.61
CA GLY D 37 -15.46 29.76 50.01
C GLY D 37 -14.73 28.74 49.14
N GLU D 38 -15.47 28.04 48.29
CA GLU D 38 -14.88 27.19 47.28
C GLU D 38 -15.32 27.68 45.91
N SER D 39 -14.42 27.59 44.93
CA SER D 39 -14.67 28.17 43.60
C SER D 39 -15.95 27.68 42.93
N SER D 40 -16.16 26.36 42.93
CA SER D 40 -17.32 25.77 42.27
C SER D 40 -17.78 24.49 42.98
N PRO D 41 -18.84 23.85 42.45
CA PRO D 41 -19.35 22.59 42.99
C PRO D 41 -18.42 21.42 42.72
N GLN D 42 -18.24 20.56 43.70
CA GLN D 42 -17.37 19.40 43.56
C GLN D 42 -18.10 18.11 43.84
N ALA D 43 -17.69 17.04 43.17
CA ALA D 43 -18.21 15.72 43.49
C ALA D 43 -18.01 15.49 44.99
N LEU D 44 -19.09 15.16 45.70
CA LEU D 44 -19.00 14.91 47.12
C LEU D 44 -18.51 13.49 47.36
N THR D 45 -17.22 13.33 47.60
CA THR D 45 -16.66 12.01 47.87
C THR D 45 -16.60 11.74 49.37
N LYS D 46 -16.61 12.83 50.14
CA LYS D 46 -16.39 12.75 51.56
C LYS D 46 -17.33 13.71 52.29
N MET D 47 -17.81 13.29 53.45
CA MET D 47 -18.71 14.10 54.25
C MET D 47 -18.05 15.41 54.69
N ASN D 48 -18.86 16.33 55.23
CA ASN D 48 -18.38 17.57 55.83
C ASN D 48 -19.47 18.19 56.72
N ASP D 49 -19.09 19.16 57.54
CA ASP D 49 -20.01 19.74 58.52
C ASP D 49 -21.13 20.56 57.88
N GLU D 50 -20.91 21.03 56.65
CA GLU D 50 -21.94 21.80 55.97
C GLU D 50 -23.11 20.90 55.57
N VAL D 51 -22.80 19.79 54.94
CA VAL D 51 -23.83 18.83 54.54
C VAL D 51 -24.47 18.17 55.77
N ALA D 52 -23.65 17.68 56.68
CA ALA D 52 -24.14 16.97 57.86
C ALA D 52 -25.03 17.85 58.73
N SER D 53 -24.78 19.15 58.69
CA SER D 53 -25.62 20.09 59.44
C SER D 53 -27.03 20.00 58.89
N LEU D 54 -27.15 20.06 57.56
CA LEU D 54 -28.43 19.98 56.89
C LEU D 54 -29.18 18.69 57.20
N VAL D 55 -28.43 17.61 57.45
CA VAL D 55 -29.05 16.34 57.82
C VAL D 55 -29.59 16.38 59.24
N LYS D 56 -28.82 16.96 60.15
CA LYS D 56 -29.25 17.14 61.53
C LYS D 56 -30.47 18.07 61.57
N LYS D 57 -30.46 19.06 60.69
CA LYS D 57 -31.47 20.12 60.71
C LYS D 57 -32.84 19.69 60.15
N TYR D 58 -32.86 19.21 58.91
CA TYR D 58 -34.11 18.83 58.28
C TYR D 58 -34.45 17.37 58.54
N GLN D 59 -33.51 16.66 59.14
CA GLN D 59 -33.71 15.25 59.51
C GLN D 59 -34.36 14.46 58.38
N PHE D 60 -33.66 14.35 57.25
CA PHE D 60 -34.18 13.62 56.08
C PHE D 60 -34.37 12.15 56.41
N GLY D 61 -35.23 11.49 55.62
CA GLY D 61 -35.52 10.09 55.84
C GLY D 61 -34.58 9.20 55.06
N GLY D 62 -34.00 9.74 54.01
CA GLY D 62 -33.07 9.00 53.20
C GLY D 62 -32.17 9.90 52.39
N ILE D 63 -31.03 9.35 51.97
CA ILE D 63 -30.16 10.01 51.01
C ILE D 63 -29.92 9.09 49.82
N ILE D 64 -30.16 9.60 48.62
CA ILE D 64 -29.85 8.85 47.41
C ILE D 64 -28.42 9.16 46.91
N LEU D 65 -27.68 8.13 46.53
CA LEU D 65 -26.28 8.28 46.16
C LEU D 65 -26.04 8.09 44.67
N PHE D 66 -25.07 8.81 44.12
CA PHE D 66 -24.72 8.65 42.70
C PHE D 66 -23.29 8.19 42.44
N ALA D 67 -22.94 8.03 41.18
CA ALA D 67 -21.62 7.53 40.80
C ALA D 67 -20.50 8.34 41.43
N GLU D 68 -20.74 9.63 41.62
CA GLU D 68 -19.77 10.54 42.22
C GLU D 68 -19.50 10.22 43.68
N ASN D 69 -20.54 9.75 44.38
CA ASN D 69 -20.48 9.54 45.82
C ASN D 69 -19.84 8.19 46.19
N VAL D 70 -19.80 7.27 45.23
CA VAL D 70 -19.28 5.93 45.48
C VAL D 70 -18.20 5.55 44.46
N LYS D 71 -17.18 6.40 44.35
CA LYS D 71 -16.07 6.17 43.43
C LYS D 71 -15.23 4.95 43.84
N THR D 72 -15.00 4.77 45.13
CA THR D 72 -14.22 3.63 45.60
C THR D 72 -14.83 3.00 46.82
N THR D 73 -14.44 1.76 47.08
CA THR D 73 -14.99 0.97 48.17
C THR D 73 -14.62 1.53 49.54
N LYS D 74 -13.39 2.04 49.67
CA LYS D 74 -12.97 2.66 50.93
C LYS D 74 -13.66 3.99 51.19
N GLN D 75 -13.84 4.79 50.14
CA GLN D 75 -14.48 6.09 50.26
C GLN D 75 -15.98 5.96 50.55
N THR D 76 -16.59 4.91 49.99
CA THR D 76 -18.02 4.70 50.13
C THR D 76 -18.40 4.28 51.54
N VAL D 77 -17.73 3.25 52.04
CA VAL D 77 -17.99 2.76 53.38
C VAL D 77 -17.82 3.88 54.41
N GLN D 78 -16.96 4.84 54.11
CA GLN D 78 -16.76 5.98 54.99
C GLN D 78 -17.91 6.97 54.89
N LEU D 79 -18.25 7.35 53.66
CA LEU D 79 -19.34 8.30 53.43
C LEU D 79 -20.65 7.83 54.04
N THR D 80 -20.92 6.54 53.96
CA THR D 80 -22.13 5.99 54.56
C THR D 80 -22.15 6.16 56.08
N ASP D 81 -21.08 5.73 56.75
CA ASP D 81 -20.99 5.89 58.20
C ASP D 81 -20.98 7.33 58.68
N ASP D 82 -20.45 8.24 57.86
CA ASP D 82 -20.48 9.66 58.18
C ASP D 82 -21.89 10.24 58.06
N TYR D 83 -22.69 9.69 57.13
CA TYR D 83 -24.09 10.06 57.02
C TYR D 83 -24.84 9.60 58.26
N GLN D 84 -24.67 8.34 58.63
CA GLN D 84 -25.36 7.74 59.76
C GLN D 84 -25.05 8.44 61.08
N LYS D 85 -23.85 9.01 61.18
CA LYS D 85 -23.52 9.84 62.33
C LYS D 85 -24.41 11.09 62.33
N ALA D 86 -24.52 11.71 61.17
CA ALA D 86 -25.25 12.97 61.02
C ALA D 86 -26.73 12.83 61.34
N SER D 87 -27.31 11.68 61.02
CA SER D 87 -28.73 11.43 61.19
C SER D 87 -29.15 11.29 62.67
N PRO D 88 -29.78 12.33 63.21
CA PRO D 88 -30.22 12.59 64.60
C PRO D 88 -30.96 11.45 65.29
N LYS D 89 -32.06 10.96 64.71
CA LYS D 89 -32.95 10.06 65.44
C LYS D 89 -33.22 8.74 64.73
N ILE D 90 -33.40 8.79 63.41
CA ILE D 90 -33.69 7.58 62.67
C ILE D 90 -32.64 7.30 61.60
N PRO D 91 -32.12 6.07 61.60
CA PRO D 91 -31.16 5.61 60.59
C PRO D 91 -31.62 6.00 59.18
N LEU D 92 -30.73 6.67 58.44
CA LEU D 92 -31.03 7.06 57.06
C LEU D 92 -31.24 5.85 56.17
N MET D 93 -31.98 6.04 55.08
CA MET D 93 -32.17 4.99 54.10
C MET D 93 -31.37 5.32 52.85
N LEU D 94 -30.12 4.87 52.80
CA LEU D 94 -29.21 5.20 51.70
C LEU D 94 -29.48 4.37 50.44
N SER D 95 -29.73 5.05 49.33
CA SER D 95 -30.20 4.38 48.13
C SER D 95 -29.32 4.65 46.92
N ILE D 96 -29.47 3.83 45.87
CA ILE D 96 -28.62 3.94 44.70
C ILE D 96 -29.19 3.17 43.51
N ASP D 97 -28.72 3.48 42.30
CA ASP D 97 -29.23 2.84 41.09
C ASP D 97 -28.32 1.70 40.63
N GLN D 98 -28.02 0.76 41.51
CA GLN D 98 -27.18 -0.38 41.16
C GLN D 98 -27.96 -1.52 40.49
N GLU D 99 -28.37 -1.32 39.23
CA GLU D 99 -29.18 -2.32 38.53
C GLU D 99 -28.35 -3.52 38.05
N GLY D 100 -27.08 -3.27 37.72
CA GLY D 100 -26.29 -4.25 37.01
C GLY D 100 -26.36 -3.92 35.53
N GLY D 101 -25.40 -4.39 34.75
CA GLY D 101 -25.41 -4.13 33.32
C GLY D 101 -24.92 -2.74 32.97
N ILE D 102 -25.61 -2.08 32.03
CA ILE D 102 -25.17 -0.76 31.60
C ILE D 102 -25.55 0.37 32.56
N VAL D 103 -26.15 0.02 33.68
CA VAL D 103 -26.44 1.01 34.72
C VAL D 103 -25.89 0.56 36.07
N THR D 104 -24.62 0.87 36.31
CA THR D 104 -24.01 0.61 37.61
C THR D 104 -23.43 1.90 38.14
N ARG D 105 -23.13 1.93 39.43
CA ARG D 105 -22.66 3.16 40.08
C ARG D 105 -21.42 2.94 40.92
N LEU D 106 -21.39 1.81 41.64
CA LEU D 106 -20.26 1.46 42.46
C LEU D 106 -19.00 1.48 41.63
N GLY D 107 -17.92 2.01 42.19
CA GLY D 107 -16.66 2.11 41.49
C GLY D 107 -15.89 0.81 41.44
N GLU D 108 -15.84 0.10 42.56
CA GLU D 108 -15.06 -1.12 42.65
C GLU D 108 -15.96 -2.35 42.62
N GLY D 109 -17.26 -2.15 42.41
CA GLY D 109 -18.23 -3.23 42.48
C GLY D 109 -18.29 -4.15 41.28
N THR D 110 -19.09 -5.20 41.40
CA THR D 110 -19.28 -6.17 40.32
C THR D 110 -20.41 -5.76 39.38
N ASN D 111 -20.06 -5.25 38.20
CA ASN D 111 -21.07 -4.96 37.19
C ASN D 111 -21.46 -6.28 36.57
N PHE D 112 -22.74 -6.51 36.36
CA PHE D 112 -23.13 -7.79 35.78
C PHE D 112 -23.47 -7.65 34.30
N PRO D 113 -23.95 -8.72 33.65
CA PRO D 113 -24.27 -8.67 32.22
C PRO D 113 -25.48 -7.80 31.91
N GLY D 114 -26.35 -7.62 32.91
CA GLY D 114 -27.54 -6.82 32.72
C GLY D 114 -28.81 -7.63 32.64
N ASN D 115 -29.95 -6.95 32.72
CA ASN D 115 -31.24 -7.61 32.68
C ASN D 115 -31.49 -8.43 31.41
N MET D 116 -31.39 -7.79 30.24
CA MET D 116 -31.66 -8.51 29.01
C MET D 116 -30.77 -9.73 28.89
N ALA D 117 -29.58 -9.65 29.49
CA ALA D 117 -28.70 -10.82 29.57
C ALA D 117 -29.35 -11.93 30.40
N LEU D 118 -29.77 -11.57 31.60
CA LEU D 118 -30.47 -12.52 32.46
C LEU D 118 -31.71 -13.11 31.78
N GLY D 119 -32.29 -12.36 30.85
CA GLY D 119 -33.43 -12.84 30.08
C GLY D 119 -32.98 -13.94 29.14
N ALA D 120 -31.88 -13.69 28.46
CA ALA D 120 -31.28 -14.68 27.57
C ALA D 120 -30.90 -15.93 28.36
N ALA D 121 -30.25 -15.72 29.51
CA ALA D 121 -29.90 -16.84 30.39
C ALA D 121 -31.15 -17.59 30.83
N ARG D 122 -32.21 -16.84 31.10
CA ARG D 122 -33.56 -17.36 31.37
C ARG D 122 -33.79 -17.98 32.75
N SER D 123 -32.83 -18.79 33.20
CA SER D 123 -32.96 -19.41 34.51
C SER D 123 -33.24 -18.36 35.59
N ARG D 124 -34.30 -18.58 36.37
CA ARG D 124 -34.66 -17.64 37.42
C ARG D 124 -33.71 -17.71 38.63
N ILE D 125 -32.90 -18.76 38.71
CA ILE D 125 -31.90 -18.83 39.77
C ILE D 125 -30.83 -17.80 39.54
N ASN D 126 -30.48 -17.59 38.27
CA ASN D 126 -29.45 -16.62 37.94
C ASN D 126 -29.88 -15.23 38.37
N ALA D 127 -31.13 -14.87 38.10
CA ALA D 127 -31.67 -13.60 38.55
C ALA D 127 -31.46 -13.46 40.06
N TYR D 128 -31.91 -14.48 40.80
CA TYR D 128 -31.82 -14.46 42.27
C TYR D 128 -30.39 -14.34 42.78
N GLN D 129 -29.45 -14.90 42.03
CA GLN D 129 -28.04 -14.82 42.39
C GLN D 129 -27.54 -13.40 42.17
N THR D 130 -28.00 -12.80 41.08
CA THR D 130 -27.57 -11.46 40.73
C THR D 130 -27.95 -10.46 41.80
N GLY D 131 -29.17 -10.57 42.31
CA GLY D 131 -29.63 -9.67 43.34
C GLY D 131 -28.97 -9.97 44.66
N SER D 132 -28.68 -11.24 44.88
CA SER D 132 -28.11 -11.68 46.12
C SER D 132 -26.69 -11.16 46.26
N ILE D 133 -26.03 -10.93 45.13
CA ILE D 133 -24.63 -10.46 45.14
C ILE D 133 -24.55 -8.94 45.19
N ILE D 134 -25.34 -8.26 44.36
CA ILE D 134 -25.47 -6.82 44.46
C ILE D 134 -25.87 -6.46 45.89
N GLY D 135 -26.72 -7.31 46.47
CA GLY D 135 -27.16 -7.17 47.85
C GLY D 135 -26.03 -7.32 48.87
N LYS D 136 -25.25 -8.39 48.75
CA LYS D 136 -24.08 -8.57 49.60
C LYS D 136 -23.20 -7.34 49.46
N GLU D 137 -22.97 -6.91 48.21
CA GLU D 137 -22.06 -5.79 47.95
C GLU D 137 -22.59 -4.49 48.53
N LEU D 138 -23.85 -4.17 48.24
CA LEU D 138 -24.45 -2.96 48.77
C LEU D 138 -24.45 -2.99 50.30
N SER D 139 -24.81 -4.15 50.85
CA SER D 139 -24.87 -4.32 52.30
C SER D 139 -23.52 -4.10 52.97
N ALA D 140 -22.46 -4.53 52.30
CA ALA D 140 -21.10 -4.40 52.81
C ALA D 140 -20.58 -2.95 52.80
N LEU D 141 -21.08 -2.14 51.86
CA LEU D 141 -20.71 -0.73 51.77
C LEU D 141 -21.46 0.14 52.78
N GLY D 142 -22.67 -0.30 53.16
CA GLY D 142 -23.53 0.48 54.03
C GLY D 142 -24.67 1.14 53.29
N ILE D 143 -24.96 0.62 52.10
CA ILE D 143 -26.12 1.05 51.34
C ILE D 143 -27.22 0.05 51.61
N ASN D 144 -28.44 0.53 51.87
CA ASN D 144 -29.53 -0.37 52.24
C ASN D 144 -30.72 -0.39 51.29
N THR D 145 -30.72 0.49 50.29
CA THR D 145 -31.82 0.55 49.33
C THR D 145 -31.30 0.61 47.89
N ASP D 146 -31.95 -0.17 47.02
CA ASP D 146 -31.53 -0.25 45.62
C ASP D 146 -32.71 -0.10 44.67
N PHE D 147 -32.66 0.90 43.81
CA PHE D 147 -33.74 1.13 42.86
C PHE D 147 -33.62 0.14 41.70
N SER D 148 -33.72 -1.13 42.04
CA SER D 148 -33.80 -2.23 41.10
C SER D 148 -34.78 -3.18 41.78
N PRO D 149 -35.43 -4.08 41.03
CA PRO D 149 -35.33 -4.41 39.60
C PRO D 149 -36.11 -3.49 38.69
N VAL D 150 -35.56 -3.23 37.52
CA VAL D 150 -36.35 -2.68 36.45
C VAL D 150 -37.29 -3.77 35.98
N VAL D 151 -38.60 -3.50 36.00
CA VAL D 151 -39.54 -4.44 35.43
C VAL D 151 -40.34 -3.81 34.28
N ASP D 152 -39.68 -2.87 33.60
CA ASP D 152 -40.22 -2.32 32.35
C ASP D 152 -40.08 -3.39 31.29
N ILE D 153 -40.91 -3.30 30.26
CA ILE D 153 -40.95 -4.35 29.26
C ILE D 153 -40.58 -3.82 27.91
N ASN D 154 -39.44 -4.28 27.40
CA ASN D 154 -38.96 -3.83 26.11
C ASN D 154 -39.68 -4.54 24.97
N ASN D 155 -40.97 -4.22 24.83
CA ASN D 155 -41.81 -4.95 23.91
C ASN D 155 -41.93 -4.33 22.51
N ASN D 156 -41.34 -3.16 22.30
CA ASN D 156 -41.41 -2.50 20.99
C ASN D 156 -40.06 -2.16 20.37
N PRO D 157 -39.59 -3.02 19.45
CA PRO D 157 -38.34 -2.80 18.71
C PRO D 157 -38.24 -1.38 18.15
N ASP D 158 -39.32 -0.88 17.56
CA ASP D 158 -39.29 0.44 16.95
C ASP D 158 -39.22 1.56 17.97
N ASN D 159 -39.18 1.20 19.26
CA ASN D 159 -39.16 2.18 20.35
C ASN D 159 -38.65 1.56 21.65
N PRO D 160 -37.34 1.22 21.70
CA PRO D 160 -36.75 0.51 22.83
C PRO D 160 -36.27 1.47 23.91
N VAL D 161 -37.18 2.13 24.61
CA VAL D 161 -36.79 3.12 25.61
C VAL D 161 -35.89 2.57 26.71
N ILE D 162 -36.11 1.33 27.12
CA ILE D 162 -35.30 0.78 28.18
C ILE D 162 -34.29 -0.23 27.65
N GLY D 163 -34.68 -0.95 26.60
CA GLY D 163 -33.80 -1.92 25.96
C GLY D 163 -33.16 -2.91 26.91
N VAL D 164 -31.83 -3.03 26.84
CA VAL D 164 -31.08 -4.03 27.60
C VAL D 164 -31.17 -3.86 29.13
N ARG D 165 -31.77 -2.79 29.61
CA ARG D 165 -31.97 -2.64 31.06
C ARG D 165 -33.22 -3.41 31.46
N SER D 166 -33.87 -3.99 30.46
CA SER D 166 -35.10 -4.75 30.64
C SER D 166 -34.88 -6.23 30.34
N PHE D 167 -35.44 -7.09 31.19
CA PHE D 167 -35.34 -8.54 31.04
C PHE D 167 -35.77 -9.06 29.67
N SER D 168 -36.84 -8.51 29.11
CA SER D 168 -37.48 -9.14 27.97
C SER D 168 -38.63 -8.34 27.34
N SER D 169 -39.06 -8.77 26.15
CA SER D 169 -40.20 -8.18 25.47
C SER D 169 -41.48 -8.93 25.84
N ASN D 170 -41.36 -9.83 26.82
CA ASN D 170 -42.49 -10.62 27.27
C ASN D 170 -42.79 -10.31 28.74
N ARG D 171 -44.07 -10.20 29.08
CA ARG D 171 -44.45 -9.77 30.42
C ARG D 171 -44.18 -10.85 31.47
N GLU D 172 -44.38 -12.10 31.08
CA GLU D 172 -44.16 -13.22 32.00
C GLU D 172 -42.68 -13.43 32.32
N LEU D 173 -41.83 -13.31 31.31
CA LEU D 173 -40.41 -13.47 31.56
C LEU D 173 -39.87 -12.30 32.37
N THR D 174 -40.45 -11.12 32.12
CA THR D 174 -40.07 -9.93 32.86
C THR D 174 -40.48 -10.04 34.32
N SER D 175 -41.73 -10.41 34.57
CA SER D 175 -42.24 -10.41 35.94
C SER D 175 -41.51 -11.44 36.77
N ARG D 176 -41.31 -12.61 36.19
CA ARG D 176 -40.62 -13.72 36.84
C ARG D 176 -39.20 -13.33 37.25
N LEU D 177 -38.39 -12.95 36.26
CA LEU D 177 -37.02 -12.56 36.52
C LEU D 177 -36.93 -11.38 37.49
N GLY D 178 -37.84 -10.42 37.33
CA GLY D 178 -37.90 -9.27 38.21
C GLY D 178 -38.25 -9.73 39.61
N LEU D 179 -39.17 -10.70 39.66
CA LEU D 179 -39.62 -11.29 40.89
C LEU D 179 -38.45 -11.84 41.69
N TYR D 180 -37.56 -12.54 41.01
CA TYR D 180 -36.43 -13.20 41.68
C TYR D 180 -35.26 -12.28 41.98
N THR D 181 -35.01 -11.30 41.11
CA THR D 181 -33.99 -10.30 41.42
C THR D 181 -34.40 -9.60 42.70
N MET D 182 -35.68 -9.23 42.75
CA MET D 182 -36.22 -8.55 43.92
C MET D 182 -35.97 -9.37 45.17
N LYS D 183 -36.42 -10.63 45.14
CA LYS D 183 -36.28 -11.47 46.33
C LYS D 183 -34.82 -11.68 46.69
N GLY D 184 -33.97 -11.79 45.67
CA GLY D 184 -32.54 -11.87 45.88
C GLY D 184 -32.03 -10.72 46.73
N LEU D 185 -32.32 -9.50 46.31
CA LEU D 185 -31.95 -8.31 47.07
C LEU D 185 -32.48 -8.32 48.49
N GLN D 186 -33.73 -8.73 48.66
CA GLN D 186 -34.35 -8.68 49.96
C GLN D 186 -33.64 -9.59 50.93
N ARG D 187 -33.21 -10.75 50.45
CA ARG D 187 -32.56 -11.78 51.28
C ARG D 187 -31.28 -11.25 51.91
N GLN D 188 -30.74 -10.20 51.30
CA GLN D 188 -29.53 -9.55 51.83
C GLN D 188 -29.92 -8.39 52.73
N ASP D 189 -31.21 -8.31 53.04
CA ASP D 189 -31.74 -7.19 53.81
C ASP D 189 -31.48 -5.86 53.10
N ILE D 190 -31.92 -5.78 51.85
CA ILE D 190 -31.85 -4.54 51.07
C ILE D 190 -33.23 -4.14 50.55
N ALA D 191 -33.65 -2.93 50.87
CA ALA D 191 -34.90 -2.39 50.35
C ALA D 191 -34.84 -2.42 48.83
N SER D 192 -35.82 -3.05 48.21
CA SER D 192 -35.86 -3.19 46.76
C SER D 192 -37.03 -2.41 46.20
N ALA D 193 -36.82 -1.71 45.09
CA ALA D 193 -37.87 -0.87 44.52
C ALA D 193 -38.13 -1.16 43.04
N LEU D 194 -39.27 -1.80 42.76
CA LEU D 194 -39.70 -2.00 41.38
C LEU D 194 -39.61 -0.68 40.62
N LYS D 195 -39.08 -0.72 39.41
CA LYS D 195 -38.67 0.52 38.77
C LYS D 195 -39.46 0.91 37.54
N HIS D 196 -39.87 2.18 37.57
CA HIS D 196 -40.49 2.89 36.45
C HIS D 196 -41.97 2.60 36.28
N PHE D 197 -42.70 2.64 37.39
CA PHE D 197 -44.15 2.57 37.36
C PHE D 197 -44.64 3.83 36.67
N PRO D 198 -45.64 3.70 35.79
CA PRO D 198 -46.45 2.51 35.51
C PRO D 198 -46.00 1.73 34.27
N GLY D 199 -44.71 1.73 33.98
CA GLY D 199 -44.20 0.96 32.86
C GLY D 199 -43.60 1.83 31.77
N HIS D 200 -42.28 2.02 31.84
CA HIS D 200 -41.59 2.97 30.98
C HIS D 200 -41.22 2.40 29.61
N GLY D 201 -41.29 1.07 29.48
CA GLY D 201 -40.83 0.37 28.30
C GLY D 201 -41.34 0.73 26.91
N ASP D 202 -42.49 1.39 26.80
CA ASP D 202 -43.02 1.77 25.49
C ASP D 202 -43.61 3.18 25.53
N THR D 203 -42.97 4.06 26.28
CA THR D 203 -43.47 5.42 26.41
C THR D 203 -43.17 6.23 25.15
N ASP D 204 -44.19 6.90 24.65
CA ASP D 204 -44.02 7.94 23.66
C ASP D 204 -43.40 9.14 24.38
N VAL D 205 -43.25 10.26 23.68
CA VAL D 205 -42.70 11.46 24.29
C VAL D 205 -43.52 12.68 23.86
N ASP D 206 -43.51 13.71 24.71
CA ASP D 206 -44.15 14.97 24.36
C ASP D 206 -43.06 16.02 24.17
N SER D 207 -42.68 16.24 22.91
CA SER D 207 -41.58 17.14 22.59
C SER D 207 -41.79 18.53 23.16
N HIS D 208 -43.04 18.91 23.36
CA HIS D 208 -43.38 20.22 23.90
C HIS D 208 -42.90 20.42 25.35
N TYR D 209 -43.25 19.49 26.24
CA TYR D 209 -42.93 19.63 27.65
C TYR D 209 -41.70 18.84 28.04
N GLY D 210 -41.37 17.83 27.26
CA GLY D 210 -40.21 16.99 27.54
C GLY D 210 -40.49 15.87 28.52
N LEU D 211 -41.76 15.46 28.60
CA LEU D 211 -42.16 14.37 29.46
C LEU D 211 -42.51 13.11 28.65
N PRO D 212 -42.32 11.93 29.25
CA PRO D 212 -42.80 10.70 28.60
C PRO D 212 -44.32 10.65 28.66
N LEU D 213 -44.95 10.16 27.60
CA LEU D 213 -46.40 10.05 27.52
C LEU D 213 -46.82 8.64 27.13
N VAL D 214 -47.82 8.10 27.84
CA VAL D 214 -48.35 6.79 27.48
C VAL D 214 -49.71 6.98 26.86
N SER D 215 -49.89 6.56 25.62
CA SER D 215 -51.15 6.78 24.92
C SER D 215 -52.03 5.53 24.86
N HIS D 216 -51.54 4.44 25.45
CA HIS D 216 -52.29 3.18 25.45
C HIS D 216 -53.54 3.24 26.33
N GLY D 217 -54.59 2.55 25.90
CA GLY D 217 -55.80 2.41 26.71
C GLY D 217 -55.65 1.42 27.85
N GLN D 218 -56.58 1.47 28.79
CA GLN D 218 -56.47 0.71 30.04
C GLN D 218 -56.39 -0.81 29.85
N GLU D 219 -57.05 -1.32 28.82
CA GLU D 219 -57.03 -2.76 28.61
C GLU D 219 -55.60 -3.21 28.39
N ARG D 220 -54.94 -2.57 27.42
CA ARG D 220 -53.53 -2.80 27.14
C ARG D 220 -52.67 -2.60 28.40
N LEU D 221 -52.77 -1.42 29.03
CA LEU D 221 -51.97 -1.13 30.22
C LEU D 221 -52.04 -2.24 31.27
N ARG D 222 -53.24 -2.76 31.51
CA ARG D 222 -53.41 -3.74 32.57
C ARG D 222 -52.95 -5.13 32.14
N GLU D 223 -53.00 -5.40 30.84
CA GLU D 223 -52.50 -6.66 30.28
C GLU D 223 -50.95 -6.74 30.29
N VAL D 224 -50.32 -5.65 29.92
CA VAL D 224 -48.88 -5.63 29.67
C VAL D 224 -48.13 -4.78 30.71
N GLU D 225 -47.93 -3.50 30.42
CA GLU D 225 -47.21 -2.60 31.34
C GLU D 225 -47.35 -2.87 32.84
N LEU D 226 -48.58 -2.96 33.35
CA LEU D 226 -48.77 -3.05 34.79
C LEU D 226 -48.61 -4.45 35.37
N TYR D 227 -48.65 -5.46 34.50
CA TYR D 227 -48.57 -6.86 34.93
C TYR D 227 -47.35 -7.20 35.80
N PRO D 228 -46.14 -6.89 35.30
CA PRO D 228 -44.93 -7.15 36.09
C PRO D 228 -45.01 -6.53 37.48
N PHE D 229 -45.42 -5.27 37.55
CA PHE D 229 -45.53 -4.57 38.83
C PHE D 229 -46.52 -5.27 39.78
N GLN D 230 -47.68 -5.62 39.24
CA GLN D 230 -48.68 -6.34 40.02
C GLN D 230 -48.07 -7.59 40.68
N LYS D 231 -47.50 -8.48 39.87
CA LYS D 231 -46.97 -9.74 40.39
C LYS D 231 -45.93 -9.53 41.49
N ALA D 232 -45.03 -8.58 41.30
CA ALA D 232 -44.01 -8.30 42.31
C ALA D 232 -44.63 -7.69 43.57
N ILE D 233 -45.63 -6.83 43.38
CA ILE D 233 -46.36 -6.24 44.50
C ILE D 233 -47.01 -7.31 45.37
N ASP D 234 -47.61 -8.30 44.72
CA ASP D 234 -48.20 -9.43 45.45
C ASP D 234 -47.14 -10.23 46.18
N ALA D 235 -45.97 -10.36 45.57
CA ALA D 235 -44.90 -11.17 46.12
C ALA D 235 -44.13 -10.44 47.21
N GLY D 236 -44.56 -9.23 47.53
CA GLY D 236 -44.00 -8.51 48.65
C GLY D 236 -42.90 -7.52 48.33
N ALA D 237 -43.08 -6.75 47.26
CA ALA D 237 -42.18 -5.66 46.95
C ALA D 237 -42.19 -4.66 48.10
N ASP D 238 -41.04 -4.04 48.35
CA ASP D 238 -40.90 -3.05 49.43
C ASP D 238 -41.29 -1.65 48.96
N MET D 239 -40.72 -1.22 47.83
CA MET D 239 -40.96 0.11 47.29
C MET D 239 -41.38 0.03 45.85
N VAL D 240 -42.10 1.05 45.41
CA VAL D 240 -42.39 1.24 44.00
C VAL D 240 -41.99 2.65 43.55
N MET D 241 -41.07 2.73 42.60
CA MET D 241 -40.65 4.01 42.05
C MET D 241 -41.52 4.37 40.86
N THR D 242 -41.96 5.62 40.81
CA THR D 242 -42.87 6.03 39.75
C THR D 242 -42.24 7.07 38.86
N ALA D 243 -42.38 6.88 37.55
CA ALA D 243 -41.82 7.80 36.57
C ALA D 243 -42.77 8.98 36.36
N HIS D 244 -42.23 10.10 35.89
CA HIS D 244 -43.06 11.25 35.54
C HIS D 244 -43.63 11.05 34.15
N VAL D 245 -44.60 10.15 34.05
CA VAL D 245 -45.18 9.82 32.76
C VAL D 245 -46.61 10.32 32.68
N GLN D 246 -46.87 11.14 31.68
CA GLN D 246 -48.23 11.55 31.41
C GLN D 246 -49.03 10.31 31.08
N PHE D 247 -50.15 10.14 31.80
CA PHE D 247 -50.84 8.86 31.84
C PHE D 247 -52.37 9.02 31.68
N PRO D 248 -52.82 9.45 30.49
CA PRO D 248 -54.21 9.85 30.20
C PRO D 248 -55.29 8.77 30.30
N ALA D 249 -54.94 7.49 30.25
CA ALA D 249 -55.96 6.45 30.35
C ALA D 249 -56.52 6.37 31.77
N PHE D 250 -55.74 6.85 32.75
CA PHE D 250 -56.14 6.76 34.15
C PHE D 250 -56.35 8.12 34.79
N ASP D 251 -55.76 9.16 34.20
CA ASP D 251 -55.96 10.53 34.63
C ASP D 251 -55.63 11.51 33.50
N ASP D 252 -56.65 12.17 32.97
CA ASP D 252 -56.45 13.16 31.93
C ASP D 252 -56.73 14.58 32.44
N THR D 253 -56.59 14.76 33.76
CA THR D 253 -56.57 16.07 34.37
C THR D 253 -55.42 16.90 33.80
N THR D 254 -55.70 18.14 33.42
CA THR D 254 -54.64 19.02 32.97
C THR D 254 -54.46 20.21 33.90
N TYR D 255 -53.28 20.79 33.89
CA TYR D 255 -52.99 21.97 34.70
C TYR D 255 -52.44 23.07 33.80
N LYS D 256 -52.31 24.26 34.36
CA LYS D 256 -51.71 25.37 33.64
C LYS D 256 -50.24 25.36 33.92
N SER D 257 -49.42 25.22 32.87
CA SER D 257 -47.97 25.26 33.03
C SER D 257 -47.53 26.57 33.67
N LYS D 258 -46.70 26.48 34.70
CA LYS D 258 -46.20 27.67 35.37
C LYS D 258 -45.00 28.25 34.63
N LEU D 259 -44.97 28.02 33.31
CA LEU D 259 -43.84 28.42 32.49
C LEU D 259 -44.31 28.70 31.07
N ASP D 260 -45.44 28.12 30.70
CA ASP D 260 -45.93 28.22 29.34
C ASP D 260 -47.34 28.78 29.34
N GLY D 261 -48.08 28.51 30.42
CA GLY D 261 -49.48 28.86 30.49
C GLY D 261 -50.34 27.83 29.81
N SER D 262 -49.70 26.88 29.11
CA SER D 262 -50.41 25.85 28.37
C SER D 262 -51.03 24.76 29.25
N ASP D 263 -51.93 23.96 28.65
CA ASP D 263 -52.62 22.89 29.36
C ASP D 263 -51.83 21.60 29.36
N ILE D 264 -51.08 21.38 30.44
CA ILE D 264 -50.19 20.22 30.53
C ILE D 264 -50.84 19.05 31.27
N LEU D 265 -50.80 17.86 30.68
CA LEU D 265 -51.29 16.67 31.37
C LEU D 265 -50.55 16.42 32.68
N VAL D 266 -51.25 15.85 33.65
CA VAL D 266 -50.67 15.57 34.96
C VAL D 266 -49.80 14.33 34.86
N PRO D 267 -48.54 14.43 35.31
CA PRO D 267 -47.63 13.28 35.39
C PRO D 267 -48.16 12.26 36.40
N ALA D 268 -47.95 10.97 36.11
CA ALA D 268 -48.38 9.89 36.98
C ALA D 268 -48.04 10.21 38.44
N THR D 269 -46.81 10.67 38.62
CA THR D 269 -46.29 10.95 39.96
C THR D 269 -47.19 11.93 40.73
N LEU D 270 -47.77 12.89 40.03
CA LEU D 270 -48.49 13.97 40.67
C LEU D 270 -50.02 13.79 40.63
N SER D 271 -50.47 12.57 40.36
CA SER D 271 -51.89 12.31 40.17
C SER D 271 -52.45 11.41 41.26
N LYS D 272 -53.45 11.91 41.98
CA LYS D 272 -54.07 11.11 43.04
C LYS D 272 -54.81 9.90 42.46
N LYS D 273 -55.42 10.08 41.29
CA LYS D 273 -56.07 8.98 40.58
C LYS D 273 -55.08 7.87 40.26
N VAL D 274 -53.84 8.24 39.95
CA VAL D 274 -52.83 7.26 39.58
C VAL D 274 -52.08 6.70 40.80
N MET D 275 -51.47 7.57 41.59
CA MET D 275 -50.71 7.13 42.75
C MET D 275 -51.60 6.36 43.71
N THR D 276 -52.60 7.03 44.27
CA THR D 276 -53.42 6.39 45.28
C THR D 276 -54.49 5.49 44.68
N GLY D 277 -55.25 6.01 43.74
CA GLY D 277 -56.28 5.22 43.09
C GLY D 277 -55.79 3.91 42.48
N LEU D 278 -54.82 3.99 41.57
CA LEU D 278 -54.38 2.81 40.84
C LEU D 278 -53.41 1.93 41.62
N LEU D 279 -52.38 2.54 42.20
CA LEU D 279 -51.29 1.78 42.81
C LEU D 279 -51.62 1.32 44.22
N ARG D 280 -52.10 2.27 45.03
CA ARG D 280 -52.34 2.01 46.43
C ARG D 280 -53.59 1.14 46.65
N GLN D 281 -54.67 1.47 45.95
CA GLN D 281 -55.92 0.77 46.15
C GLN D 281 -56.10 -0.42 45.23
N GLU D 282 -56.35 -0.14 43.96
CA GLU D 282 -56.71 -1.14 42.97
CA GLU D 282 -56.77 -1.17 43.04
C GLU D 282 -55.66 -2.21 42.73
N MET D 283 -54.42 -1.91 43.06
CA MET D 283 -53.33 -2.89 42.87
C MET D 283 -52.89 -3.50 44.19
N GLY D 284 -53.21 -2.83 45.29
CA GLY D 284 -52.93 -3.37 46.60
C GLY D 284 -51.59 -3.02 47.20
N PHE D 285 -50.85 -2.09 46.60
CA PHE D 285 -49.52 -1.78 47.08
C PHE D 285 -49.55 -1.01 48.40
N ASN D 286 -49.06 -1.65 49.45
CA ASN D 286 -48.98 -0.98 50.75
C ASN D 286 -47.55 -0.71 51.22
N GLY D 287 -46.59 -0.85 50.29
CA GLY D 287 -45.22 -0.50 50.55
C GLY D 287 -44.99 0.99 50.39
N VAL D 288 -43.72 1.39 50.39
CA VAL D 288 -43.36 2.79 50.19
C VAL D 288 -43.40 3.16 48.71
N ILE D 289 -44.13 4.22 48.38
CA ILE D 289 -44.13 4.76 47.03
C ILE D 289 -43.11 5.88 46.95
N VAL D 290 -42.26 5.84 45.94
CA VAL D 290 -41.26 6.87 45.78
C VAL D 290 -41.15 7.32 44.32
N THR D 291 -40.83 8.60 44.12
CA THR D 291 -40.91 9.21 42.81
C THR D 291 -39.56 9.45 42.18
N ASN D 292 -39.55 9.60 40.86
CA ASN D 292 -38.36 10.08 40.17
C ASN D 292 -38.00 11.43 40.74
N ALA D 293 -36.78 11.88 40.45
CA ALA D 293 -36.33 13.18 40.90
C ALA D 293 -37.42 14.24 40.63
N LEU D 294 -37.95 14.82 41.71
CA LEU D 294 -38.97 15.86 41.59
C LEU D 294 -38.36 17.16 41.07
N ASN D 295 -37.04 17.28 41.09
CA ASN D 295 -36.36 18.47 40.61
C ASN D 295 -35.90 18.35 39.15
N MET D 296 -36.35 17.30 38.48
CA MET D 296 -36.15 17.16 37.03
C MET D 296 -36.72 18.40 36.33
N LYS D 297 -35.95 18.98 35.40
CA LYS D 297 -36.28 20.28 34.84
C LYS D 297 -37.75 20.43 34.46
N ALA D 298 -38.22 19.58 33.55
CA ALA D 298 -39.61 19.65 33.10
C ALA D 298 -40.59 19.81 34.29
N ILE D 299 -40.45 18.96 35.30
CA ILE D 299 -41.30 19.03 36.48
C ILE D 299 -41.15 20.33 37.26
N ALA D 300 -39.92 20.66 37.61
CA ALA D 300 -39.65 21.90 38.34
C ALA D 300 -40.26 23.10 37.60
N ASP D 301 -40.00 23.19 36.30
CA ASP D 301 -40.43 24.33 35.51
C ASP D 301 -41.93 24.45 35.31
N HIS D 302 -42.59 23.32 35.04
CA HIS D 302 -44.01 23.35 34.69
C HIS D 302 -44.96 23.36 35.89
N PHE D 303 -44.50 22.86 37.03
CA PHE D 303 -45.36 22.77 38.21
C PHE D 303 -44.83 23.57 39.41
N GLY D 304 -43.56 23.98 39.32
CA GLY D 304 -42.90 24.62 40.45
C GLY D 304 -42.32 23.60 41.42
N GLN D 305 -41.16 23.90 41.98
CA GLN D 305 -40.51 22.95 42.89
C GLN D 305 -41.34 22.67 44.14
N GLU D 306 -41.56 23.69 44.96
CA GLU D 306 -42.32 23.53 46.20
C GLU D 306 -43.70 22.96 45.89
N GLU D 307 -44.32 23.47 44.84
CA GLU D 307 -45.67 23.03 44.44
C GLU D 307 -45.70 21.54 44.07
N ALA D 308 -44.69 21.08 43.34
CA ALA D 308 -44.64 19.71 42.85
C ALA D 308 -44.52 18.68 43.98
N VAL D 309 -43.61 18.92 44.91
CA VAL D 309 -43.45 18.03 46.05
C VAL D 309 -44.76 17.91 46.81
N VAL D 310 -45.48 19.03 46.92
CA VAL D 310 -46.75 19.02 47.62
C VAL D 310 -47.77 18.21 46.85
N MET D 311 -47.90 18.48 45.56
CA MET D 311 -48.80 17.73 44.70
C MET D 311 -48.55 16.24 44.81
N ALA D 312 -47.27 15.86 44.83
CA ALA D 312 -46.88 14.44 44.90
C ALA D 312 -47.33 13.79 46.21
N VAL D 313 -47.06 14.45 47.34
CA VAL D 313 -47.50 13.97 48.65
C VAL D 313 -49.03 13.96 48.73
N LYS D 314 -49.66 15.01 48.24
CA LYS D 314 -51.11 15.05 48.14
C LYS D 314 -51.59 13.84 47.33
N ALA D 315 -50.86 13.50 46.28
CA ALA D 315 -51.26 12.43 45.37
C ALA D 315 -51.05 11.05 45.97
N GLY D 316 -50.21 10.96 47.00
CA GLY D 316 -50.04 9.71 47.70
C GLY D 316 -48.63 9.17 47.89
N VAL D 317 -47.63 9.75 47.21
CA VAL D 317 -46.27 9.24 47.36
C VAL D 317 -45.85 9.34 48.82
N ASP D 318 -44.99 8.42 49.26
CA ASP D 318 -44.51 8.38 50.64
C ASP D 318 -43.17 9.08 50.78
N ILE D 319 -42.35 8.99 49.73
CA ILE D 319 -41.04 9.62 49.73
C ILE D 319 -40.86 10.52 48.52
N ALA D 320 -40.72 11.82 48.77
CA ALA D 320 -40.44 12.75 47.68
C ALA D 320 -38.93 12.74 47.45
N LEU D 321 -38.54 12.22 46.29
CA LEU D 321 -37.13 12.09 45.96
C LEU D 321 -36.57 13.37 45.39
N MET D 322 -35.46 13.83 45.94
CA MET D 322 -34.81 15.04 45.46
C MET D 322 -35.84 16.17 45.29
N PRO D 323 -36.23 16.81 46.41
CA PRO D 323 -37.27 17.84 46.41
C PRO D 323 -36.75 19.17 45.88
N ALA D 324 -35.44 19.35 45.87
CA ALA D 324 -34.84 20.57 45.33
C ALA D 324 -33.37 20.35 45.00
N SER D 325 -32.78 21.31 44.31
CA SER D 325 -31.37 21.21 43.95
C SER D 325 -30.54 22.09 44.88
N VAL D 326 -30.04 21.51 45.97
CA VAL D 326 -29.25 22.25 46.94
C VAL D 326 -27.79 21.82 46.93
N THR D 327 -26.95 22.60 46.26
CA THR D 327 -25.52 22.28 46.11
C THR D 327 -24.62 22.97 47.14
N SER D 328 -25.10 24.07 47.70
CA SER D 328 -24.32 24.84 48.68
C SER D 328 -25.15 25.16 49.91
N LEU D 329 -24.53 25.81 50.89
CA LEU D 329 -25.28 26.29 52.04
C LEU D 329 -26.08 27.54 51.69
N LYS D 330 -25.63 28.23 50.65
CA LYS D 330 -26.35 29.39 50.12
C LYS D 330 -27.75 29.00 49.68
N GLU D 331 -27.92 27.75 49.25
CA GLU D 331 -29.20 27.25 48.75
C GLU D 331 -29.99 26.47 49.79
N GLU D 332 -29.45 26.37 51.00
CA GLU D 332 -30.05 25.52 52.03
C GLU D 332 -31.51 25.87 52.39
N GLN D 333 -31.91 27.12 52.17
CA GLN D 333 -33.26 27.53 52.51
C GLN D 333 -34.29 26.92 51.57
N LYS D 334 -33.83 26.18 50.57
CA LYS D 334 -34.75 25.47 49.69
C LYS D 334 -35.49 24.37 50.44
N PHE D 335 -34.74 23.60 51.22
CA PHE D 335 -35.29 22.51 52.01
C PHE D 335 -36.28 23.04 53.03
N ALA D 336 -36.01 24.23 53.56
CA ALA D 336 -36.93 24.87 54.50
C ALA D 336 -38.28 25.11 53.82
N ARG D 337 -38.25 25.82 52.69
CA ARG D 337 -39.46 26.12 51.94
C ARG D 337 -40.28 24.88 51.59
N VAL D 338 -39.62 23.84 51.08
CA VAL D 338 -40.32 22.61 50.73
C VAL D 338 -41.08 22.02 51.92
N ILE D 339 -40.39 21.89 53.05
CA ILE D 339 -41.06 21.44 54.28
C ILE D 339 -42.19 22.39 54.68
N GLN D 340 -41.98 23.69 54.46
CA GLN D 340 -42.95 24.70 54.86
C GLN D 340 -44.24 24.60 54.04
N ALA D 341 -44.08 24.37 52.74
CA ALA D 341 -45.21 24.14 51.85
C ALA D 341 -46.07 22.99 52.38
N LEU D 342 -45.40 21.91 52.78
CA LEU D 342 -46.09 20.75 53.33
C LEU D 342 -46.75 21.10 54.66
N LYS D 343 -45.98 21.60 55.62
CA LYS D 343 -46.54 22.00 56.91
C LYS D 343 -47.83 22.78 56.72
N GLU D 344 -47.82 23.66 55.72
CA GLU D 344 -48.97 24.52 55.45
C GLU D 344 -50.15 23.76 54.84
N ALA D 345 -49.87 22.98 53.79
CA ALA D 345 -50.91 22.22 53.13
C ALA D 345 -51.59 21.23 54.10
N VAL D 346 -50.89 20.86 55.16
CA VAL D 346 -51.45 19.97 56.17
C VAL D 346 -52.32 20.74 57.16
N LYS D 347 -51.80 21.88 57.64
CA LYS D 347 -52.56 22.76 58.52
C LYS D 347 -53.90 23.11 57.88
N ASN D 348 -53.89 23.25 56.56
CA ASN D 348 -55.09 23.59 55.78
C ASN D 348 -56.07 22.43 55.59
N GLY D 349 -55.60 21.20 55.80
CA GLY D 349 -56.42 20.03 55.55
C GLY D 349 -56.42 19.60 54.10
N ASP D 350 -55.54 20.21 53.30
CA ASP D 350 -55.30 19.71 51.95
C ASP D 350 -54.71 18.32 52.02
N ILE D 351 -53.87 18.12 53.03
CA ILE D 351 -53.28 16.82 53.29
C ILE D 351 -53.59 16.39 54.72
N PRO D 352 -54.53 15.45 54.89
CA PRO D 352 -54.92 14.97 56.22
C PRO D 352 -53.68 14.53 57.02
N GLU D 353 -53.66 14.84 58.31
CA GLU D 353 -52.53 14.43 59.14
C GLU D 353 -52.37 12.92 59.14
N GLN D 354 -53.50 12.21 59.05
CA GLN D 354 -53.47 10.77 59.06
C GLN D 354 -52.77 10.22 57.83
N GLN D 355 -52.90 10.92 56.70
CA GLN D 355 -52.22 10.50 55.49
C GLN D 355 -50.70 10.59 55.67
N ILE D 356 -50.23 11.64 56.33
CA ILE D 356 -48.81 11.76 56.64
C ILE D 356 -48.36 10.67 57.60
N ASN D 357 -49.18 10.40 58.62
CA ASN D 357 -48.84 9.39 59.62
C ASN D 357 -48.73 8.01 58.98
N ASN D 358 -49.61 7.70 58.04
CA ASN D 358 -49.51 6.47 57.28
C ASN D 358 -48.18 6.38 56.53
N SER D 359 -47.95 7.31 55.62
CA SER D 359 -46.72 7.34 54.85
C SER D 359 -45.51 7.10 55.73
N VAL D 360 -45.31 7.96 56.72
CA VAL D 360 -44.17 7.83 57.61
C VAL D 360 -44.11 6.47 58.30
N GLU D 361 -45.27 5.96 58.69
CA GLU D 361 -45.33 4.67 59.33
C GLU D 361 -44.94 3.55 58.35
N ARG D 362 -45.02 3.84 57.05
CA ARG D 362 -44.62 2.89 56.01
C ARG D 362 -43.11 2.87 55.79
N ILE D 363 -42.51 4.05 55.88
CA ILE D 363 -41.07 4.20 55.87
C ILE D 363 -40.47 3.54 57.10
N ILE D 364 -40.92 3.93 58.28
CA ILE D 364 -40.42 3.37 59.54
C ILE D 364 -40.65 1.86 59.60
N SER D 365 -41.66 1.39 58.88
CA SER D 365 -41.95 -0.04 58.85
C SER D 365 -40.95 -0.75 57.95
N LEU D 366 -40.63 -0.12 56.81
CA LEU D 366 -39.62 -0.64 55.89
C LEU D 366 -38.23 -0.67 56.52
N LYS D 367 -37.86 0.42 57.19
CA LYS D 367 -36.57 0.49 57.90
C LYS D 367 -36.44 -0.60 58.95
N ILE D 368 -37.54 -0.89 59.65
CA ILE D 368 -37.53 -1.97 60.64
C ILE D 368 -37.44 -3.33 59.96
N LYS D 369 -38.12 -3.48 58.83
CA LYS D 369 -38.23 -4.75 58.13
C LYS D 369 -36.92 -5.21 57.46
N ARG D 370 -36.10 -4.25 57.06
CA ARG D 370 -34.83 -4.56 56.41
C ARG D 370 -33.65 -4.31 57.36
N GLY D 371 -33.93 -4.37 58.66
CA GLY D 371 -32.91 -4.24 59.67
C GLY D 371 -32.07 -2.96 59.66
N MET D 372 -32.62 -1.87 59.14
CA MET D 372 -31.91 -0.60 59.20
C MET D 372 -32.16 0.03 60.57
N TYR D 373 -33.25 -0.41 61.20
CA TYR D 373 -33.75 0.20 62.42
C TYR D 373 -34.25 -0.87 63.40
N PRO D 374 -33.59 -0.97 64.57
CA PRO D 374 -32.43 -0.17 64.96
C PRO D 374 -31.22 -0.49 64.11
N ALA D 375 -30.20 0.36 64.12
CA ALA D 375 -28.97 0.13 63.37
C ALA D 375 -28.31 -1.18 63.79
N ARG D 376 -28.21 -2.12 62.86
CA ARG D 376 -27.78 -3.48 63.22
C ARG D 376 -26.27 -3.68 63.35
N ASN D 377 -25.48 -2.72 62.88
CA ASN D 377 -24.03 -2.88 62.91
C ASN D 377 -23.35 -2.23 64.11
N SER D 378 -22.12 -2.63 64.37
CA SER D 378 -21.35 -2.08 65.48
C SER D 378 -19.87 -2.36 65.28
N ASP D 379 -19.34 -1.93 64.14
CA ASP D 379 -17.93 -2.09 63.82
C ASP D 379 -17.32 -0.74 63.50
N SER D 380 -16.06 -0.55 63.90
CA SER D 380 -15.32 0.65 63.53
C SER D 380 -15.38 0.84 62.01
N THR D 381 -15.54 2.08 61.56
CA THR D 381 -15.54 2.35 60.13
C THR D 381 -14.35 1.68 59.45
N LYS D 382 -13.22 1.62 60.16
CA LYS D 382 -12.03 0.96 59.65
C LYS D 382 -12.28 -0.53 59.40
N GLU D 383 -12.94 -1.18 60.35
CA GLU D 383 -13.25 -2.60 60.22
C GLU D 383 -14.24 -2.84 59.09
N LYS D 384 -15.27 -1.99 59.00
CA LYS D 384 -16.24 -2.10 57.92
C LYS D 384 -15.54 -2.10 56.57
N ILE D 385 -14.57 -1.18 56.43
CA ILE D 385 -13.78 -1.03 55.22
C ILE D 385 -13.01 -2.32 54.91
N ALA D 386 -12.31 -2.86 55.90
CA ALA D 386 -11.61 -4.11 55.72
C ALA D 386 -12.53 -5.22 55.20
N LYS D 387 -13.63 -5.46 55.91
CA LYS D 387 -14.62 -6.45 55.52
C LYS D 387 -15.12 -6.19 54.10
N ALA D 388 -15.39 -4.93 53.80
CA ALA D 388 -15.91 -4.55 52.50
C ALA D 388 -14.95 -4.86 51.35
N LYS D 389 -13.65 -4.63 51.55
CA LYS D 389 -12.66 -4.85 50.48
C LYS D 389 -12.52 -6.32 50.07
N LYS D 390 -12.77 -7.23 51.01
CA LYS D 390 -12.76 -8.65 50.73
C LYS D 390 -14.11 -9.15 50.19
N ILE D 391 -15.07 -8.24 50.04
CA ILE D 391 -16.40 -8.62 49.57
C ILE D 391 -16.78 -7.95 48.26
N VAL D 392 -16.66 -6.62 48.21
CA VAL D 392 -17.00 -5.85 47.01
C VAL D 392 -15.93 -5.98 45.93
N GLY D 393 -16.30 -6.61 44.81
CA GLY D 393 -15.40 -6.82 43.70
C GLY D 393 -14.57 -8.07 43.87
N SER D 394 -14.93 -8.90 44.84
CA SER D 394 -14.18 -10.10 45.21
C SER D 394 -14.14 -11.15 44.09
N LYS D 395 -13.07 -11.96 44.11
CA LYS D 395 -12.85 -12.99 43.10
C LYS D 395 -14.05 -13.94 42.96
N GLN D 396 -14.67 -14.27 44.09
CA GLN D 396 -15.86 -15.13 44.08
C GLN D 396 -16.98 -14.51 43.25
N HIS D 397 -17.29 -13.24 43.54
CA HIS D 397 -18.31 -12.50 42.82
C HIS D 397 -17.96 -12.44 41.34
N LEU D 398 -16.71 -12.11 41.05
CA LEU D 398 -16.25 -12.01 39.68
C LEU D 398 -16.43 -13.31 38.90
N LYS D 399 -16.26 -14.44 39.58
CA LYS D 399 -16.45 -15.72 38.92
C LYS D 399 -17.91 -15.87 38.51
N ALA D 400 -18.81 -15.61 39.45
CA ALA D 400 -20.24 -15.66 39.20
C ALA D 400 -20.65 -14.72 38.08
N GLU D 401 -20.11 -13.51 38.10
CA GLU D 401 -20.33 -12.55 37.03
C GLU D 401 -19.94 -13.18 35.71
N LYS D 402 -18.82 -13.90 35.73
CA LYS D 402 -18.29 -14.51 34.53
C LYS D 402 -19.20 -15.63 34.03
N LYS D 403 -19.53 -16.57 34.92
CA LYS D 403 -20.38 -17.69 34.54
C LYS D 403 -21.75 -17.22 34.01
N LEU D 404 -22.27 -16.15 34.61
CA LEU D 404 -23.56 -15.60 34.21
C LEU D 404 -23.52 -14.97 32.83
N ALA D 405 -22.51 -14.14 32.59
CA ALA D 405 -22.35 -13.46 31.31
C ALA D 405 -22.16 -14.47 30.19
N GLU D 406 -21.41 -15.51 30.49
CA GLU D 406 -21.10 -16.56 29.53
C GLU D 406 -22.30 -17.47 29.28
N LYS D 407 -23.11 -17.70 30.30
CA LYS D 407 -24.32 -18.47 30.11
C LYS D 407 -25.31 -17.74 29.22
N ALA D 408 -25.29 -16.41 29.28
CA ALA D 408 -26.27 -15.57 28.56
C ALA D 408 -25.97 -15.35 27.08
N VAL D 409 -24.72 -15.57 26.68
CA VAL D 409 -24.36 -15.43 25.26
C VAL D 409 -25.33 -16.26 24.41
N THR D 410 -25.83 -15.65 23.34
CA THR D 410 -26.88 -16.27 22.53
C THR D 410 -26.42 -16.50 21.10
N VAL D 411 -26.28 -17.76 20.71
CA VAL D 411 -25.81 -18.08 19.38
C VAL D 411 -26.98 -18.14 18.40
N LEU D 412 -26.93 -17.30 17.37
CA LEU D 412 -28.03 -17.23 16.39
C LEU D 412 -27.70 -17.92 15.07
N LYS D 413 -26.42 -17.96 14.70
CA LYS D 413 -25.94 -18.67 13.51
C LYS D 413 -24.58 -19.29 13.76
N ASN D 414 -24.36 -20.45 13.15
CA ASN D 414 -23.04 -21.05 13.18
C ASN D 414 -22.92 -22.07 12.07
N GLU D 415 -22.91 -21.58 10.83
CA GLU D 415 -22.86 -22.44 9.65
C GLU D 415 -21.50 -23.14 9.57
N GLN D 416 -21.55 -24.46 9.35
CA GLN D 416 -20.36 -25.29 9.15
C GLN D 416 -19.23 -25.09 10.19
N HIS D 417 -19.62 -24.92 11.45
CA HIS D 417 -18.66 -24.88 12.56
C HIS D 417 -17.68 -23.72 12.50
N THR D 418 -18.09 -22.62 11.87
CA THR D 418 -17.29 -21.42 11.85
C THR D 418 -16.73 -21.20 13.24
N LEU D 419 -17.63 -21.19 14.23
CA LEU D 419 -17.24 -21.17 15.63
C LEU D 419 -17.15 -22.61 16.13
N PRO D 420 -16.23 -22.89 17.07
CA PRO D 420 -15.32 -21.86 17.58
C PRO D 420 -14.18 -21.67 16.60
N PHE D 421 -13.58 -20.48 16.62
CA PHE D 421 -12.33 -20.26 15.90
C PHE D 421 -11.25 -21.13 16.53
N LYS D 422 -10.47 -21.79 15.69
CA LYS D 422 -9.30 -22.54 16.16
C LYS D 422 -8.10 -22.11 15.35
N PRO D 423 -7.40 -21.06 15.84
CA PRO D 423 -6.35 -20.35 15.10
C PRO D 423 -5.01 -21.08 15.17
N LYS D 424 -4.30 -21.16 14.04
CA LYS D 424 -2.93 -21.68 14.04
C LYS D 424 -2.03 -20.65 14.70
N LYS D 425 -0.93 -21.10 15.28
CA LYS D 425 0.08 -20.15 15.73
C LYS D 425 0.38 -19.22 14.57
N GLY D 426 0.55 -17.93 14.87
CA GLY D 426 0.88 -16.95 13.85
C GLY D 426 -0.29 -16.23 13.20
N SER D 427 -1.46 -16.85 13.26
CA SER D 427 -2.68 -16.26 12.72
C SER D 427 -2.90 -14.82 13.21
N ARG D 428 -3.35 -13.97 12.29
CA ARG D 428 -3.73 -12.59 12.60
C ARG D 428 -5.24 -12.45 12.81
N ILE D 429 -5.65 -11.96 13.98
CA ILE D 429 -7.06 -11.68 14.26
C ILE D 429 -7.34 -10.18 14.14
N LEU D 430 -8.25 -9.82 13.25
CA LEU D 430 -8.69 -8.42 13.14
C LEU D 430 -9.92 -8.14 14.01
N ILE D 431 -9.75 -7.25 14.99
CA ILE D 431 -10.83 -6.86 15.92
C ILE D 431 -11.47 -5.53 15.53
N VAL D 432 -12.78 -5.55 15.30
CA VAL D 432 -13.49 -4.39 14.76
C VAL D 432 -14.73 -4.03 15.57
N ALA D 433 -14.63 -2.97 16.36
CA ALA D 433 -15.78 -2.50 17.14
C ALA D 433 -15.96 -0.99 16.93
N PRO D 434 -17.08 -0.45 17.42
CA PRO D 434 -17.35 0.99 17.26
C PRO D 434 -16.40 1.86 18.06
N TYR D 435 -16.07 1.49 19.30
CA TYR D 435 -15.21 2.33 20.14
C TYR D 435 -13.92 1.66 20.63
N GLU D 436 -12.94 2.47 21.01
CA GLU D 436 -11.65 1.94 21.44
C GLU D 436 -11.75 1.07 22.69
N GLU D 437 -12.65 1.42 23.61
CA GLU D 437 -12.76 0.64 24.83
C GLU D 437 -13.36 -0.74 24.56
N GLN D 438 -14.01 -0.88 23.41
CA GLN D 438 -14.61 -2.15 23.02
C GLN D 438 -13.62 -3.06 22.30
N THR D 439 -12.91 -2.51 21.31
CA THR D 439 -11.84 -3.26 20.65
C THR D 439 -10.75 -3.62 21.65
N ALA D 440 -10.61 -2.81 22.69
CA ALA D 440 -9.64 -3.07 23.77
C ALA D 440 -10.04 -4.28 24.60
N SER D 441 -11.33 -4.35 24.94
CA SER D 441 -11.83 -5.43 25.77
C SER D 441 -11.64 -6.75 25.04
N ILE D 442 -12.06 -6.81 23.79
CA ILE D 442 -11.90 -8.01 22.97
C ILE D 442 -10.42 -8.43 22.88
N GLU D 443 -9.56 -7.45 22.56
CA GLU D 443 -8.11 -7.66 22.53
C GLU D 443 -7.53 -8.19 23.85
N GLN D 444 -7.84 -7.51 24.96
CA GLN D 444 -7.42 -7.94 26.30
C GLN D 444 -7.84 -9.37 26.64
N THR D 445 -8.95 -9.80 26.08
CA THR D 445 -9.52 -11.11 26.36
C THR D 445 -8.80 -12.17 25.53
N ILE D 446 -8.64 -11.91 24.23
CA ILE D 446 -7.88 -12.83 23.38
C ILE D 446 -6.47 -12.93 23.92
N HIS D 447 -6.06 -11.88 24.62
CA HIS D 447 -4.70 -11.80 25.14
C HIS D 447 -4.51 -12.72 26.33
N ASP D 448 -5.47 -12.70 27.26
CA ASP D 448 -5.44 -13.61 28.39
C ASP D 448 -5.39 -15.05 27.89
N LEU D 449 -6.28 -15.38 26.96
CA LEU D 449 -6.32 -16.72 26.37
C LEU D 449 -4.96 -17.18 25.92
N ILE D 450 -4.17 -16.27 25.34
CA ILE D 450 -2.81 -16.59 24.92
C ILE D 450 -1.90 -16.85 26.11
N LYS D 451 -1.80 -15.86 27.01
CA LYS D 451 -0.98 -16.01 28.22
C LYS D 451 -1.34 -17.26 29.02
N ARG D 452 -2.59 -17.69 28.92
CA ARG D 452 -3.03 -18.91 29.62
C ARG D 452 -2.89 -20.17 28.76
N LYS D 453 -2.32 -20.03 27.57
CA LYS D 453 -2.06 -21.17 26.70
C LYS D 453 -3.32 -21.97 26.37
N LYS D 454 -4.45 -21.27 26.25
CA LYS D 454 -5.69 -21.91 25.85
C LYS D 454 -5.87 -21.82 24.33
N ILE D 455 -5.07 -20.94 23.71
CA ILE D 455 -5.00 -20.83 22.26
C ILE D 455 -3.58 -20.54 21.81
N LYS D 456 -3.26 -20.92 20.59
CA LYS D 456 -1.94 -20.66 20.03
C LYS D 456 -1.72 -19.14 19.97
N PRO D 457 -0.45 -18.71 20.01
CA PRO D 457 -0.19 -17.27 19.96
C PRO D 457 -0.58 -16.69 18.59
N VAL D 458 -1.45 -15.70 18.60
CA VAL D 458 -1.86 -15.01 17.38
C VAL D 458 -1.56 -13.53 17.52
N SER D 459 -1.66 -12.82 16.41
CA SER D 459 -1.36 -11.39 16.37
C SER D 459 -2.64 -10.58 16.14
N LEU D 460 -2.80 -9.48 16.89
CA LEU D 460 -4.05 -8.71 16.84
C LEU D 460 -3.87 -7.26 16.38
N SER D 461 -4.75 -6.82 15.48
CA SER D 461 -4.86 -5.40 15.18
C SER D 461 -6.30 -4.92 15.42
N LYS D 462 -6.49 -3.62 15.58
CA LYS D 462 -7.81 -3.09 15.90
C LYS D 462 -8.33 -2.09 14.87
N MET D 463 -9.65 -2.03 14.74
CA MET D 463 -10.31 -1.11 13.83
C MET D 463 -11.55 -0.57 14.52
N ASN D 464 -11.57 0.74 14.77
CA ASN D 464 -12.69 1.38 15.47
C ASN D 464 -13.51 2.25 14.51
N PHE D 465 -14.77 1.91 14.32
CA PHE D 465 -15.51 2.46 13.17
C PHE D 465 -16.62 3.45 13.46
N ALA D 466 -16.85 3.83 14.72
CA ALA D 466 -17.95 4.77 15.01
C ALA D 466 -17.78 6.06 14.23
N SER D 467 -18.77 6.38 13.41
CA SER D 467 -18.75 7.59 12.58
C SER D 467 -17.91 7.44 11.32
N GLN D 468 -17.32 6.26 11.14
CA GLN D 468 -16.44 6.01 10.01
C GLN D 468 -17.20 5.50 8.78
N VAL D 469 -16.56 5.51 7.61
CA VAL D 469 -17.08 4.76 6.47
C VAL D 469 -16.04 3.78 5.96
N PHE D 470 -16.53 2.61 5.57
CA PHE D 470 -15.66 1.57 5.06
C PHE D 470 -15.04 2.01 3.73
N LYS D 471 -13.74 2.29 3.76
CA LYS D 471 -13.00 2.66 2.55
C LYS D 471 -11.95 1.57 2.23
N THR D 472 -11.33 1.67 1.05
CA THR D 472 -10.31 0.72 0.62
C THR D 472 -9.33 0.36 1.72
N GLU D 473 -8.82 1.35 2.44
CA GLU D 473 -7.87 1.10 3.52
C GLU D 473 -8.34 -0.05 4.39
N HIS D 474 -9.60 0.02 4.79
CA HIS D 474 -10.18 -0.94 5.71
C HIS D 474 -10.29 -2.33 5.10
N GLU D 475 -10.54 -2.38 3.79
CA GLU D 475 -10.64 -3.66 3.09
C GLU D 475 -9.28 -4.38 2.94
N LYS D 476 -8.22 -3.62 2.67
CA LYS D 476 -6.88 -4.21 2.64
C LYS D 476 -6.55 -4.82 4.00
N GLN D 477 -7.03 -4.17 5.06
CA GLN D 477 -6.79 -4.61 6.42
C GLN D 477 -7.58 -5.89 6.75
N VAL D 478 -8.61 -6.17 5.96
CA VAL D 478 -9.42 -7.37 6.15
C VAL D 478 -8.83 -8.56 5.38
N LYS D 479 -8.26 -8.30 4.20
CA LYS D 479 -7.47 -9.32 3.51
C LYS D 479 -6.34 -9.82 4.40
N GLU D 480 -5.53 -8.89 4.91
CA GLU D 480 -4.45 -9.21 5.83
C GLU D 480 -4.89 -10.18 6.93
N ALA D 481 -6.09 -9.97 7.47
CA ALA D 481 -6.56 -10.76 8.59
C ALA D 481 -6.76 -12.24 8.24
N ASP D 482 -6.65 -13.08 9.26
CA ASP D 482 -6.95 -14.50 9.13
C ASP D 482 -8.27 -14.80 9.82
N TYR D 483 -8.53 -14.10 10.92
CA TYR D 483 -9.79 -14.20 11.64
C TYR D 483 -10.35 -12.82 11.92
N ILE D 484 -11.65 -12.65 11.70
CA ILE D 484 -12.30 -11.37 11.95
C ILE D 484 -13.46 -11.44 12.96
N ILE D 485 -13.34 -10.65 14.02
CA ILE D 485 -14.37 -10.53 15.04
C ILE D 485 -14.91 -9.12 14.98
N THR D 486 -16.20 -8.98 14.69
CA THR D 486 -16.82 -7.66 14.56
C THR D 486 -17.99 -7.43 15.54
N GLY D 487 -17.97 -6.29 16.22
CA GLY D 487 -19.05 -5.92 17.11
C GLY D 487 -20.02 -4.93 16.48
N SER D 488 -21.30 -5.28 16.45
CA SER D 488 -22.33 -4.35 15.97
C SER D 488 -22.94 -3.68 17.19
N TYR D 489 -23.29 -2.40 17.02
CA TYR D 489 -23.86 -1.63 18.12
C TYR D 489 -25.02 -0.75 17.66
N VAL D 490 -26.23 -1.14 18.00
CA VAL D 490 -27.39 -0.33 17.66
C VAL D 490 -28.42 -0.27 18.75
N VAL D 491 -29.21 0.79 18.69
CA VAL D 491 -30.33 0.99 19.57
C VAL D 491 -31.62 0.71 18.78
N LYS D 492 -32.03 1.65 17.93
CA LYS D 492 -33.05 1.36 16.93
C LYS D 492 -32.31 0.87 15.70
N ASN D 493 -32.94 -0.06 14.97
CA ASN D 493 -32.29 -0.56 13.76
C ASN D 493 -32.78 0.16 12.50
N ASP D 494 -31.97 1.09 12.01
CA ASP D 494 -32.38 1.92 10.87
C ASP D 494 -31.60 1.67 9.56
N PRO D 495 -31.46 0.41 9.15
CA PRO D 495 -30.79 0.10 7.88
C PRO D 495 -31.43 0.83 6.70
N VAL D 496 -30.63 1.41 5.83
CA VAL D 496 -31.18 1.92 4.58
C VAL D 496 -31.61 0.69 3.80
N VAL D 497 -32.86 0.66 3.37
CA VAL D 497 -33.39 -0.55 2.79
C VAL D 497 -34.39 -0.24 1.66
N ASN D 498 -34.50 -1.12 0.69
CA ASN D 498 -35.33 -0.87 -0.49
C ASN D 498 -36.16 -2.09 -0.87
N ASP D 499 -37.35 -2.18 -0.29
CA ASP D 499 -38.23 -3.30 -0.57
C ASP D 499 -37.64 -4.58 -0.02
N GLY D 500 -37.21 -4.55 1.24
CA GLY D 500 -36.61 -5.71 1.88
C GLY D 500 -35.14 -5.95 1.52
N VAL D 501 -34.65 -5.25 0.52
CA VAL D 501 -33.26 -5.40 0.12
C VAL D 501 -32.38 -4.30 0.71
N ILE D 502 -31.57 -4.66 1.71
CA ILE D 502 -30.65 -3.70 2.31
C ILE D 502 -29.77 -3.14 1.21
N ASP D 503 -29.53 -1.84 1.24
CA ASP D 503 -28.74 -1.20 0.20
C ASP D 503 -27.32 -0.91 0.67
N ASP D 504 -26.38 -1.63 0.08
CA ASP D 504 -24.98 -1.54 0.49
C ASP D 504 -24.21 -0.51 -0.33
N THR D 505 -24.79 -0.11 -1.46
CA THR D 505 -24.20 0.90 -2.32
C THR D 505 -24.37 2.28 -1.69
N ILE D 506 -25.06 2.34 -0.56
CA ILE D 506 -25.24 3.61 0.13
C ILE D 506 -24.54 3.63 1.48
N SER D 507 -23.33 4.18 1.49
CA SER D 507 -22.63 4.40 2.74
C SER D 507 -22.27 5.87 2.90
N ASP D 508 -22.51 6.38 4.10
CA ASP D 508 -22.13 7.73 4.50
C ASP D 508 -21.82 7.63 5.97
N SER D 509 -21.15 8.63 6.52
CA SER D 509 -20.77 8.60 7.92
C SER D 509 -21.97 8.42 8.85
N SER D 510 -23.11 8.98 8.48
CA SER D 510 -24.26 9.02 9.39
C SER D 510 -24.88 7.64 9.64
N LYS D 511 -24.68 6.72 8.69
CA LYS D 511 -25.25 5.37 8.77
C LYS D 511 -24.24 4.34 9.29
N TRP D 512 -23.25 4.79 10.05
CA TRP D 512 -22.14 3.93 10.38
C TRP D 512 -22.52 2.68 11.12
N ALA D 513 -23.49 2.76 12.01
CA ALA D 513 -23.82 1.62 12.87
C ALA D 513 -24.57 0.50 12.13
N THR D 514 -24.97 0.77 10.88
CA THR D 514 -25.60 -0.26 10.06
C THR D 514 -24.76 -0.60 8.84
N VAL D 515 -24.33 0.42 8.11
CA VAL D 515 -23.56 0.22 6.89
C VAL D 515 -22.15 -0.35 7.11
N PHE D 516 -21.45 0.13 8.14
CA PHE D 516 -20.03 -0.21 8.32
C PHE D 516 -19.77 -1.70 8.59
N PRO D 517 -20.39 -2.26 9.65
CA PRO D 517 -20.09 -3.64 10.04
C PRO D 517 -20.52 -4.57 8.92
N ARG D 518 -21.58 -4.19 8.23
CA ARG D 518 -22.05 -4.96 7.09
C ARG D 518 -21.06 -4.91 5.92
N ALA D 519 -20.21 -3.89 5.89
CA ALA D 519 -19.17 -3.77 4.88
C ALA D 519 -17.96 -4.64 5.21
N VAL D 520 -17.62 -4.69 6.50
CA VAL D 520 -16.62 -5.62 7.01
C VAL D 520 -17.01 -7.03 6.56
N MET D 521 -18.26 -7.39 6.82
CA MET D 521 -18.78 -8.72 6.53
C MET D 521 -18.66 -9.11 5.06
N LYS D 522 -19.07 -8.23 4.15
CA LYS D 522 -18.91 -8.48 2.72
C LYS D 522 -17.44 -8.63 2.36
N ALA D 523 -16.61 -7.81 3.00
CA ALA D 523 -15.16 -7.84 2.75
C ALA D 523 -14.56 -9.16 3.18
N ALA D 524 -15.02 -9.68 4.32
CA ALA D 524 -14.53 -10.95 4.84
C ALA D 524 -15.02 -12.15 4.03
N LEU D 525 -16.27 -12.12 3.61
CA LEU D 525 -16.78 -13.18 2.75
C LEU D 525 -16.04 -13.15 1.43
N GLN D 526 -15.85 -11.95 0.91
CA GLN D 526 -15.17 -11.75 -0.36
C GLN D 526 -13.84 -12.49 -0.41
N HIS D 527 -13.08 -12.43 0.68
CA HIS D 527 -11.77 -13.06 0.75
C HIS D 527 -11.79 -14.34 1.59
N ASN D 528 -12.97 -14.92 1.71
CA ASN D 528 -13.15 -16.22 2.36
C ASN D 528 -12.60 -16.28 3.78
N LYS D 529 -12.89 -15.25 4.58
CA LYS D 529 -12.41 -15.25 5.95
C LYS D 529 -13.49 -15.67 6.94
N PRO D 530 -13.10 -16.39 8.00
CA PRO D 530 -13.98 -16.57 9.16
C PRO D 530 -14.36 -15.22 9.73
N PHE D 531 -15.67 -15.02 9.86
CA PHE D 531 -16.22 -13.78 10.37
C PHE D 531 -17.41 -14.12 11.27
N VAL D 532 -17.28 -13.80 12.55
CA VAL D 532 -18.40 -13.82 13.47
C VAL D 532 -18.84 -12.38 13.75
N LEU D 533 -20.12 -12.19 13.98
CA LEU D 533 -20.68 -10.87 14.29
C LEU D 533 -21.20 -10.90 15.71
N MET D 534 -20.70 -9.98 16.54
CA MET D 534 -21.08 -9.93 17.95
C MET D 534 -21.88 -8.65 18.26
N SER D 535 -23.21 -8.77 18.34
CA SER D 535 -24.04 -7.59 18.65
C SER D 535 -23.93 -7.20 20.13
N LEU D 536 -23.73 -5.91 20.39
CA LEU D 536 -23.25 -5.44 21.69
C LEU D 536 -24.35 -4.81 22.56
N ARG D 537 -25.45 -4.37 21.93
CA ARG D 537 -26.54 -3.75 22.65
C ARG D 537 -27.86 -4.44 22.34
N ASN D 538 -28.72 -3.80 21.56
CA ASN D 538 -30.00 -4.41 21.18
C ASN D 538 -29.84 -5.40 20.03
N PRO D 539 -30.29 -6.63 20.25
CA PRO D 539 -30.15 -7.76 19.32
C PRO D 539 -30.77 -7.49 17.94
N TYR D 540 -31.37 -6.32 17.75
CA TYR D 540 -32.10 -6.05 16.52
C TYR D 540 -31.19 -6.04 15.32
N ASP D 541 -29.94 -5.65 15.55
CA ASP D 541 -28.97 -5.52 14.48
C ASP D 541 -28.66 -6.88 13.81
N ALA D 542 -28.98 -7.96 14.50
CA ALA D 542 -28.80 -9.31 13.93
C ALA D 542 -29.57 -9.54 12.62
N ALA D 543 -30.56 -8.72 12.33
CA ALA D 543 -31.27 -8.83 11.05
C ALA D 543 -30.44 -8.28 9.91
N ASN D 544 -29.37 -7.58 10.25
CA ASN D 544 -28.50 -6.97 9.24
C ASN D 544 -27.47 -7.92 8.65
N PHE D 545 -27.38 -9.13 9.19
CA PHE D 545 -26.27 -10.02 8.89
C PHE D 545 -26.71 -11.42 8.48
N GLU D 546 -27.74 -11.48 7.64
CA GLU D 546 -28.25 -12.77 7.18
C GLU D 546 -27.26 -13.56 6.34
N GLU D 547 -26.30 -12.86 5.74
CA GLU D 547 -25.29 -13.50 4.89
C GLU D 547 -24.14 -14.07 5.70
N ALA D 548 -23.93 -13.53 6.89
CA ALA D 548 -22.89 -14.01 7.80
C ALA D 548 -23.11 -15.48 8.14
N LYS D 549 -22.08 -16.13 8.67
CA LYS D 549 -22.15 -17.55 8.95
C LYS D 549 -21.98 -17.80 10.45
N ALA D 550 -21.59 -16.76 11.18
CA ALA D 550 -21.48 -16.83 12.63
C ALA D 550 -22.03 -15.55 13.25
N LEU D 551 -22.88 -15.69 14.25
CA LEU D 551 -23.62 -14.55 14.78
C LEU D 551 -24.00 -14.74 16.24
N ILE D 552 -23.64 -13.78 17.09
CA ILE D 552 -23.96 -13.91 18.50
C ILE D 552 -24.37 -12.59 19.13
N ALA D 553 -25.15 -12.67 20.19
CA ALA D 553 -25.56 -11.51 20.96
C ALA D 553 -25.09 -11.65 22.41
N VAL D 554 -24.74 -10.53 23.03
CA VAL D 554 -24.21 -10.54 24.39
C VAL D 554 -24.92 -9.54 25.30
N TYR D 555 -25.68 -8.63 24.67
CA TYR D 555 -26.56 -7.71 25.41
C TYR D 555 -25.85 -6.71 26.35
N GLY D 556 -24.66 -6.24 25.97
CA GLY D 556 -23.88 -5.36 26.84
C GLY D 556 -22.65 -4.83 26.12
N PHE D 557 -22.50 -3.51 26.10
CA PHE D 557 -21.57 -2.90 25.16
C PHE D 557 -20.41 -2.16 25.82
N LYS D 558 -20.42 -2.01 27.14
CA LYS D 558 -19.33 -1.30 27.79
C LYS D 558 -18.04 -2.12 27.69
N GLY D 559 -16.90 -1.44 27.61
CA GLY D 559 -15.64 -2.10 27.35
C GLY D 559 -14.59 -2.00 28.44
N TYR D 560 -13.35 -1.81 28.01
CA TYR D 560 -12.17 -1.87 28.88
C TYR D 560 -11.47 -0.52 28.89
N ALA D 561 -11.22 0.00 30.09
CA ALA D 561 -10.65 1.34 30.22
C ALA D 561 -9.90 1.53 31.53
N ASN D 562 -8.85 2.34 31.47
CA ASN D 562 -8.07 2.66 32.66
C ASN D 562 -7.75 1.43 33.49
N GLY D 563 -7.61 0.29 32.82
CA GLY D 563 -7.17 -0.94 33.47
C GLY D 563 -8.29 -1.80 34.03
N ARG D 564 -9.53 -1.39 33.82
CA ARG D 564 -10.65 -2.15 34.34
C ARG D 564 -11.68 -2.54 33.28
N TYR D 565 -12.25 -3.72 33.46
CA TYR D 565 -13.37 -4.18 32.64
C TYR D 565 -14.66 -3.56 33.17
N LEU D 566 -15.40 -2.90 32.28
CA LEU D 566 -16.62 -2.20 32.68
C LEU D 566 -17.87 -3.06 32.54
N GLN D 567 -17.71 -4.23 31.93
CA GLN D 567 -18.83 -5.13 31.74
C GLN D 567 -18.33 -6.48 31.25
N PRO D 568 -19.02 -7.56 31.64
CA PRO D 568 -18.64 -8.95 31.38
C PRO D 568 -19.01 -9.44 29.96
N ASN D 569 -19.91 -8.73 29.27
CA ASN D 569 -20.54 -9.27 28.07
C ASN D 569 -19.60 -9.51 26.88
N ILE D 570 -18.74 -8.54 26.59
CA ILE D 570 -17.81 -8.63 25.47
C ILE D 570 -16.86 -9.81 25.67
N PRO D 571 -16.17 -9.84 26.82
CA PRO D 571 -15.30 -10.98 27.16
C PRO D 571 -16.02 -12.31 27.02
N ALA D 572 -17.20 -12.44 27.60
CA ALA D 572 -17.96 -13.68 27.52
C ALA D 572 -18.16 -14.08 26.05
N GLY D 573 -18.54 -13.13 25.22
CA GLY D 573 -18.70 -13.41 23.81
C GLY D 573 -17.41 -14.00 23.24
N VAL D 574 -16.30 -13.34 23.53
CA VAL D 574 -15.00 -13.76 23.02
C VAL D 574 -14.66 -15.19 23.47
N MET D 575 -14.83 -15.47 24.75
CA MET D 575 -14.59 -16.82 25.27
C MET D 575 -15.41 -17.88 24.52
N ALA D 576 -16.63 -17.56 24.14
CA ALA D 576 -17.48 -18.55 23.48
C ALA D 576 -17.05 -18.73 22.03
N ILE D 577 -16.48 -17.67 21.47
CA ILE D 577 -15.96 -17.73 20.12
C ILE D 577 -14.72 -18.62 20.03
N PHE D 578 -13.92 -18.64 21.10
CA PHE D 578 -12.70 -19.45 21.12
C PHE D 578 -12.88 -20.78 21.88
N GLY D 579 -14.13 -21.22 21.98
CA GLY D 579 -14.46 -22.51 22.55
C GLY D 579 -14.21 -22.67 24.04
N GLN D 580 -14.09 -21.55 24.76
CA GLN D 580 -13.76 -21.57 26.18
C GLN D 580 -14.96 -21.62 27.13
N ALA D 581 -16.07 -21.01 26.71
CA ALA D 581 -17.28 -20.99 27.53
C ALA D 581 -18.39 -21.75 26.80
N LYS D 582 -19.42 -22.14 27.55
CA LYS D 582 -20.59 -22.80 26.99
C LYS D 582 -21.79 -21.85 26.97
N PRO D 583 -22.07 -21.25 25.80
CA PRO D 583 -23.15 -20.27 25.72
C PRO D 583 -24.50 -20.96 25.78
N LYS D 584 -25.38 -20.48 26.64
CA LYS D 584 -26.69 -21.10 26.84
C LYS D 584 -27.81 -20.21 26.32
N GLY D 585 -27.51 -18.94 26.12
CA GLY D 585 -28.50 -17.92 25.83
C GLY D 585 -29.59 -18.24 24.81
N THR D 586 -30.81 -17.85 25.14
CA THR D 586 -31.89 -17.82 24.15
C THR D 586 -32.51 -16.41 24.13
N LEU D 587 -32.96 -16.01 22.95
CA LEU D 587 -33.52 -14.68 22.72
C LEU D 587 -34.63 -14.29 23.72
N PRO D 588 -34.41 -13.21 24.48
CA PRO D 588 -35.42 -12.71 25.41
C PRO D 588 -36.31 -11.68 24.74
N VAL D 589 -36.14 -11.52 23.44
CA VAL D 589 -36.98 -10.61 22.65
C VAL D 589 -37.14 -11.16 21.24
N ASP D 590 -37.99 -10.50 20.44
CA ASP D 590 -38.21 -10.92 19.06
C ASP D 590 -37.40 -10.04 18.12
N ILE D 591 -36.51 -10.62 17.34
CA ILE D 591 -35.81 -9.88 16.30
C ILE D 591 -36.63 -9.82 15.02
N PRO D 592 -37.14 -8.62 14.69
CA PRO D 592 -37.87 -8.40 13.43
C PRO D 592 -36.98 -8.50 12.18
N SER D 593 -37.53 -9.13 11.13
CA SER D 593 -36.84 -9.27 9.87
C SER D 593 -36.78 -7.93 9.15
N VAL D 594 -35.64 -7.64 8.53
CA VAL D 594 -35.46 -6.42 7.73
C VAL D 594 -35.73 -6.71 6.25
N THR D 595 -35.53 -7.95 5.86
CA THR D 595 -35.59 -8.37 4.46
C THR D 595 -36.96 -8.91 4.10
N LYS D 596 -37.74 -9.23 5.12
CA LYS D 596 -39.13 -9.63 4.93
C LYS D 596 -39.95 -8.93 6.00
N PRO D 597 -40.19 -7.63 5.81
CA PRO D 597 -40.85 -6.75 6.78
C PRO D 597 -42.20 -7.29 7.21
N GLY D 598 -42.46 -7.24 8.52
CA GLY D 598 -43.70 -7.78 9.07
C GLY D 598 -43.48 -9.12 9.74
N ASN D 599 -42.44 -9.83 9.33
CA ASN D 599 -42.17 -11.12 9.93
C ASN D 599 -41.07 -11.04 10.98
N THR D 600 -41.13 -11.95 11.94
CA THR D 600 -40.05 -12.09 12.89
C THR D 600 -38.99 -12.90 12.20
N LEU D 601 -37.73 -12.55 12.42
CA LEU D 601 -36.62 -13.32 11.89
C LEU D 601 -36.19 -14.38 12.91
N TYR D 602 -35.85 -13.91 14.10
CA TYR D 602 -35.52 -14.79 15.21
C TYR D 602 -36.53 -14.58 16.31
N PRO D 603 -37.30 -15.62 16.64
CA PRO D 603 -38.37 -15.48 17.60
C PRO D 603 -37.83 -15.47 19.02
N LEU D 604 -38.71 -15.15 19.98
CA LEU D 604 -38.38 -15.20 21.39
C LEU D 604 -38.07 -16.66 21.78
N GLY D 605 -37.06 -16.86 22.63
CA GLY D 605 -36.69 -18.20 23.04
C GLY D 605 -35.68 -18.92 22.17
N TYR D 606 -35.49 -18.44 20.94
CA TYR D 606 -34.53 -19.03 20.00
C TYR D 606 -33.07 -18.85 20.42
N GLY D 607 -32.27 -19.90 20.24
CA GLY D 607 -30.87 -19.92 20.61
C GLY D 607 -30.26 -21.24 20.18
N LEU D 608 -29.02 -21.22 19.67
CA LEU D 608 -28.39 -22.44 19.15
C LEU D 608 -27.44 -23.11 20.15
N ASN D 609 -27.37 -24.43 20.08
CA ASN D 609 -26.32 -25.16 20.78
C ASN D 609 -25.05 -25.09 19.95
N ILE D 610 -24.07 -24.36 20.46
CA ILE D 610 -22.89 -24.02 19.69
C ILE D 610 -22.18 -25.28 19.19
N LYS D 611 -22.24 -26.36 19.96
CA LYS D 611 -21.62 -27.63 19.57
C LYS D 611 -22.50 -28.45 18.60
N THR D 612 -23.71 -28.80 19.06
CA THR D 612 -24.60 -29.67 18.29
C THR D 612 -25.21 -28.99 17.06
N GLY D 613 -25.37 -27.67 17.13
CA GLY D 613 -25.92 -26.90 16.01
C GLY D 613 -27.44 -26.87 15.99
N ARG D 614 -28.05 -27.72 16.80
CA ARG D 614 -29.50 -27.76 16.90
C ARG D 614 -29.98 -26.74 17.93
N PRO D 615 -31.22 -26.24 17.77
CA PRO D 615 -31.83 -25.26 18.66
C PRO D 615 -31.72 -25.67 20.12
N LEU D 616 -31.19 -24.78 20.95
CA LEU D 616 -30.90 -25.10 22.33
C LEU D 616 -32.13 -25.62 23.07
C1 PEG E . 11.67 -0.23 15.97
O1 PEG E . 11.51 0.34 14.72
C2 PEG E . 10.48 -1.08 16.27
O2 PEG E . 10.63 -1.58 17.55
C3 PEG E . 9.84 -2.64 17.96
C4 PEG E . 8.61 -2.09 18.61
O4 PEG E . 8.39 -0.82 18.11
H11 PEG E . 11.75 0.55 16.71
H12 PEG E . 12.56 -0.83 15.99
HO1 PEG E . 12.37 0.96 14.50
H21 PEG E . 10.44 -1.89 15.56
H22 PEG E . 9.58 -0.49 16.21
H41 PEG E . 7.77 -2.73 18.38
H42 PEG E . 8.76 -2.03 19.67
HO4 PEG E . 7.49 -0.41 18.57
C1 PEG F . 35.95 -3.84 11.18
O1 PEG F . 37.24 -3.89 10.69
C2 PEG F . 35.56 -5.11 11.89
O2 PEG F . 36.23 -5.28 13.10
C3 PEG F . 36.28 -6.54 13.66
C4 PEG F . 37.25 -6.65 14.80
O4 PEG F . 36.69 -6.25 16.00
H11 PEG F . 35.85 -3.01 11.85
H12 PEG F . 35.28 -3.71 10.34
HO1 PEG F . 37.48 -2.97 10.18
H21 PEG F . 34.50 -5.08 12.09
H22 PEG F . 35.77 -5.95 11.25
H31 PEG F . 35.29 -6.83 14.00
H32 PEG F . 36.59 -7.24 12.89
H41 PEG F . 37.54 -7.68 14.91
H42 PEG F . 38.12 -6.06 14.58
HO4 PEG F . 37.42 -6.35 16.79
C1 PEG G . 40.50 -33.23 0.75
O1 PEG G . 40.23 -34.58 0.89
C2 PEG G . 40.54 -32.54 2.07
O2 PEG G . 41.64 -32.90 2.83
C3 PEG G . 41.65 -32.52 4.16
C4 PEG G . 42.52 -33.40 5.00
O4 PEG G . 43.84 -33.17 4.72
H11 PEG G . 41.43 -33.09 0.24
H12 PEG G . 39.70 -32.78 0.15
HO1 PEG G . 40.21 -35.05 -0.08
H21 PEG G . 40.57 -31.47 1.92
H22 PEG G . 39.65 -32.78 2.64
H31 PEG G . 41.98 -31.50 4.25
H32 PEG G . 40.63 -32.59 4.53
H41 PEG G . 42.35 -33.19 6.04
H42 PEG G . 42.28 -34.44 4.81
HO4 PEG G . 44.08 -32.14 4.91
C1 PEG H . 43.19 -2.69 5.86
O1 PEG H . 43.84 -3.76 6.40
C2 PEG H . 43.71 -2.47 4.48
O2 PEG H . 43.58 -3.64 3.78
C3 PEG H . 44.24 -3.78 2.57
C4 PEG H . 44.25 -5.23 2.20
O4 PEG H . 42.96 -5.71 2.12
H11 PEG H . 42.13 -2.88 5.81
H12 PEG H . 43.37 -1.80 6.45
HO1 PEG H . 43.48 -3.94 7.40
H21 PEG H . 43.15 -1.69 3.98
H22 PEG H . 44.75 -2.19 4.52
H31 PEG H . 43.71 -3.22 1.81
H32 PEG H . 45.25 -3.43 2.65
H41 PEG H . 44.74 -5.36 1.26
H42 PEG H . 44.78 -5.79 2.95
HO4 PEG H . 42.97 -6.75 1.85
NA NA I . 48.22 -25.61 30.67
C1 PEG J . 58.74 10.64 -43.66
O1 PEG J . 58.74 10.58 -42.28
C2 PEG J . 57.80 9.65 -44.24
O2 PEG J . 58.17 8.36 -43.93
C3 PEG J . 59.38 7.81 -44.30
C4 PEG J . 59.41 7.49 -45.76
O4 PEG J . 60.07 8.48 -46.44
H11 PEG J . 58.46 11.63 -43.96
H12 PEG J . 59.74 10.42 -44.02
HO1 PEG J . 59.44 11.31 -41.88
H21 PEG J . 56.81 9.84 -43.84
H22 PEG J . 57.76 9.77 -45.31
H31 PEG J . 60.17 8.48 -44.06
H32 PEG J . 59.51 6.89 -43.74
H41 PEG J . 59.93 6.55 -45.90
H42 PEG J . 58.40 7.39 -46.13
HO4 PEG J . 60.11 8.24 -47.49
C1 PEG K . 28.70 24.21 -34.86
O1 PEG K . 27.72 23.25 -34.85
C2 PEG K . 28.50 25.12 -33.70
O2 PEG K . 28.50 24.37 -32.54
C3 PEG K . 27.56 24.62 -31.57
C4 PEG K . 26.99 23.33 -31.07
O4 PEG K . 27.96 22.58 -30.44
H11 PEG K . 29.68 23.74 -34.78
H12 PEG K . 28.64 24.78 -35.78
HO1 PEG K . 27.87 22.58 -35.69
H21 PEG K . 29.31 25.85 -33.66
H22 PEG K . 27.56 25.64 -33.80
H31 PEG K . 28.01 25.16 -30.75
H32 PEG K . 26.77 25.21 -31.99
H41 PEG K . 26.19 23.55 -30.38
H42 PEG K . 26.60 22.77 -31.90
HO4 PEG K . 27.53 21.66 -30.08
C1 PEG L . 23.29 23.37 -40.05
O1 PEG L . 22.22 22.52 -39.85
C2 PEG L . 22.97 24.73 -39.52
O2 PEG L . 23.48 24.96 -38.25
C3 PEG L . 23.95 26.24 -38.00
C4 PEG L . 23.91 26.58 -36.55
O4 PEG L . 24.87 25.88 -35.87
H11 PEG L . 24.16 22.98 -39.56
H12 PEG L . 23.47 23.44 -41.11
HO1 PEG L . 22.45 21.54 -40.26
H21 PEG L . 23.40 25.47 -40.19
H22 PEG L . 21.90 24.87 -39.51
H31 PEG L . 24.96 26.34 -38.36
H32 PEG L . 23.32 26.94 -38.54
H41 PEG L . 24.09 27.64 -36.43
H42 PEG L . 22.93 26.35 -36.15
HO4 PEG L . 24.84 26.14 -34.82
C1 PEG M . 16.98 -1.52 -26.40
O1 PEG M . 15.64 -1.76 -26.14
C2 PEG M . 17.65 -0.93 -25.20
O2 PEG M . 17.79 -1.87 -24.20
C3 PEG M . 18.88 -1.77 -23.35
C4 PEG M . 18.68 -2.61 -22.14
O4 PEG M . 18.73 -3.95 -22.46
H11 PEG M . 17.46 -2.44 -26.68
H12 PEG M . 17.04 -0.82 -27.23
HO1 PEG M . 15.16 -2.18 -27.02
H21 PEG M . 18.62 -0.57 -25.48
H22 PEG M . 17.06 -0.10 -24.84
H31 PEG M . 19.78 -2.09 -23.88
H32 PEG M . 19.01 -0.74 -23.06
H41 PEG M . 19.49 -2.39 -21.43
H42 PEG M . 17.74 -2.37 -21.68
HO4 PEG M . 18.60 -4.54 -21.57
C1 PEG N . 19.83 0.61 -10.58
O1 PEG N . 19.35 1.88 -10.83
C2 PEG N . 21.28 0.53 -10.92
O2 PEG N . 22.00 1.44 -10.16
C3 PEG N . 23.37 1.33 -10.06
C4 PEG N . 23.93 2.63 -9.57
O4 PEG N . 23.49 2.90 -8.29
H11 PEG N . 19.69 0.38 -9.53
H12 PEG N . 19.27 -0.10 -11.17
HO1 PEG N . 19.89 2.60 -10.23
H21 PEG N . 21.64 -0.47 -10.73
H22 PEG N . 21.42 0.75 -11.97
H31 PEG N . 23.63 0.55 -9.38
H32 PEG N . 23.77 1.11 -11.04
H41 PEG N . 25.01 2.56 -9.57
H42 PEG N . 23.63 3.43 -10.24
HO4 PEG N . 22.42 2.97 -8.28
C1 PEG O . 32.60 15.83 -42.10
O1 PEG O . 32.72 16.26 -43.41
C2 PEG O . 33.78 16.25 -41.27
O2 PEG O . 33.67 17.53 -40.76
C3 PEG O . 34.56 17.90 -39.77
C4 PEG O . 34.41 19.34 -39.38
O4 PEG O . 33.22 19.55 -38.70
H11 PEG O . 31.69 16.22 -41.66
H12 PEG O . 32.55 14.75 -42.10
HO1 PEG O . 31.87 15.92 -43.98
H21 PEG O . 33.86 15.58 -40.42
H22 PEG O . 34.68 16.17 -41.86
H31 PEG O . 34.40 17.29 -38.90
H32 PEG O . 35.57 17.75 -40.13
H41 PEG O . 35.23 19.61 -38.73
H42 PEG O . 34.44 19.97 -40.26
HO4 PEG O . 32.40 19.28 -39.34
NA NA P . 13.40 0.70 -53.69
C1 PEG Q . 3.04 25.90 -12.87
O1 PEG Q . 4.24 25.73 -13.54
C2 PEG Q . 2.87 27.33 -12.48
O2 PEG Q . 2.97 28.13 -13.59
C3 PEG Q . 2.70 29.49 -13.52
C4 PEG Q . 3.38 30.21 -14.63
O4 PEG Q . 2.94 29.72 -15.85
H11 PEG Q . 2.23 25.61 -13.52
H12 PEG Q . 3.03 25.28 -11.98
HO1 PEG Q . 4.24 26.35 -14.42
H21 PEG Q . 1.90 27.48 -12.01
H22 PEG Q . 3.64 27.60 -11.77
H31 PEG Q . 1.63 29.64 -13.58
H32 PEG Q . 3.06 29.87 -12.57
H41 PEG Q . 3.16 31.26 -14.57
H42 PEG Q . 4.45 30.06 -14.55
HO4 PEG Q . 3.17 28.66 -15.92
C1 PEG R . -64.85 15.49 5.93
O1 PEG R . -65.71 14.82 6.76
C2 PEG R . -65.51 15.76 4.61
O2 PEG R . -66.63 16.54 4.82
C3 PEG R . -67.47 16.84 3.77
C4 PEG R . -68.12 18.15 4.05
O4 PEG R . -67.12 19.10 4.22
H11 PEG R . -63.96 14.90 5.76
H12 PEG R . -64.57 16.43 6.39
HO1 PEG R . -65.23 14.62 7.71
H21 PEG R . -64.83 16.28 3.96
H22 PEG R . -65.81 14.83 4.15
H31 PEG R . -66.91 16.93 2.85
H32 PEG R . -68.23 16.07 3.67
H41 PEG R . -68.76 18.43 3.24
H42 PEG R . -68.70 18.08 4.96
HO4 PEG R . -66.48 18.80 5.04
C1 PEG S . -38.05 1.57 -7.71
O1 PEG S . -37.47 2.14 -8.83
C2 PEG S . -37.02 0.78 -7.00
O2 PEG S . -35.94 1.58 -6.73
C3 PEG S . -35.25 1.41 -5.54
C4 PEG S . -34.04 2.27 -5.54
O4 PEG S . -34.39 3.60 -5.67
H11 PEG S . -38.41 2.36 -7.06
H12 PEG S . -38.87 0.93 -8.00
HO1 PEG S . -37.10 1.36 -9.48
H21 PEG S . -37.42 0.38 -6.08
H22 PEG S . -36.70 -0.04 -7.63
H31 PEG S . -35.88 1.68 -4.71
H32 PEG S . -34.96 0.38 -5.45
H41 PEG S . -33.50 2.14 -4.61
H42 PEG S . -33.40 1.99 -6.36
HO4 PEG S . -33.50 4.21 -5.67
C1 PEG T . -45.88 9.02 -11.71
O1 PEG T . -47.01 9.29 -12.46
C2 PEG T . -46.14 9.18 -10.25
O2 PEG T . -46.05 7.98 -9.57
C3 PEG T . -45.80 7.99 -8.20
C4 PEG T . -45.52 6.62 -7.65
O4 PEG T . -44.27 6.15 -8.02
H11 PEG T . -45.55 8.01 -11.91
H12 PEG T . -45.10 9.70 -12.00
HO1 PEG T . -47.80 8.61 -12.18
H21 PEG T . -45.43 9.88 -9.82
H22 PEG T . -47.14 9.59 -10.11
H31 PEG T . -44.95 8.63 -8.00
H32 PEG T . -46.67 8.39 -7.70
H41 PEG T . -45.55 6.67 -6.57
H42 PEG T . -46.28 5.94 -7.99
HO4 PEG T . -44.10 5.17 -7.61
C1 PEG U . -24.30 27.92 -11.15
O1 PEG U . -23.21 27.29 -11.70
C2 PEG U . -24.42 27.54 -9.70
O2 PEG U . -23.46 28.17 -8.92
C3 PEG U . -23.83 28.58 -7.65
C4 PEG U . -22.66 29.03 -6.84
O4 PEG U . -22.38 30.37 -7.07
H11 PEG U . -24.20 28.99 -11.24
H12 PEG U . -25.19 27.59 -11.67
HO1 PEG U . -23.13 27.55 -12.74
H21 PEG U . -25.39 27.84 -9.34
H22 PEG U . -24.32 26.48 -9.60
H31 PEG U . -24.55 29.39 -7.72
H32 PEG U . -24.29 27.75 -7.16
H41 PEG U . -22.91 28.91 -5.79
H42 PEG U . -21.81 28.43 -7.07
HO4 PEG U . -21.54 30.67 -6.45
NA NA V . -40.04 23.35 -33.86
C1 PEG W . -36.61 7.23 29.73
O1 PEG W . -35.55 7.94 29.20
C2 PEG W . -36.13 6.13 30.62
O2 PEG W . -35.70 6.62 31.85
C3 PEG W . -36.63 6.85 32.85
C4 PEG W . -35.96 7.12 34.16
O4 PEG W . -35.29 8.32 34.14
H11 PEG W . -37.25 7.90 30.29
H12 PEG W . -37.17 6.79 28.92
HO1 PEG W . -35.92 8.72 28.56
H21 PEG W . -36.93 5.43 30.79
H22 PEG W . -35.31 5.62 30.14
H31 PEG W . -37.25 7.70 32.59
H32 PEG W . -37.25 5.97 32.95
H41 PEG W . -36.71 7.15 34.94
H42 PEG W . -35.27 6.32 34.37
HO4 PEG W . -34.82 8.49 35.10
C1 PEG X . -25.59 -21.84 36.23
O1 PEG X . -26.90 -21.47 36.50
C2 PEG X . -24.70 -20.64 36.07
O2 PEG X . -24.49 -19.99 37.27
C3 PEG X . -23.26 -19.37 37.47
C4 PEG X . -23.30 -18.31 38.54
O4 PEG X . -23.00 -18.82 39.79
H11 PEG X . -25.22 -22.45 37.03
H12 PEG X . -25.58 -22.41 35.31
HO1 PEG X . -27.51 -22.35 36.59
H21 PEG X . -23.75 -20.96 35.67
H22 PEG X . -25.16 -19.96 35.37
H31 PEG X . -22.52 -20.10 37.73
H32 PEG X . -22.99 -18.89 36.55
H41 PEG X . -22.56 -17.56 38.30
H42 PEG X . -24.28 -17.85 38.56
HO4 PEG X . -23.02 -18.01 40.52
C1 PEG Y . -37.64 -20.76 34.23
O1 PEG Y . -36.61 -19.90 33.92
C2 PEG Y . -37.09 -22.11 34.53
O2 PEG Y . -36.09 -21.96 35.48
C3 PEG Y . -35.45 -23.09 35.94
C4 PEG Y . -34.17 -22.67 36.58
O4 PEG Y . -34.45 -21.69 37.52
H11 PEG Y . -38.16 -20.38 35.11
H12 PEG Y . -38.32 -20.83 33.41
HO1 PEG Y . -37.01 -18.92 33.71
H21 PEG Y . -37.86 -22.75 34.92
H22 PEG Y . -36.66 -22.54 33.64
H31 PEG Y . -36.07 -23.58 36.67
H32 PEG Y . -35.24 -23.76 35.12
H41 PEG Y . -33.71 -23.52 37.06
H42 PEG Y . -33.51 -22.27 35.83
HO4 PEG Y . -35.12 -22.09 38.27
C1 PEG Z . -4.65 -25.54 21.69
O1 PEG Z . -4.03 -26.72 21.33
C2 PEG Z . -3.95 -24.91 22.85
O2 PEG Z . -2.64 -24.61 22.53
C3 PEG Z . -1.92 -23.79 23.37
C4 PEG Z . -0.48 -24.19 23.37
O4 PEG Z . 0.04 -24.02 22.11
H11 PEG Z . -4.63 -24.86 20.85
H12 PEG Z . -5.68 -25.74 21.95
HO1 PEG Z . -4.55 -27.16 20.50
H21 PEG Z . -4.46 -23.99 23.13
H22 PEG Z . -3.97 -25.58 23.69
H31 PEG Z . -2.01 -22.76 23.04
H32 PEG Z . -2.31 -23.88 24.38
H41 PEG Z . 0.07 -23.57 24.07
H42 PEG Z . -0.40 -25.23 23.66
HO4 PEG Z . 1.08 -24.31 22.11
NA NA AA . -21.65 1.76 56.79
#